data_1E44
# 
_entry.id   1E44 
# 
_audit_conform.dict_name       mmcif_pdbx.dic 
_audit_conform.dict_version    5.391 
_audit_conform.dict_location   http://mmcif.pdb.org/dictionaries/ascii/mmcif_pdbx.dic 
# 
loop_
_database_2.database_id 
_database_2.database_code 
_database_2.pdbx_database_accession 
_database_2.pdbx_DOI 
PDB   1E44         pdb_00001e44 10.2210/pdb1e44/pdb 
PDBE  EBI-5087     ?            ?                   
WWPDB D_1290005087 ?            ?                   
# 
loop_
_pdbx_audit_revision_history.ordinal 
_pdbx_audit_revision_history.data_content_type 
_pdbx_audit_revision_history.major_revision 
_pdbx_audit_revision_history.minor_revision 
_pdbx_audit_revision_history.revision_date 
1 'Structure model' 1 0 2001-06-28 
2 'Structure model' 1 1 2011-05-08 
3 'Structure model' 1 2 2011-07-13 
4 'Structure model' 1 3 2024-05-08 
# 
_pdbx_audit_revision_details.ordinal             1 
_pdbx_audit_revision_details.revision_ordinal    1 
_pdbx_audit_revision_details.data_content_type   'Structure model' 
_pdbx_audit_revision_details.provider            repository 
_pdbx_audit_revision_details.type                'Initial release' 
_pdbx_audit_revision_details.description         ? 
_pdbx_audit_revision_details.details             ? 
# 
loop_
_pdbx_audit_revision_group.ordinal 
_pdbx_audit_revision_group.revision_ordinal 
_pdbx_audit_revision_group.data_content_type 
_pdbx_audit_revision_group.group 
1 2 'Structure model' 'Version format compliance' 
2 3 'Structure model' 'Version format compliance' 
3 4 'Structure model' 'Data collection'           
4 4 'Structure model' 'Database references'       
5 4 'Structure model' 'Derived calculations'      
6 4 'Structure model' Other                       
# 
loop_
_pdbx_audit_revision_category.ordinal 
_pdbx_audit_revision_category.revision_ordinal 
_pdbx_audit_revision_category.data_content_type 
_pdbx_audit_revision_category.category 
1 4 'Structure model' chem_comp_atom       
2 4 'Structure model' chem_comp_bond       
3 4 'Structure model' database_2           
4 4 'Structure model' pdbx_database_status 
5 4 'Structure model' struct_site          
# 
loop_
_pdbx_audit_revision_item.ordinal 
_pdbx_audit_revision_item.revision_ordinal 
_pdbx_audit_revision_item.data_content_type 
_pdbx_audit_revision_item.item 
1 4 'Structure model' '_database_2.pdbx_DOI'                 
2 4 'Structure model' '_database_2.pdbx_database_accession'  
3 4 'Structure model' '_pdbx_database_status.status_code_sf' 
4 4 'Structure model' '_struct_site.pdbx_auth_asym_id'       
5 4 'Structure model' '_struct_site.pdbx_auth_comp_id'       
6 4 'Structure model' '_struct_site.pdbx_auth_seq_id'        
# 
_pdbx_database_status.status_code                     REL 
_pdbx_database_status.entry_id                        1E44 
_pdbx_database_status.deposit_site                    PDBE 
_pdbx_database_status.process_site                    PDBE 
_pdbx_database_status.SG_entry                        . 
_pdbx_database_status.recvd_initial_deposition_date   2000-06-28 
_pdbx_database_status.pdb_format_compatible           Y 
_pdbx_database_status.status_code_sf                  REL 
_pdbx_database_status.status_code_mr                  ? 
_pdbx_database_status.status_code_cs                  ? 
_pdbx_database_status.methods_development_category    ? 
_pdbx_database_status.status_code_nmr_data            ? 
# 
loop_
_audit_author.name 
_audit_author.pdbx_ordinal 
'Carr, S.'       1 
'Walker, D.'     2 
'James, R.'      3 
'Kleanthous, C.' 4 
'Hemmings, A.M.' 5 
# 
_citation.id                        primary 
_citation.title                     
;Inhibition of a Ribosome Inactivating Ribonuclease: The Crystal Structure of the Cytotoxic Domain of Colicin E3 in Complex with its Immunity Protein
;
_citation.journal_abbrev            Structure 
_citation.journal_volume            8 
_citation.page_first                949 
_citation.page_last                 ? 
_citation.year                      2000 
_citation.journal_id_ASTM           STRUE6 
_citation.country                   UK 
_citation.journal_id_ISSN           0969-2126 
_citation.journal_id_CSD            2005 
_citation.book_publisher            ? 
_citation.pdbx_database_id_PubMed   10986462 
_citation.pdbx_database_id_DOI      '10.1016/S0969-2126(00)00186-6' 
# 
loop_
_citation_author.citation_id 
_citation_author.name 
_citation_author.ordinal 
_citation_author.identifier_ORCID 
primary 'Carr, S.'       1 ? 
primary 'Walker, D.'     2 ? 
primary 'James, R.'      3 ? 
primary 'Kleanthous, C.' 4 ? 
primary 'Hemmings, A.M.' 5 ? 
# 
loop_
_entity.id 
_entity.type 
_entity.src_method 
_entity.pdbx_description 
_entity.formula_weight 
_entity.pdbx_number_of_molecules 
_entity.pdbx_ec 
_entity.pdbx_mutation 
_entity.pdbx_fragment 
_entity.details 
1 polymer     man 'IMMUNITY PROTEIN' 9910.762  1   ? ? ?                                      ? 
2 polymer     man 'COLICIN E3'       10812.117 1   ? ? 'RIBONUCLEASE DOMAIN RESIDUES 456-551' ? 
3 non-polymer syn 1,2-ETHANEDIOL     62.068    1   ? ? ?                                      ? 
4 water       nat water              18.015    171 ? ? ?                                      ? 
# 
loop_
_entity_poly.entity_id 
_entity_poly.type 
_entity_poly.nstd_linkage 
_entity_poly.nstd_monomer 
_entity_poly.pdbx_seq_one_letter_code 
_entity_poly.pdbx_seq_one_letter_code_can 
_entity_poly.pdbx_strand_id 
_entity_poly.pdbx_target_identifier 
1 'polypeptide(L)' no no 
;MGLKLDLTWFDKSTEDFKGEEYSKDFGDDGSVMESLGVPFKDNVNNGCFDVIAEWVPLLQPYFNHQIDISDNEYFVSFDY
RDGDW
;
;MGLKLDLTWFDKSTEDFKGEEYSKDFGDDGSVMESLGVPFKDNVNNGCFDVIAEWVPLLQPYFNHQIDISDNEYFVSFDY
RDGDW
;
A ? 
2 'polypeptide(L)' no no 
;GFKDYGHDYHPAPKTENIKGLGDLKPGIPKTPKQNGGGKRKRWTGDKGRKIYEWDSQHGELEGYRASDGQHLGSFDPKTG
NQLKGPDPKRNIKKYL
;
;GFKDYGHDYHPAPKTENIKGLGDLKPGIPKTPKQNGGGKRKRWTGDKGRKIYEWDSQHGELEGYRASDGQHLGSFDPKTG
NQLKGPDPKRNIKKYL
;
B ? 
# 
loop_
_pdbx_entity_nonpoly.entity_id 
_pdbx_entity_nonpoly.name 
_pdbx_entity_nonpoly.comp_id 
3 1,2-ETHANEDIOL EDO 
4 water          HOH 
# 
loop_
_entity_poly_seq.entity_id 
_entity_poly_seq.num 
_entity_poly_seq.mon_id 
_entity_poly_seq.hetero 
1 1  MET n 
1 2  GLY n 
1 3  LEU n 
1 4  LYS n 
1 5  LEU n 
1 6  ASP n 
1 7  LEU n 
1 8  THR n 
1 9  TRP n 
1 10 PHE n 
1 11 ASP n 
1 12 LYS n 
1 13 SER n 
1 14 THR n 
1 15 GLU n 
1 16 ASP n 
1 17 PHE n 
1 18 LYS n 
1 19 GLY n 
1 20 GLU n 
1 21 GLU n 
1 22 TYR n 
1 23 SER n 
1 24 LYS n 
1 25 ASP n 
1 26 PHE n 
1 27 GLY n 
1 28 ASP n 
1 29 ASP n 
1 30 GLY n 
1 31 SER n 
1 32 VAL n 
1 33 MET n 
1 34 GLU n 
1 35 SER n 
1 36 LEU n 
1 37 GLY n 
1 38 VAL n 
1 39 PRO n 
1 40 PHE n 
1 41 LYS n 
1 42 ASP n 
1 43 ASN n 
1 44 VAL n 
1 45 ASN n 
1 46 ASN n 
1 47 GLY n 
1 48 CYS n 
1 49 PHE n 
1 50 ASP n 
1 51 VAL n 
1 52 ILE n 
1 53 ALA n 
1 54 GLU n 
1 55 TRP n 
1 56 VAL n 
1 57 PRO n 
1 58 LEU n 
1 59 LEU n 
1 60 GLN n 
1 61 PRO n 
1 62 TYR n 
1 63 PHE n 
1 64 ASN n 
1 65 HIS n 
1 66 GLN n 
1 67 ILE n 
1 68 ASP n 
1 69 ILE n 
1 70 SER n 
1 71 ASP n 
1 72 ASN n 
1 73 GLU n 
1 74 TYR n 
1 75 PHE n 
1 76 VAL n 
1 77 SER n 
1 78 PHE n 
1 79 ASP n 
1 80 TYR n 
1 81 ARG n 
1 82 ASP n 
1 83 GLY n 
1 84 ASP n 
1 85 TRP n 
2 1  GLY n 
2 2  PHE n 
2 3  LYS n 
2 4  ASP n 
2 5  TYR n 
2 6  GLY n 
2 7  HIS n 
2 8  ASP n 
2 9  TYR n 
2 10 HIS n 
2 11 PRO n 
2 12 ALA n 
2 13 PRO n 
2 14 LYS n 
2 15 THR n 
2 16 GLU n 
2 17 ASN n 
2 18 ILE n 
2 19 LYS n 
2 20 GLY n 
2 21 LEU n 
2 22 GLY n 
2 23 ASP n 
2 24 LEU n 
2 25 LYS n 
2 26 PRO n 
2 27 GLY n 
2 28 ILE n 
2 29 PRO n 
2 30 LYS n 
2 31 THR n 
2 32 PRO n 
2 33 LYS n 
2 34 GLN n 
2 35 ASN n 
2 36 GLY n 
2 37 GLY n 
2 38 GLY n 
2 39 LYS n 
2 40 ARG n 
2 41 LYS n 
2 42 ARG n 
2 43 TRP n 
2 44 THR n 
2 45 GLY n 
2 46 ASP n 
2 47 LYS n 
2 48 GLY n 
2 49 ARG n 
2 50 LYS n 
2 51 ILE n 
2 52 TYR n 
2 53 GLU n 
2 54 TRP n 
2 55 ASP n 
2 56 SER n 
2 57 GLN n 
2 58 HIS n 
2 59 GLY n 
2 60 GLU n 
2 61 LEU n 
2 62 GLU n 
2 63 GLY n 
2 64 TYR n 
2 65 ARG n 
2 66 ALA n 
2 67 SER n 
2 68 ASP n 
2 69 GLY n 
2 70 GLN n 
2 71 HIS n 
2 72 LEU n 
2 73 GLY n 
2 74 SER n 
2 75 PHE n 
2 76 ASP n 
2 77 PRO n 
2 78 LYS n 
2 79 THR n 
2 80 GLY n 
2 81 ASN n 
2 82 GLN n 
2 83 LEU n 
2 84 LYS n 
2 85 GLY n 
2 86 PRO n 
2 87 ASP n 
2 88 PRO n 
2 89 LYS n 
2 90 ARG n 
2 91 ASN n 
2 92 ILE n 
2 93 LYS n 
2 94 LYS n 
2 95 TYR n 
2 96 LEU n 
# 
loop_
_entity_src_gen.entity_id 
_entity_src_gen.pdbx_src_id 
_entity_src_gen.pdbx_alt_source_flag 
_entity_src_gen.pdbx_seq_type 
_entity_src_gen.pdbx_beg_seq_num 
_entity_src_gen.pdbx_end_seq_num 
_entity_src_gen.gene_src_common_name 
_entity_src_gen.gene_src_genus 
_entity_src_gen.pdbx_gene_src_gene 
_entity_src_gen.gene_src_species 
_entity_src_gen.gene_src_strain 
_entity_src_gen.gene_src_tissue 
_entity_src_gen.gene_src_tissue_fraction 
_entity_src_gen.gene_src_details 
_entity_src_gen.pdbx_gene_src_fragment 
_entity_src_gen.pdbx_gene_src_scientific_name 
_entity_src_gen.pdbx_gene_src_ncbi_taxonomy_id 
_entity_src_gen.pdbx_gene_src_variant 
_entity_src_gen.pdbx_gene_src_cell_line 
_entity_src_gen.pdbx_gene_src_atcc 
_entity_src_gen.pdbx_gene_src_organ 
_entity_src_gen.pdbx_gene_src_organelle 
_entity_src_gen.pdbx_gene_src_cell 
_entity_src_gen.pdbx_gene_src_cellular_location 
_entity_src_gen.host_org_common_name 
_entity_src_gen.pdbx_host_org_scientific_name 
_entity_src_gen.pdbx_host_org_ncbi_taxonomy_id 
_entity_src_gen.host_org_genus 
_entity_src_gen.pdbx_host_org_gene 
_entity_src_gen.pdbx_host_org_organ 
_entity_src_gen.host_org_species 
_entity_src_gen.pdbx_host_org_tissue 
_entity_src_gen.pdbx_host_org_tissue_fraction 
_entity_src_gen.pdbx_host_org_strain 
_entity_src_gen.pdbx_host_org_variant 
_entity_src_gen.pdbx_host_org_cell_line 
_entity_src_gen.pdbx_host_org_atcc 
_entity_src_gen.pdbx_host_org_culture_collection 
_entity_src_gen.pdbx_host_org_cell 
_entity_src_gen.pdbx_host_org_organelle 
_entity_src_gen.pdbx_host_org_cellular_location 
_entity_src_gen.pdbx_host_org_vector_type 
_entity_src_gen.pdbx_host_org_vector 
_entity_src_gen.host_org_details 
_entity_src_gen.expression_system_id 
_entity_src_gen.plasmid_name 
_entity_src_gen.plasmid_details 
_entity_src_gen.pdbx_description 
1 1 sample ? ? ? ? ? ? ? ? ? ? ? ? 'ESCHERICHIA COLI' 562 ? ? ? ? ? ? ? ? 'ESCHERICHIA COLI' 469008 ? ? ? ? ? ? 'BL21(DE3)' ? ? ? 
? ? ? ?         ? ? ? ? ? ? ?                                                 
2 1 sample ? ? ? ? ? ? ? ? ? ? ? ? 'ESCHERICHIA COLI' 562 ? ? ? ? ? ? ? ? 'ESCHERICHIA COLI' 511693 ? ? ? ? ? ? BL21        ? ? ? 
? ? ? CYTOPLASM ? ? ? ? ? ? 'CO-EXPRESSED WITH A HIS-TAGGED IMMUNITY PROTEIN' 
# 
loop_
_chem_comp.id 
_chem_comp.type 
_chem_comp.mon_nstd_flag 
_chem_comp.name 
_chem_comp.pdbx_synonyms 
_chem_comp.formula 
_chem_comp.formula_weight 
ALA 'L-peptide linking' y ALANINE         ?                 'C3 H7 N O2'     89.093  
ARG 'L-peptide linking' y ARGININE        ?                 'C6 H15 N4 O2 1' 175.209 
ASN 'L-peptide linking' y ASPARAGINE      ?                 'C4 H8 N2 O3'    132.118 
ASP 'L-peptide linking' y 'ASPARTIC ACID' ?                 'C4 H7 N O4'     133.103 
CYS 'L-peptide linking' y CYSTEINE        ?                 'C3 H7 N O2 S'   121.158 
EDO non-polymer         . 1,2-ETHANEDIOL  'ETHYLENE GLYCOL' 'C2 H6 O2'       62.068  
GLN 'L-peptide linking' y GLUTAMINE       ?                 'C5 H10 N2 O3'   146.144 
GLU 'L-peptide linking' y 'GLUTAMIC ACID' ?                 'C5 H9 N O4'     147.129 
GLY 'peptide linking'   y GLYCINE         ?                 'C2 H5 N O2'     75.067  
HIS 'L-peptide linking' y HISTIDINE       ?                 'C6 H10 N3 O2 1' 156.162 
HOH non-polymer         . WATER           ?                 'H2 O'           18.015  
ILE 'L-peptide linking' y ISOLEUCINE      ?                 'C6 H13 N O2'    131.173 
LEU 'L-peptide linking' y LEUCINE         ?                 'C6 H13 N O2'    131.173 
LYS 'L-peptide linking' y LYSINE          ?                 'C6 H15 N2 O2 1' 147.195 
MET 'L-peptide linking' y METHIONINE      ?                 'C5 H11 N O2 S'  149.211 
PHE 'L-peptide linking' y PHENYLALANINE   ?                 'C9 H11 N O2'    165.189 
PRO 'L-peptide linking' y PROLINE         ?                 'C5 H9 N O2'     115.130 
SER 'L-peptide linking' y SERINE          ?                 'C3 H7 N O3'     105.093 
THR 'L-peptide linking' y THREONINE       ?                 'C4 H9 N O3'     119.119 
TRP 'L-peptide linking' y TRYPTOPHAN      ?                 'C11 H12 N2 O2'  204.225 
TYR 'L-peptide linking' y TYROSINE        ?                 'C9 H11 N O3'    181.189 
VAL 'L-peptide linking' y VALINE          ?                 'C5 H11 N O2'    117.146 
# 
loop_
_pdbx_poly_seq_scheme.asym_id 
_pdbx_poly_seq_scheme.entity_id 
_pdbx_poly_seq_scheme.seq_id 
_pdbx_poly_seq_scheme.mon_id 
_pdbx_poly_seq_scheme.ndb_seq_num 
_pdbx_poly_seq_scheme.pdb_seq_num 
_pdbx_poly_seq_scheme.auth_seq_num 
_pdbx_poly_seq_scheme.pdb_mon_id 
_pdbx_poly_seq_scheme.auth_mon_id 
_pdbx_poly_seq_scheme.pdb_strand_id 
_pdbx_poly_seq_scheme.pdb_ins_code 
_pdbx_poly_seq_scheme.hetero 
A 1 1  MET 1  -1 ?  ?   ?   A . n 
A 1 2  GLY 2  1  1  GLY GLY A . n 
A 1 3  LEU 3  2  2  LEU LEU A . n 
A 1 4  LYS 4  3  3  LYS LYS A . n 
A 1 5  LEU 5  4  4  LEU LEU A . n 
A 1 6  ASP 6  5  5  ASP ASP A . n 
A 1 7  LEU 7  6  6  LEU LEU A . n 
A 1 8  THR 8  7  7  THR THR A . n 
A 1 9  TRP 9  8  8  TRP TRP A . n 
A 1 10 PHE 10 9  9  PHE PHE A . n 
A 1 11 ASP 11 10 10 ASP ASP A . n 
A 1 12 LYS 12 11 11 LYS LYS A . n 
A 1 13 SER 13 12 12 SER SER A . n 
A 1 14 THR 14 13 13 THR THR A . n 
A 1 15 GLU 15 14 14 GLU GLU A . n 
A 1 16 ASP 16 15 15 ASP ASP A . n 
A 1 17 PHE 17 16 16 PHE PHE A . n 
A 1 18 LYS 18 17 17 LYS LYS A . n 
A 1 19 GLY 19 18 18 GLY GLY A . n 
A 1 20 GLU 20 19 19 GLU GLU A . n 
A 1 21 GLU 21 20 20 GLU GLU A . n 
A 1 22 TYR 22 21 21 TYR TYR A . n 
A 1 23 SER 23 22 22 SER SER A . n 
A 1 24 LYS 24 23 23 LYS LYS A . n 
A 1 25 ASP 25 24 24 ASP ASP A . n 
A 1 26 PHE 26 25 25 PHE PHE A . n 
A 1 27 GLY 27 26 26 GLY GLY A . n 
A 1 28 ASP 28 27 27 ASP ASP A . n 
A 1 29 ASP 29 28 28 ASP ASP A . n 
A 1 30 GLY 30 29 29 GLY GLY A . n 
A 1 31 SER 31 30 30 SER SER A . n 
A 1 32 VAL 32 31 31 VAL VAL A . n 
A 1 33 MET 33 32 32 MET MET A . n 
A 1 34 GLU 34 33 33 GLU GLU A . n 
A 1 35 SER 35 34 34 SER SER A . n 
A 1 36 LEU 36 35 35 LEU LEU A . n 
A 1 37 GLY 37 36 36 GLY GLY A . n 
A 1 38 VAL 38 37 37 VAL VAL A . n 
A 1 39 PRO 39 38 38 PRO PRO A . n 
A 1 40 PHE 40 39 39 PHE PHE A . n 
A 1 41 LYS 41 40 40 LYS LYS A . n 
A 1 42 ASP 42 41 41 ASP ASP A . n 
A 1 43 ASN 43 42 42 ASN ASN A . n 
A 1 44 VAL 44 43 43 VAL VAL A . n 
A 1 45 ASN 45 44 44 ASN ASN A . n 
A 1 46 ASN 46 45 45 ASN ASN A . n 
A 1 47 GLY 47 46 46 GLY GLY A . n 
A 1 48 CYS 48 47 47 CYS CYS A . n 
A 1 49 PHE 49 48 48 PHE PHE A . n 
A 1 50 ASP 50 49 49 ASP ASP A . n 
A 1 51 VAL 51 50 50 VAL VAL A . n 
A 1 52 ILE 52 51 51 ILE ILE A . n 
A 1 53 ALA 53 52 52 ALA ALA A . n 
A 1 54 GLU 54 53 53 GLU GLU A . n 
A 1 55 TRP 55 54 54 TRP TRP A . n 
A 1 56 VAL 56 55 55 VAL VAL A . n 
A 1 57 PRO 57 56 56 PRO PRO A . n 
A 1 58 LEU 58 57 57 LEU LEU A . n 
A 1 59 LEU 59 58 58 LEU LEU A . n 
A 1 60 GLN 60 59 59 GLN GLN A . n 
A 1 61 PRO 61 60 60 PRO PRO A . n 
A 1 62 TYR 62 61 61 TYR TYR A . n 
A 1 63 PHE 63 62 62 PHE PHE A . n 
A 1 64 ASN 64 63 63 ASN ASN A . n 
A 1 65 HIS 65 64 64 HIS HIS A . n 
A 1 66 GLN 66 65 65 GLN GLN A . n 
A 1 67 ILE 67 66 66 ILE ILE A . n 
A 1 68 ASP 68 67 67 ASP ASP A . n 
A 1 69 ILE 69 68 68 ILE ILE A . n 
A 1 70 SER 70 69 69 SER SER A . n 
A 1 71 ASP 71 70 70 ASP ASP A . n 
A 1 72 ASN 72 71 71 ASN ASN A . n 
A 1 73 GLU 73 72 72 GLU GLU A . n 
A 1 74 TYR 74 73 73 TYR TYR A . n 
A 1 75 PHE 75 74 74 PHE PHE A . n 
A 1 76 VAL 76 75 75 VAL VAL A . n 
A 1 77 SER 77 76 76 SER SER A . n 
A 1 78 PHE 78 77 77 PHE PHE A . n 
A 1 79 ASP 79 78 78 ASP ASP A . n 
A 1 80 TYR 80 79 79 TYR TYR A . n 
A 1 81 ARG 81 80 80 ARG ARG A . n 
A 1 82 ASP 82 81 81 ASP ASP A . n 
A 1 83 GLY 83 82 82 GLY GLY A . n 
A 1 84 ASP 84 83 83 ASP ASP A . n 
A 1 85 TRP 85 84 84 TRP TRP A . n 
B 2 1  GLY 1  1  1  GLY GLY B . n 
B 2 2  PHE 2  2  2  PHE PHE B . n 
B 2 3  LYS 3  3  3  LYS LYS B . n 
B 2 4  ASP 4  4  4  ASP ASP B . n 
B 2 5  TYR 5  5  5  TYR TYR B . n 
B 2 6  GLY 6  6  6  GLY GLY B . n 
B 2 7  HIS 7  7  7  HIS HIS B . n 
B 2 8  ASP 8  8  8  ASP ASP B . n 
B 2 9  TYR 9  9  9  TYR TYR B . n 
B 2 10 HIS 10 10 10 HIS HIS B . n 
B 2 11 PRO 11 11 11 PRO PRO B . n 
B 2 12 ALA 12 12 12 ALA ALA B . n 
B 2 13 PRO 13 13 13 PRO PRO B . n 
B 2 14 LYS 14 14 14 LYS LYS B . n 
B 2 15 THR 15 15 15 THR THR B . n 
B 2 16 GLU 16 16 16 GLU GLU B . n 
B 2 17 ASN 17 17 17 ASN ASN B . n 
B 2 18 ILE 18 18 18 ILE ILE B . n 
B 2 19 LYS 19 19 19 LYS LYS B . n 
B 2 20 GLY 20 20 20 GLY GLY B . n 
B 2 21 LEU 21 21 21 LEU LEU B . n 
B 2 22 GLY 22 22 22 GLY GLY B . n 
B 2 23 ASP 23 23 23 ASP ASP B . n 
B 2 24 LEU 24 24 24 LEU LEU B . n 
B 2 25 LYS 25 25 25 LYS LYS B . n 
B 2 26 PRO 26 26 26 PRO PRO B . n 
B 2 27 GLY 27 27 27 GLY GLY B . n 
B 2 28 ILE 28 28 28 ILE ILE B . n 
B 2 29 PRO 29 29 29 PRO PRO B . n 
B 2 30 LYS 30 30 30 LYS LYS B . n 
B 2 31 THR 31 31 31 THR THR B . n 
B 2 32 PRO 32 32 32 PRO PRO B . n 
B 2 33 LYS 33 33 33 LYS LYS B . n 
B 2 34 GLN 34 34 34 GLN GLN B . n 
B 2 35 ASN 35 35 35 ASN ASN B . n 
B 2 36 GLY 36 36 36 GLY GLY B . n 
B 2 37 GLY 37 37 37 GLY GLY B . n 
B 2 38 GLY 38 38 38 GLY GLY B . n 
B 2 39 LYS 39 39 39 LYS LYS B . n 
B 2 40 ARG 40 40 40 ARG ARG B . n 
B 2 41 LYS 41 41 41 LYS LYS B . n 
B 2 42 ARG 42 42 42 ARG ARG B . n 
B 2 43 TRP 43 43 43 TRP TRP B . n 
B 2 44 THR 44 44 44 THR THR B . n 
B 2 45 GLY 45 45 45 GLY GLY B . n 
B 2 46 ASP 46 46 46 ASP ASP B . n 
B 2 47 LYS 47 47 47 LYS LYS B . n 
B 2 48 GLY 48 48 48 GLY GLY B . n 
B 2 49 ARG 49 49 49 ARG ARG B . n 
B 2 50 LYS 50 50 50 LYS LYS B . n 
B 2 51 ILE 51 51 51 ILE ILE B . n 
B 2 52 TYR 52 52 52 TYR TYR B . n 
B 2 53 GLU 53 53 53 GLU GLU B . n 
B 2 54 TRP 54 54 54 TRP TRP B . n 
B 2 55 ASP 55 55 55 ASP ASP B . n 
B 2 56 SER 56 56 56 SER SER B . n 
B 2 57 GLN 57 57 57 GLN GLN B . n 
B 2 58 HIS 58 58 58 HIS HIS B . n 
B 2 59 GLY 59 59 59 GLY GLY B . n 
B 2 60 GLU 60 60 60 GLU GLU B . n 
B 2 61 LEU 61 61 61 LEU LEU B . n 
B 2 62 GLU 62 62 62 GLU GLU B . n 
B 2 63 GLY 63 63 63 GLY GLY B . n 
B 2 64 TYR 64 64 64 TYR TYR B . n 
B 2 65 ARG 65 65 65 ARG ARG B . n 
B 2 66 ALA 66 66 66 ALA ALA B . n 
B 2 67 SER 67 67 67 SER SER B . n 
B 2 68 ASP 68 68 68 ASP ASP B . n 
B 2 69 GLY 69 69 69 GLY GLY B . n 
B 2 70 GLN 70 70 70 GLN GLN B . n 
B 2 71 HIS 71 71 71 HIS HIS B . n 
B 2 72 LEU 72 72 72 LEU LEU B . n 
B 2 73 GLY 73 73 73 GLY GLY B . n 
B 2 74 SER 74 74 74 SER SER B . n 
B 2 75 PHE 75 75 75 PHE PHE B . n 
B 2 76 ASP 76 76 76 ASP ASP B . n 
B 2 77 PRO 77 77 77 PRO PRO B . n 
B 2 78 LYS 78 78 78 LYS LYS B . n 
B 2 79 THR 79 79 79 THR THR B . n 
B 2 80 GLY 80 80 80 GLY GLY B . n 
B 2 81 ASN 81 81 81 ASN ASN B . n 
B 2 82 GLN 82 82 82 GLN GLN B . n 
B 2 83 LEU 83 83 83 LEU LEU B . n 
B 2 84 LYS 84 84 84 LYS LYS B . n 
B 2 85 GLY 85 85 85 GLY GLY B . n 
B 2 86 PRO 86 86 86 PRO PRO B . n 
B 2 87 ASP 87 87 87 ASP ASP B . n 
B 2 88 PRO 88 88 88 PRO PRO B . n 
B 2 89 LYS 89 89 89 LYS LYS B . n 
B 2 90 ARG 90 90 90 ARG ARG B . n 
B 2 91 ASN 91 91 91 ASN ASN B . n 
B 2 92 ILE 92 92 92 ILE ILE B . n 
B 2 93 LYS 93 93 93 LYS LYS B . n 
B 2 94 LYS 94 94 94 LYS LYS B . n 
B 2 95 TYR 95 95 95 TYR TYR B . n 
B 2 96 LEU 96 96 96 LEU LEU B . n 
# 
loop_
_pdbx_nonpoly_scheme.asym_id 
_pdbx_nonpoly_scheme.entity_id 
_pdbx_nonpoly_scheme.mon_id 
_pdbx_nonpoly_scheme.ndb_seq_num 
_pdbx_nonpoly_scheme.pdb_seq_num 
_pdbx_nonpoly_scheme.auth_seq_num 
_pdbx_nonpoly_scheme.pdb_mon_id 
_pdbx_nonpoly_scheme.auth_mon_id 
_pdbx_nonpoly_scheme.pdb_strand_id 
_pdbx_nonpoly_scheme.pdb_ins_code 
C 3 EDO 1  401  401  EDO EDO B . 
D 4 HOH 1  2001 2001 HOH HOH A . 
D 4 HOH 2  2002 2002 HOH HOH A . 
D 4 HOH 3  2003 2003 HOH HOH A . 
D 4 HOH 4  2004 2004 HOH HOH A . 
D 4 HOH 5  2005 2005 HOH HOH A . 
D 4 HOH 6  2006 2006 HOH HOH A . 
D 4 HOH 7  2007 2007 HOH HOH A . 
D 4 HOH 8  2008 2008 HOH HOH A . 
D 4 HOH 9  2009 2009 HOH HOH A . 
D 4 HOH 10 2010 2010 HOH HOH A . 
D 4 HOH 11 2011 2011 HOH HOH A . 
D 4 HOH 12 2012 2012 HOH HOH A . 
D 4 HOH 13 2013 2013 HOH HOH A . 
D 4 HOH 14 2014 2014 HOH HOH A . 
D 4 HOH 15 2015 2015 HOH HOH A . 
D 4 HOH 16 2016 2016 HOH HOH A . 
D 4 HOH 17 2017 2017 HOH HOH A . 
D 4 HOH 18 2018 2018 HOH HOH A . 
D 4 HOH 19 2019 2019 HOH HOH A . 
D 4 HOH 20 2020 2020 HOH HOH A . 
D 4 HOH 21 2021 2021 HOH HOH A . 
D 4 HOH 22 2022 2022 HOH HOH A . 
D 4 HOH 23 2023 2023 HOH HOH A . 
D 4 HOH 24 2024 2024 HOH HOH A . 
D 4 HOH 25 2025 2025 HOH HOH A . 
D 4 HOH 26 2026 2026 HOH HOH A . 
D 4 HOH 27 2027 2027 HOH HOH A . 
D 4 HOH 28 2028 2028 HOH HOH A . 
D 4 HOH 29 2029 2029 HOH HOH A . 
D 4 HOH 30 2030 2030 HOH HOH A . 
D 4 HOH 31 2031 2031 HOH HOH A . 
D 4 HOH 32 2032 2032 HOH HOH A . 
D 4 HOH 33 2033 2033 HOH HOH A . 
D 4 HOH 34 2034 2034 HOH HOH A . 
D 4 HOH 35 2035 2035 HOH HOH A . 
D 4 HOH 36 2036 2036 HOH HOH A . 
D 4 HOH 37 2037 2037 HOH HOH A . 
D 4 HOH 38 2038 2038 HOH HOH A . 
D 4 HOH 39 2039 2039 HOH HOH A . 
D 4 HOH 40 2040 2040 HOH HOH A . 
D 4 HOH 41 2041 2041 HOH HOH A . 
D 4 HOH 42 2042 2042 HOH HOH A . 
D 4 HOH 43 2043 2043 HOH HOH A . 
D 4 HOH 44 2044 2044 HOH HOH A . 
D 4 HOH 45 2045 2045 HOH HOH A . 
D 4 HOH 46 2046 2046 HOH HOH A . 
D 4 HOH 47 2047 2047 HOH HOH A . 
D 4 HOH 48 2048 2048 HOH HOH A . 
D 4 HOH 49 2049 2049 HOH HOH A . 
D 4 HOH 50 2050 2050 HOH HOH A . 
D 4 HOH 51 2051 2051 HOH HOH A . 
D 4 HOH 52 2052 2052 HOH HOH A . 
D 4 HOH 53 2053 2053 HOH HOH A . 
D 4 HOH 54 2054 2054 HOH HOH A . 
D 4 HOH 55 2055 2055 HOH HOH A . 
D 4 HOH 56 2056 2056 HOH HOH A . 
D 4 HOH 57 2057 2057 HOH HOH A . 
D 4 HOH 58 2058 2058 HOH HOH A . 
D 4 HOH 59 2059 2059 HOH HOH A . 
D 4 HOH 60 2060 2060 HOH HOH A . 
D 4 HOH 61 2061 2061 HOH HOH A . 
D 4 HOH 62 2062 2062 HOH HOH A . 
D 4 HOH 63 2063 2063 HOH HOH A . 
D 4 HOH 64 2064 2064 HOH HOH A . 
D 4 HOH 65 2065 2065 HOH HOH A . 
D 4 HOH 66 2066 2066 HOH HOH A . 
D 4 HOH 67 2067 2067 HOH HOH A . 
D 4 HOH 68 2068 2068 HOH HOH A . 
D 4 HOH 69 2069 2069 HOH HOH A . 
D 4 HOH 70 2070 2070 HOH HOH A . 
D 4 HOH 71 2071 2071 HOH HOH A . 
D 4 HOH 72 2072 2072 HOH HOH A . 
D 4 HOH 73 2073 2073 HOH HOH A . 
D 4 HOH 74 2074 2074 HOH HOH A . 
D 4 HOH 75 2075 2075 HOH HOH A . 
D 4 HOH 76 2076 2076 HOH HOH A . 
D 4 HOH 77 2077 2077 HOH HOH A . 
D 4 HOH 78 2078 2078 HOH HOH A . 
D 4 HOH 79 2079 2079 HOH HOH A . 
D 4 HOH 80 2080 2080 HOH HOH A . 
D 4 HOH 81 2081 2081 HOH HOH A . 
D 4 HOH 82 2082 2082 HOH HOH A . 
D 4 HOH 83 2083 2083 HOH HOH A . 
E 4 HOH 1  2001 2001 HOH HOH B . 
E 4 HOH 2  2002 2002 HOH HOH B . 
E 4 HOH 3  2003 2003 HOH HOH B . 
E 4 HOH 4  2004 2004 HOH HOH B . 
E 4 HOH 5  2005 2005 HOH HOH B . 
E 4 HOH 6  2006 2006 HOH HOH B . 
E 4 HOH 7  2007 2007 HOH HOH B . 
E 4 HOH 8  2008 2008 HOH HOH B . 
E 4 HOH 9  2009 2009 HOH HOH B . 
E 4 HOH 10 2010 2010 HOH HOH B . 
E 4 HOH 11 2011 2011 HOH HOH B . 
E 4 HOH 12 2012 2012 HOH HOH B . 
E 4 HOH 13 2013 2013 HOH HOH B . 
E 4 HOH 14 2014 2014 HOH HOH B . 
E 4 HOH 15 2015 2015 HOH HOH B . 
E 4 HOH 16 2016 2016 HOH HOH B . 
E 4 HOH 17 2017 2017 HOH HOH B . 
E 4 HOH 18 2018 2018 HOH HOH B . 
E 4 HOH 19 2019 2019 HOH HOH B . 
E 4 HOH 20 2020 2020 HOH HOH B . 
E 4 HOH 21 2021 2021 HOH HOH B . 
E 4 HOH 22 2022 2022 HOH HOH B . 
E 4 HOH 23 2023 2023 HOH HOH B . 
E 4 HOH 24 2024 2024 HOH HOH B . 
E 4 HOH 25 2025 2025 HOH HOH B . 
E 4 HOH 26 2026 2026 HOH HOH B . 
E 4 HOH 27 2027 2027 HOH HOH B . 
E 4 HOH 28 2028 2028 HOH HOH B . 
E 4 HOH 29 2029 2029 HOH HOH B . 
E 4 HOH 30 2030 2030 HOH HOH B . 
E 4 HOH 31 2031 2031 HOH HOH B . 
E 4 HOH 32 2032 2032 HOH HOH B . 
E 4 HOH 33 2033 2033 HOH HOH B . 
E 4 HOH 34 2034 2034 HOH HOH B . 
E 4 HOH 35 2035 2035 HOH HOH B . 
E 4 HOH 36 2036 2036 HOH HOH B . 
E 4 HOH 37 2037 2037 HOH HOH B . 
E 4 HOH 38 2038 2038 HOH HOH B . 
E 4 HOH 39 2039 2039 HOH HOH B . 
E 4 HOH 40 2040 2040 HOH HOH B . 
E 4 HOH 41 2041 2041 HOH HOH B . 
E 4 HOH 42 2042 2042 HOH HOH B . 
E 4 HOH 43 2043 2043 HOH HOH B . 
E 4 HOH 44 2044 2044 HOH HOH B . 
E 4 HOH 45 2045 2045 HOH HOH B . 
E 4 HOH 46 2046 2046 HOH HOH B . 
E 4 HOH 47 2047 2047 HOH HOH B . 
E 4 HOH 48 2048 2048 HOH HOH B . 
E 4 HOH 49 2049 2049 HOH HOH B . 
E 4 HOH 50 2050 2050 HOH HOH B . 
E 4 HOH 51 2051 2051 HOH HOH B . 
E 4 HOH 52 2052 2052 HOH HOH B . 
E 4 HOH 53 2053 2053 HOH HOH B . 
E 4 HOH 54 2054 2054 HOH HOH B . 
E 4 HOH 55 2055 2055 HOH HOH B . 
E 4 HOH 56 2056 2056 HOH HOH B . 
E 4 HOH 57 2057 2057 HOH HOH B . 
E 4 HOH 58 2058 2058 HOH HOH B . 
E 4 HOH 59 2059 2059 HOH HOH B . 
E 4 HOH 60 2060 2060 HOH HOH B . 
E 4 HOH 61 2061 2061 HOH HOH B . 
E 4 HOH 62 2062 2062 HOH HOH B . 
E 4 HOH 63 2063 2063 HOH HOH B . 
E 4 HOH 64 2064 2064 HOH HOH B . 
E 4 HOH 65 2065 2065 HOH HOH B . 
E 4 HOH 66 2066 2066 HOH HOH B . 
E 4 HOH 67 2067 2067 HOH HOH B . 
E 4 HOH 68 2068 2068 HOH HOH B . 
E 4 HOH 69 2069 2069 HOH HOH B . 
E 4 HOH 70 2070 2070 HOH HOH B . 
E 4 HOH 71 2071 2071 HOH HOH B . 
E 4 HOH 72 2072 2072 HOH HOH B . 
E 4 HOH 73 2073 2073 HOH HOH B . 
E 4 HOH 74 2074 2074 HOH HOH B . 
E 4 HOH 75 2075 2075 HOH HOH B . 
E 4 HOH 76 2076 2076 HOH HOH B . 
E 4 HOH 77 2077 2077 HOH HOH B . 
E 4 HOH 78 2078 2078 HOH HOH B . 
E 4 HOH 79 2079 2079 HOH HOH B . 
E 4 HOH 80 2080 2080 HOH HOH B . 
E 4 HOH 81 2081 2081 HOH HOH B . 
E 4 HOH 82 2082 2082 HOH HOH B . 
E 4 HOH 83 2083 2083 HOH HOH B . 
E 4 HOH 84 2084 2084 HOH HOH B . 
E 4 HOH 85 2085 2085 HOH HOH B . 
E 4 HOH 86 2086 2086 HOH HOH B . 
E 4 HOH 87 2087 2087 HOH HOH B . 
E 4 HOH 88 2088 2088 HOH HOH B . 
# 
loop_
_software.name 
_software.classification 
_software.version 
_software.citation_id 
_software.pdbx_ordinal 
CNS   refinement       0.5 ? 1 
DENZO 'data reduction' .   ? 2 
SCALA 'data scaling'   .   ? 3 
SOLVE phasing          .   ? 4 
# 
_cell.entry_id           1E44 
_cell.length_a           93.700 
_cell.length_b           93.700 
_cell.length_c           76.170 
_cell.angle_alpha        90.00 
_cell.angle_beta         90.00 
_cell.angle_gamma        120.00 
_cell.Z_PDB              6 
_cell.pdbx_unique_axis   ? 
# 
_symmetry.entry_id                         1E44 
_symmetry.space_group_name_H-M             'P 31 2 1' 
_symmetry.pdbx_full_space_group_name_H-M   ? 
_symmetry.cell_setting                     ? 
_symmetry.Int_Tables_number                152 
# 
_exptl.entry_id          1E44 
_exptl.method            'X-RAY DIFFRACTION' 
_exptl.crystals_number   1 
# 
_exptl_crystal.id                    1 
_exptl_crystal.density_meas          ? 
_exptl_crystal.density_Matthews      4.39 
_exptl_crystal.density_percent_sol   72 
_exptl_crystal.description           ? 
# 
_exptl_crystal_grow.crystal_id      1 
_exptl_crystal_grow.method          ? 
_exptl_crystal_grow.temp            ? 
_exptl_crystal_grow.temp_details    ? 
_exptl_crystal_grow.pH              5.60 
_exptl_crystal_grow.pdbx_pH_range   ? 
_exptl_crystal_grow.pdbx_details    '0.1 M NA CITRATE PH 5.6, 20% ISOPROPANOL, 10% PEG 4000' 
# 
_diffrn.id                     1 
_diffrn.ambient_temp           100.0 
_diffrn.ambient_temp_details   ? 
_diffrn.crystal_id             1 
# 
_diffrn_detector.diffrn_id              1 
_diffrn_detector.detector               CCD 
_diffrn_detector.type                   ? 
_diffrn_detector.pdbx_collection_date   ? 
_diffrn_detector.details                ? 
# 
_diffrn_radiation.diffrn_id                        1 
_diffrn_radiation.wavelength_id                    1 
_diffrn_radiation.pdbx_monochromatic_or_laue_m_l   M 
_diffrn_radiation.monochromator                    ? 
_diffrn_radiation.pdbx_diffrn_protocol             MAD 
_diffrn_radiation.pdbx_scattering_type             x-ray 
# 
loop_
_diffrn_radiation_wavelength.id 
_diffrn_radiation_wavelength.wavelength 
_diffrn_radiation_wavelength.wt 
1 0.9   1.0 
2 0.97  1.0 
3 0.979 1.0 
# 
_diffrn_source.diffrn_id                   1 
_diffrn_source.source                      SYNCHROTRON 
_diffrn_source.type                        'ESRF BEAMLINE BM14' 
_diffrn_source.pdbx_synchrotron_site       ESRF 
_diffrn_source.pdbx_synchrotron_beamline   BM14 
_diffrn_source.pdbx_wavelength             ? 
_diffrn_source.pdbx_wavelength_list        '0.9, 0.97, 0.979' 
# 
_reflns.pdbx_diffrn_id               1 
_reflns.pdbx_ordinal                 1 
_reflns.entry_id                     1E44 
_reflns.observed_criterion_sigma_I   ? 
_reflns.observed_criterion_sigma_F   ? 
_reflns.d_resolution_low             20.000 
_reflns.d_resolution_high            2.400 
_reflns.number_obs                   14892 
_reflns.number_all                   ? 
_reflns.percent_possible_obs         98.7 
_reflns.pdbx_Rmerge_I_obs            ? 
_reflns.pdbx_Rsym_value              0.03900 
_reflns.pdbx_netI_over_sigmaI        37.8000 
_reflns.B_iso_Wilson_estimate        ? 
_reflns.pdbx_redundancy              3.000 
# 
_reflns_shell.pdbx_diffrn_id         1 
_reflns_shell.pdbx_ordinal           1 
_reflns_shell.d_res_high             2.40 
_reflns_shell.d_res_low              2.45 
_reflns_shell.percent_possible_all   97.5 
_reflns_shell.Rmerge_I_obs           ? 
_reflns_shell.pdbx_Rsym_value        0.23700 
_reflns_shell.meanI_over_sigI_obs    2.800 
_reflns_shell.pdbx_redundancy        2.70 
# 
_refine.pdbx_refine_id                           'X-RAY DIFFRACTION' 
_refine.entry_id                                 1E44 
_refine.pdbx_diffrn_id                           1 
_refine.pdbx_TLS_residual_ADP_flag               ? 
_refine.ls_number_reflns_obs                     14892 
_refine.ls_number_reflns_all                     ? 
_refine.pdbx_ls_sigma_I                          ? 
_refine.pdbx_ls_sigma_F                          2 
_refine.pdbx_data_cutoff_high_absF               100000 
_refine.pdbx_data_cutoff_low_absF                ? 
_refine.pdbx_data_cutoff_high_rms_absF           ? 
_refine.ls_d_res_low                             30 
_refine.ls_d_res_high                            2.4 
_refine.ls_percent_reflns_obs                    97.5 
_refine.ls_R_factor_obs                          0.192 
_refine.ls_R_factor_all                          ? 
_refine.ls_R_factor_R_work                       0.192 
_refine.ls_R_factor_R_free                       0.228 
_refine.ls_R_factor_R_free_error                 ? 
_refine.ls_R_factor_R_free_error_details         ? 
_refine.ls_percent_reflns_R_free                 5.0 
_refine.ls_number_reflns_R_free                  726 
_refine.ls_number_parameters                     ? 
_refine.ls_number_restraints                     ? 
_refine.occupancy_min                            ? 
_refine.occupancy_max                            ? 
_refine.correlation_coeff_Fo_to_Fc               ? 
_refine.correlation_coeff_Fo_to_Fc_free          ? 
_refine.B_iso_mean                               ? 
_refine.aniso_B[1][1]                            ? 
_refine.aniso_B[2][2]                            ? 
_refine.aniso_B[3][3]                            ? 
_refine.aniso_B[1][2]                            ? 
_refine.aniso_B[1][3]                            ? 
_refine.aniso_B[2][3]                            ? 
_refine.solvent_model_details                    ? 
_refine.solvent_model_param_ksol                 ? 
_refine.solvent_model_param_bsol                 ? 
_refine.pdbx_solvent_vdw_probe_radii             ? 
_refine.pdbx_solvent_ion_probe_radii             ? 
_refine.pdbx_solvent_shrinkage_radii             ? 
_refine.pdbx_ls_cross_valid_method               THROUGHOUT 
_refine.details                                  ? 
_refine.pdbx_starting_model                      ? 
_refine.pdbx_method_to_determine_struct          MAD 
_refine.pdbx_isotropic_thermal_model             ? 
_refine.pdbx_stereochemistry_target_values       ? 
_refine.pdbx_stereochem_target_val_spec_case     ? 
_refine.pdbx_R_Free_selection_details            ? 
_refine.pdbx_overall_ESU_R                       ? 
_refine.pdbx_overall_ESU_R_Free                  ? 
_refine.overall_SU_ML                            ? 
_refine.pdbx_overall_phase_error                 ? 
_refine.overall_SU_B                             ? 
_refine.overall_SU_R_Cruickshank_DPI             ? 
_refine.pdbx_overall_SU_R_free_Cruickshank_DPI   ? 
_refine.pdbx_overall_SU_R_Blow_DPI               ? 
_refine.pdbx_overall_SU_R_free_Blow_DPI          ? 
# 
_refine_hist.pdbx_refine_id                   'X-RAY DIFFRACTION' 
_refine_hist.cycle_id                         LAST 
_refine_hist.pdbx_number_atoms_protein        1458 
_refine_hist.pdbx_number_atoms_nucleic_acid   0 
_refine_hist.pdbx_number_atoms_ligand         4 
_refine_hist.number_atoms_solvent             171 
_refine_hist.number_atoms_total               1633 
_refine_hist.d_res_high                       2.4 
_refine_hist.d_res_low                        30 
# 
loop_
_refine_ls_restr.type 
_refine_ls_restr.dev_ideal 
_refine_ls_restr.dev_ideal_target 
_refine_ls_restr.weight 
_refine_ls_restr.number 
_refine_ls_restr.pdbx_refine_id 
_refine_ls_restr.pdbx_restraint_function 
c_bond_d                0.021 ? ? ? 'X-RAY DIFFRACTION' ? 
c_bond_d_na             ?     ? ? ? 'X-RAY DIFFRACTION' ? 
c_bond_d_prot           ?     ? ? ? 'X-RAY DIFFRACTION' ? 
c_angle_d               ?     ? ? ? 'X-RAY DIFFRACTION' ? 
c_angle_d_na            ?     ? ? ? 'X-RAY DIFFRACTION' ? 
c_angle_d_prot          ?     ? ? ? 'X-RAY DIFFRACTION' ? 
c_angle_deg             1.86  ? ? ? 'X-RAY DIFFRACTION' ? 
c_angle_deg_na          ?     ? ? ? 'X-RAY DIFFRACTION' ? 
c_angle_deg_prot        ?     ? ? ? 'X-RAY DIFFRACTION' ? 
c_dihedral_angle_d      ?     ? ? ? 'X-RAY DIFFRACTION' ? 
c_dihedral_angle_d_na   ?     ? ? ? 'X-RAY DIFFRACTION' ? 
c_dihedral_angle_d_prot ?     ? ? ? 'X-RAY DIFFRACTION' ? 
c_improper_angle_d      ?     ? ? ? 'X-RAY DIFFRACTION' ? 
c_improper_angle_d_na   ?     ? ? ? 'X-RAY DIFFRACTION' ? 
c_improper_angle_d_prot ?     ? ? ? 'X-RAY DIFFRACTION' ? 
c_mcbond_it             ?     ? ? ? 'X-RAY DIFFRACTION' ? 
c_mcangle_it            ?     ? ? ? 'X-RAY DIFFRACTION' ? 
c_scbond_it             ?     ? ? ? 'X-RAY DIFFRACTION' ? 
c_scangle_it            ?     ? ? ? 'X-RAY DIFFRACTION' ? 
# 
_struct.entry_id                  1E44 
_struct.title                     'ribonuclease domain of colicin E3 in complex with its immunity protein' 
_struct.pdbx_model_details        ? 
_struct.pdbx_CASP_flag            ? 
_struct.pdbx_model_type_details   ? 
# 
_struct_keywords.entry_id        1E44 
_struct_keywords.pdbx_keywords   RIBONUCLEASE 
_struct_keywords.text            'RIBONUCLEASE, INHIBITION, PROTEIN-PROTEIN INTERACTIONS, RIBOSOME INACTIVATION, TOXIN' 
# 
loop_
_struct_asym.id 
_struct_asym.pdbx_blank_PDB_chainid_flag 
_struct_asym.pdbx_modified 
_struct_asym.entity_id 
_struct_asym.details 
A N N 1 ? 
B N N 2 ? 
C N N 3 ? 
D N N 4 ? 
E N N 4 ? 
# 
loop_
_struct_ref.id 
_struct_ref.db_name 
_struct_ref.db_code 
_struct_ref.entity_id 
_struct_ref.pdbx_seq_one_letter_code 
_struct_ref.pdbx_align_begin 
_struct_ref.pdbx_db_accession 
_struct_ref.pdbx_db_isoform 
1 UNP IMM3_ECOLI 1 ? ? P02984 ? 
2 UNP CEA3_ECOLI 2 ? ? P00646 ? 
# 
loop_
_struct_ref_seq.align_id 
_struct_ref_seq.ref_id 
_struct_ref_seq.pdbx_PDB_id_code 
_struct_ref_seq.pdbx_strand_id 
_struct_ref_seq.seq_align_beg 
_struct_ref_seq.pdbx_seq_align_beg_ins_code 
_struct_ref_seq.seq_align_end 
_struct_ref_seq.pdbx_seq_align_end_ins_code 
_struct_ref_seq.pdbx_db_accession 
_struct_ref_seq.db_align_beg 
_struct_ref_seq.pdbx_db_align_beg_ins_code 
_struct_ref_seq.db_align_end 
_struct_ref_seq.pdbx_db_align_end_ins_code 
_struct_ref_seq.pdbx_auth_seq_align_beg 
_struct_ref_seq.pdbx_auth_seq_align_end 
1 1 1E44 A 1 ? 85 ? P02984 1   ? 85  ? -1 84 
2 2 1E44 B 1 ? 96 ? P00646 456 ? 551 ? 1  96 
# 
_pdbx_struct_assembly.id                   1 
_pdbx_struct_assembly.details              software_defined_assembly 
_pdbx_struct_assembly.method_details       PQS 
_pdbx_struct_assembly.oligomeric_details   dimeric 
_pdbx_struct_assembly.oligomeric_count     2 
# 
loop_
_pdbx_struct_assembly_prop.biol_id 
_pdbx_struct_assembly_prop.type 
_pdbx_struct_assembly_prop.value 
_pdbx_struct_assembly_prop.details 
1 'ABSA (A^2)' 2980  ? 
1 MORE         -13.6 ? 
1 'SSA (A^2)'  10960 ? 
# 
_pdbx_struct_assembly_gen.assembly_id       1 
_pdbx_struct_assembly_gen.oper_expression   1 
_pdbx_struct_assembly_gen.asym_id_list      A,B,C,D,E 
# 
_pdbx_struct_oper_list.id                   1 
_pdbx_struct_oper_list.type                 'identity operation' 
_pdbx_struct_oper_list.name                 1_555 
_pdbx_struct_oper_list.symmetry_operation   x,y,z 
_pdbx_struct_oper_list.matrix[1][1]         1.0000000000 
_pdbx_struct_oper_list.matrix[1][2]         0.0000000000 
_pdbx_struct_oper_list.matrix[1][3]         0.0000000000 
_pdbx_struct_oper_list.vector[1]            0.0000000000 
_pdbx_struct_oper_list.matrix[2][1]         0.0000000000 
_pdbx_struct_oper_list.matrix[2][2]         1.0000000000 
_pdbx_struct_oper_list.matrix[2][3]         0.0000000000 
_pdbx_struct_oper_list.vector[2]            0.0000000000 
_pdbx_struct_oper_list.matrix[3][1]         0.0000000000 
_pdbx_struct_oper_list.matrix[3][2]         0.0000000000 
_pdbx_struct_oper_list.matrix[3][3]         1.0000000000 
_pdbx_struct_oper_list.vector[3]            0.0000000000 
# 
_struct_biol.id   1 
# 
loop_
_struct_conf.conf_type_id 
_struct_conf.id 
_struct_conf.pdbx_PDB_helix_id 
_struct_conf.beg_label_comp_id 
_struct_conf.beg_label_asym_id 
_struct_conf.beg_label_seq_id 
_struct_conf.pdbx_beg_PDB_ins_code 
_struct_conf.end_label_comp_id 
_struct_conf.end_label_asym_id 
_struct_conf.end_label_seq_id 
_struct_conf.pdbx_end_PDB_ins_code 
_struct_conf.beg_auth_comp_id 
_struct_conf.beg_auth_asym_id 
_struct_conf.beg_auth_seq_id 
_struct_conf.end_auth_comp_id 
_struct_conf.end_auth_asym_id 
_struct_conf.end_auth_seq_id 
_struct_conf.pdbx_PDB_helix_class 
_struct_conf.details 
_struct_conf.pdbx_PDB_helix_length 
HELX_P HELX_P1 1 GLY A 30 ? GLY A 37 ? GLY A 29 GLY A 36 1 ? 8 
HELX_P HELX_P2 2 GLU A 54 ? GLN A 60 ? GLU A 53 GLN A 59 1 ? 7 
HELX_P HELX_P3 3 PRO A 61 ? PHE A 63 ? PRO A 60 PHE A 62 5 ? 3 
HELX_P HELX_P4 4 GLY B 1  ? HIS B 7  ? GLY B 1  HIS B 7  1 ? 7 
HELX_P HELX_P5 5 LYS B 14 ? ILE B 18 ? LYS B 14 ILE B 18 5 ? 5 
HELX_P HELX_P6 6 ILE B 92 ? LEU B 96 ? ILE B 92 LEU B 96 5 ? 5 
# 
_struct_conf_type.id          HELX_P 
_struct_conf_type.criteria    ? 
_struct_conf_type.reference   ? 
# 
loop_
_struct_sheet.id 
_struct_sheet.type 
_struct_sheet.number_strands 
_struct_sheet.details 
A ? 4 ? 
B ? 4 ? 
# 
loop_
_struct_sheet_order.sheet_id 
_struct_sheet_order.range_id_1 
_struct_sheet_order.range_id_2 
_struct_sheet_order.offset 
_struct_sheet_order.sense 
A 1 2 ? anti-parallel 
A 2 3 ? anti-parallel 
A 3 4 ? anti-parallel 
B 1 2 ? anti-parallel 
B 2 3 ? anti-parallel 
B 3 4 ? anti-parallel 
# 
loop_
_struct_sheet_range.sheet_id 
_struct_sheet_range.id 
_struct_sheet_range.beg_label_comp_id 
_struct_sheet_range.beg_label_asym_id 
_struct_sheet_range.beg_label_seq_id 
_struct_sheet_range.pdbx_beg_PDB_ins_code 
_struct_sheet_range.end_label_comp_id 
_struct_sheet_range.end_label_asym_id 
_struct_sheet_range.end_label_seq_id 
_struct_sheet_range.pdbx_end_PDB_ins_code 
_struct_sheet_range.beg_auth_comp_id 
_struct_sheet_range.beg_auth_asym_id 
_struct_sheet_range.beg_auth_seq_id 
_struct_sheet_range.end_auth_comp_id 
_struct_sheet_range.end_auth_asym_id 
_struct_sheet_range.end_auth_seq_id 
A 1 CYS A 48 ? ASP A 50 ? CYS A 47 ASP A 49 
A 2 ASN A 72 ? TYR A 80 ? ASN A 71 TYR A 79 
A 3 LEU A 3  ? ASP A 11 ? LEU A 2  ASP A 10 
A 4 PHE A 17 ? TYR A 22 ? PHE A 16 TYR A 21 
B 1 LEU B 24 ? PRO B 26 ? LEU B 24 PRO B 26 
B 2 ARG B 42 ? GLY B 45 ? ARG B 42 GLY B 45 
B 3 LYS B 50 ? ASP B 55 ? LYS B 50 ASP B 55 
B 4 GLU B 60 ? ARG B 65 ? GLU B 60 ARG B 65 
# 
loop_
_pdbx_struct_sheet_hbond.sheet_id 
_pdbx_struct_sheet_hbond.range_id_1 
_pdbx_struct_sheet_hbond.range_id_2 
_pdbx_struct_sheet_hbond.range_1_label_atom_id 
_pdbx_struct_sheet_hbond.range_1_label_comp_id 
_pdbx_struct_sheet_hbond.range_1_label_asym_id 
_pdbx_struct_sheet_hbond.range_1_label_seq_id 
_pdbx_struct_sheet_hbond.range_1_PDB_ins_code 
_pdbx_struct_sheet_hbond.range_1_auth_atom_id 
_pdbx_struct_sheet_hbond.range_1_auth_comp_id 
_pdbx_struct_sheet_hbond.range_1_auth_asym_id 
_pdbx_struct_sheet_hbond.range_1_auth_seq_id 
_pdbx_struct_sheet_hbond.range_2_label_atom_id 
_pdbx_struct_sheet_hbond.range_2_label_comp_id 
_pdbx_struct_sheet_hbond.range_2_label_asym_id 
_pdbx_struct_sheet_hbond.range_2_label_seq_id 
_pdbx_struct_sheet_hbond.range_2_PDB_ins_code 
_pdbx_struct_sheet_hbond.range_2_auth_atom_id 
_pdbx_struct_sheet_hbond.range_2_auth_comp_id 
_pdbx_struct_sheet_hbond.range_2_auth_asym_id 
_pdbx_struct_sheet_hbond.range_2_auth_seq_id 
A 1 2 O PHE A 49 ? O PHE A 48 N VAL A 76 ? N VAL A 75 
A 2 3 O GLU A 73 ? O GLU A 72 N PHE A 10 ? N PHE A 9  
A 3 4 O LEU A 7  ? O LEU A 6  N GLU A 21 ? N GLU A 20 
B 1 2 O LYS B 25 ? O LYS B 25 N THR B 44 ? N THR B 44 
B 2 3 O TRP B 43 ? O TRP B 43 N TYR B 52 ? N TYR B 52 
B 3 4 O ILE B 51 ? O ILE B 51 N TYR B 64 ? N TYR B 64 
# 
_struct_site.id                   AC1 
_struct_site.pdbx_evidence_code   Software 
_struct_site.pdbx_auth_asym_id    B 
_struct_site.pdbx_auth_comp_id    EDO 
_struct_site.pdbx_auth_seq_id     401 
_struct_site.pdbx_auth_ins_code   ? 
_struct_site.pdbx_num_residues    7 
_struct_site.details              'BINDING SITE FOR RESIDUE EDO B 401' 
# 
loop_
_struct_site_gen.id 
_struct_site_gen.site_id 
_struct_site_gen.pdbx_num_res 
_struct_site_gen.label_comp_id 
_struct_site_gen.label_asym_id 
_struct_site_gen.label_seq_id 
_struct_site_gen.pdbx_auth_ins_code 
_struct_site_gen.auth_comp_id 
_struct_site_gen.auth_asym_id 
_struct_site_gen.auth_seq_id 
_struct_site_gen.label_atom_id 
_struct_site_gen.label_alt_id 
_struct_site_gen.symmetry 
_struct_site_gen.details 
1 AC1 7 ASP A 6  ? ASP A 5    . ? 1_555 ? 
2 AC1 7 GLU A 20 ? GLU A 19   . ? 1_555 ? 
3 AC1 7 THR B 15 ? THR B 15   . ? 1_555 ? 
4 AC1 7 TRP B 43 ? TRP B 43   . ? 1_555 ? 
5 AC1 7 HOH E .  ? HOH B 2038 . ? 1_555 ? 
6 AC1 7 HOH E .  ? HOH B 2054 . ? 1_555 ? 
7 AC1 7 HOH E .  ? HOH B 2087 . ? 1_555 ? 
# 
_pdbx_validate_rmsd_bond.id                        1 
_pdbx_validate_rmsd_bond.PDB_model_num             1 
_pdbx_validate_rmsd_bond.auth_atom_id_1            N 
_pdbx_validate_rmsd_bond.auth_asym_id_1            A 
_pdbx_validate_rmsd_bond.auth_comp_id_1            GLY 
_pdbx_validate_rmsd_bond.auth_seq_id_1             1 
_pdbx_validate_rmsd_bond.PDB_ins_code_1            ? 
_pdbx_validate_rmsd_bond.label_alt_id_1            ? 
_pdbx_validate_rmsd_bond.auth_atom_id_2            CA 
_pdbx_validate_rmsd_bond.auth_asym_id_2            A 
_pdbx_validate_rmsd_bond.auth_comp_id_2            GLY 
_pdbx_validate_rmsd_bond.auth_seq_id_2             1 
_pdbx_validate_rmsd_bond.PDB_ins_code_2            ? 
_pdbx_validate_rmsd_bond.label_alt_id_2            ? 
_pdbx_validate_rmsd_bond.bond_value                1.569 
_pdbx_validate_rmsd_bond.bond_target_value         1.456 
_pdbx_validate_rmsd_bond.bond_deviation            0.113 
_pdbx_validate_rmsd_bond.bond_standard_deviation   0.015 
_pdbx_validate_rmsd_bond.linker_flag               N 
# 
_pdbx_validate_rmsd_angle.id                         1 
_pdbx_validate_rmsd_angle.PDB_model_num              1 
_pdbx_validate_rmsd_angle.auth_atom_id_1             CB 
_pdbx_validate_rmsd_angle.auth_asym_id_1             B 
_pdbx_validate_rmsd_angle.auth_comp_id_1             ASP 
_pdbx_validate_rmsd_angle.auth_seq_id_1              55 
_pdbx_validate_rmsd_angle.PDB_ins_code_1             ? 
_pdbx_validate_rmsd_angle.label_alt_id_1             ? 
_pdbx_validate_rmsd_angle.auth_atom_id_2             CG 
_pdbx_validate_rmsd_angle.auth_asym_id_2             B 
_pdbx_validate_rmsd_angle.auth_comp_id_2             ASP 
_pdbx_validate_rmsd_angle.auth_seq_id_2              55 
_pdbx_validate_rmsd_angle.PDB_ins_code_2             ? 
_pdbx_validate_rmsd_angle.label_alt_id_2             ? 
_pdbx_validate_rmsd_angle.auth_atom_id_3             OD1 
_pdbx_validate_rmsd_angle.auth_asym_id_3             B 
_pdbx_validate_rmsd_angle.auth_comp_id_3             ASP 
_pdbx_validate_rmsd_angle.auth_seq_id_3              55 
_pdbx_validate_rmsd_angle.PDB_ins_code_3             ? 
_pdbx_validate_rmsd_angle.label_alt_id_3             ? 
_pdbx_validate_rmsd_angle.angle_value                124.00 
_pdbx_validate_rmsd_angle.angle_target_value         118.30 
_pdbx_validate_rmsd_angle.angle_deviation            5.70 
_pdbx_validate_rmsd_angle.angle_standard_deviation   0.90 
_pdbx_validate_rmsd_angle.linker_flag                N 
# 
loop_
_pdbx_validate_torsion.id 
_pdbx_validate_torsion.PDB_model_num 
_pdbx_validate_torsion.auth_comp_id 
_pdbx_validate_torsion.auth_asym_id 
_pdbx_validate_torsion.auth_seq_id 
_pdbx_validate_torsion.PDB_ins_code 
_pdbx_validate_torsion.label_alt_id 
_pdbx_validate_torsion.phi 
_pdbx_validate_torsion.psi 
1 1 ASN A 45 ? ? -154.01 49.15 
2 1 LYS B 30 ? ? -142.16 -7.79 
# 
_pdbx_unobs_or_zero_occ_residues.id               1 
_pdbx_unobs_or_zero_occ_residues.PDB_model_num    1 
_pdbx_unobs_or_zero_occ_residues.polymer_flag     Y 
_pdbx_unobs_or_zero_occ_residues.occupancy_flag   1 
_pdbx_unobs_or_zero_occ_residues.auth_asym_id     A 
_pdbx_unobs_or_zero_occ_residues.auth_comp_id     MET 
_pdbx_unobs_or_zero_occ_residues.auth_seq_id      -1 
_pdbx_unobs_or_zero_occ_residues.PDB_ins_code     ? 
_pdbx_unobs_or_zero_occ_residues.label_asym_id    A 
_pdbx_unobs_or_zero_occ_residues.label_comp_id    MET 
_pdbx_unobs_or_zero_occ_residues.label_seq_id     1 
# 
loop_
_chem_comp_atom.comp_id 
_chem_comp_atom.atom_id 
_chem_comp_atom.type_symbol 
_chem_comp_atom.pdbx_aromatic_flag 
_chem_comp_atom.pdbx_stereo_config 
_chem_comp_atom.pdbx_ordinal 
ALA N    N N N 1   
ALA CA   C N S 2   
ALA C    C N N 3   
ALA O    O N N 4   
ALA CB   C N N 5   
ALA OXT  O N N 6   
ALA H    H N N 7   
ALA H2   H N N 8   
ALA HA   H N N 9   
ALA HB1  H N N 10  
ALA HB2  H N N 11  
ALA HB3  H N N 12  
ALA HXT  H N N 13  
ARG N    N N N 14  
ARG CA   C N S 15  
ARG C    C N N 16  
ARG O    O N N 17  
ARG CB   C N N 18  
ARG CG   C N N 19  
ARG CD   C N N 20  
ARG NE   N N N 21  
ARG CZ   C N N 22  
ARG NH1  N N N 23  
ARG NH2  N N N 24  
ARG OXT  O N N 25  
ARG H    H N N 26  
ARG H2   H N N 27  
ARG HA   H N N 28  
ARG HB2  H N N 29  
ARG HB3  H N N 30  
ARG HG2  H N N 31  
ARG HG3  H N N 32  
ARG HD2  H N N 33  
ARG HD3  H N N 34  
ARG HE   H N N 35  
ARG HH11 H N N 36  
ARG HH12 H N N 37  
ARG HH21 H N N 38  
ARG HH22 H N N 39  
ARG HXT  H N N 40  
ASN N    N N N 41  
ASN CA   C N S 42  
ASN C    C N N 43  
ASN O    O N N 44  
ASN CB   C N N 45  
ASN CG   C N N 46  
ASN OD1  O N N 47  
ASN ND2  N N N 48  
ASN OXT  O N N 49  
ASN H    H N N 50  
ASN H2   H N N 51  
ASN HA   H N N 52  
ASN HB2  H N N 53  
ASN HB3  H N N 54  
ASN HD21 H N N 55  
ASN HD22 H N N 56  
ASN HXT  H N N 57  
ASP N    N N N 58  
ASP CA   C N S 59  
ASP C    C N N 60  
ASP O    O N N 61  
ASP CB   C N N 62  
ASP CG   C N N 63  
ASP OD1  O N N 64  
ASP OD2  O N N 65  
ASP OXT  O N N 66  
ASP H    H N N 67  
ASP H2   H N N 68  
ASP HA   H N N 69  
ASP HB2  H N N 70  
ASP HB3  H N N 71  
ASP HD2  H N N 72  
ASP HXT  H N N 73  
CYS N    N N N 74  
CYS CA   C N R 75  
CYS C    C N N 76  
CYS O    O N N 77  
CYS CB   C N N 78  
CYS SG   S N N 79  
CYS OXT  O N N 80  
CYS H    H N N 81  
CYS H2   H N N 82  
CYS HA   H N N 83  
CYS HB2  H N N 84  
CYS HB3  H N N 85  
CYS HG   H N N 86  
CYS HXT  H N N 87  
EDO C1   C N N 88  
EDO O1   O N N 89  
EDO C2   C N N 90  
EDO O2   O N N 91  
EDO H11  H N N 92  
EDO H12  H N N 93  
EDO HO1  H N N 94  
EDO H21  H N N 95  
EDO H22  H N N 96  
EDO HO2  H N N 97  
GLN N    N N N 98  
GLN CA   C N S 99  
GLN C    C N N 100 
GLN O    O N N 101 
GLN CB   C N N 102 
GLN CG   C N N 103 
GLN CD   C N N 104 
GLN OE1  O N N 105 
GLN NE2  N N N 106 
GLN OXT  O N N 107 
GLN H    H N N 108 
GLN H2   H N N 109 
GLN HA   H N N 110 
GLN HB2  H N N 111 
GLN HB3  H N N 112 
GLN HG2  H N N 113 
GLN HG3  H N N 114 
GLN HE21 H N N 115 
GLN HE22 H N N 116 
GLN HXT  H N N 117 
GLU N    N N N 118 
GLU CA   C N S 119 
GLU C    C N N 120 
GLU O    O N N 121 
GLU CB   C N N 122 
GLU CG   C N N 123 
GLU CD   C N N 124 
GLU OE1  O N N 125 
GLU OE2  O N N 126 
GLU OXT  O N N 127 
GLU H    H N N 128 
GLU H2   H N N 129 
GLU HA   H N N 130 
GLU HB2  H N N 131 
GLU HB3  H N N 132 
GLU HG2  H N N 133 
GLU HG3  H N N 134 
GLU HE2  H N N 135 
GLU HXT  H N N 136 
GLY N    N N N 137 
GLY CA   C N N 138 
GLY C    C N N 139 
GLY O    O N N 140 
GLY OXT  O N N 141 
GLY H    H N N 142 
GLY H2   H N N 143 
GLY HA2  H N N 144 
GLY HA3  H N N 145 
GLY HXT  H N N 146 
HIS N    N N N 147 
HIS CA   C N S 148 
HIS C    C N N 149 
HIS O    O N N 150 
HIS CB   C N N 151 
HIS CG   C Y N 152 
HIS ND1  N Y N 153 
HIS CD2  C Y N 154 
HIS CE1  C Y N 155 
HIS NE2  N Y N 156 
HIS OXT  O N N 157 
HIS H    H N N 158 
HIS H2   H N N 159 
HIS HA   H N N 160 
HIS HB2  H N N 161 
HIS HB3  H N N 162 
HIS HD1  H N N 163 
HIS HD2  H N N 164 
HIS HE1  H N N 165 
HIS HE2  H N N 166 
HIS HXT  H N N 167 
HOH O    O N N 168 
HOH H1   H N N 169 
HOH H2   H N N 170 
ILE N    N N N 171 
ILE CA   C N S 172 
ILE C    C N N 173 
ILE O    O N N 174 
ILE CB   C N S 175 
ILE CG1  C N N 176 
ILE CG2  C N N 177 
ILE CD1  C N N 178 
ILE OXT  O N N 179 
ILE H    H N N 180 
ILE H2   H N N 181 
ILE HA   H N N 182 
ILE HB   H N N 183 
ILE HG12 H N N 184 
ILE HG13 H N N 185 
ILE HG21 H N N 186 
ILE HG22 H N N 187 
ILE HG23 H N N 188 
ILE HD11 H N N 189 
ILE HD12 H N N 190 
ILE HD13 H N N 191 
ILE HXT  H N N 192 
LEU N    N N N 193 
LEU CA   C N S 194 
LEU C    C N N 195 
LEU O    O N N 196 
LEU CB   C N N 197 
LEU CG   C N N 198 
LEU CD1  C N N 199 
LEU CD2  C N N 200 
LEU OXT  O N N 201 
LEU H    H N N 202 
LEU H2   H N N 203 
LEU HA   H N N 204 
LEU HB2  H N N 205 
LEU HB3  H N N 206 
LEU HG   H N N 207 
LEU HD11 H N N 208 
LEU HD12 H N N 209 
LEU HD13 H N N 210 
LEU HD21 H N N 211 
LEU HD22 H N N 212 
LEU HD23 H N N 213 
LEU HXT  H N N 214 
LYS N    N N N 215 
LYS CA   C N S 216 
LYS C    C N N 217 
LYS O    O N N 218 
LYS CB   C N N 219 
LYS CG   C N N 220 
LYS CD   C N N 221 
LYS CE   C N N 222 
LYS NZ   N N N 223 
LYS OXT  O N N 224 
LYS H    H N N 225 
LYS H2   H N N 226 
LYS HA   H N N 227 
LYS HB2  H N N 228 
LYS HB3  H N N 229 
LYS HG2  H N N 230 
LYS HG3  H N N 231 
LYS HD2  H N N 232 
LYS HD3  H N N 233 
LYS HE2  H N N 234 
LYS HE3  H N N 235 
LYS HZ1  H N N 236 
LYS HZ2  H N N 237 
LYS HZ3  H N N 238 
LYS HXT  H N N 239 
MET N    N N N 240 
MET CA   C N S 241 
MET C    C N N 242 
MET O    O N N 243 
MET CB   C N N 244 
MET CG   C N N 245 
MET SD   S N N 246 
MET CE   C N N 247 
MET OXT  O N N 248 
MET H    H N N 249 
MET H2   H N N 250 
MET HA   H N N 251 
MET HB2  H N N 252 
MET HB3  H N N 253 
MET HG2  H N N 254 
MET HG3  H N N 255 
MET HE1  H N N 256 
MET HE2  H N N 257 
MET HE3  H N N 258 
MET HXT  H N N 259 
PHE N    N N N 260 
PHE CA   C N S 261 
PHE C    C N N 262 
PHE O    O N N 263 
PHE CB   C N N 264 
PHE CG   C Y N 265 
PHE CD1  C Y N 266 
PHE CD2  C Y N 267 
PHE CE1  C Y N 268 
PHE CE2  C Y N 269 
PHE CZ   C Y N 270 
PHE OXT  O N N 271 
PHE H    H N N 272 
PHE H2   H N N 273 
PHE HA   H N N 274 
PHE HB2  H N N 275 
PHE HB3  H N N 276 
PHE HD1  H N N 277 
PHE HD2  H N N 278 
PHE HE1  H N N 279 
PHE HE2  H N N 280 
PHE HZ   H N N 281 
PHE HXT  H N N 282 
PRO N    N N N 283 
PRO CA   C N S 284 
PRO C    C N N 285 
PRO O    O N N 286 
PRO CB   C N N 287 
PRO CG   C N N 288 
PRO CD   C N N 289 
PRO OXT  O N N 290 
PRO H    H N N 291 
PRO HA   H N N 292 
PRO HB2  H N N 293 
PRO HB3  H N N 294 
PRO HG2  H N N 295 
PRO HG3  H N N 296 
PRO HD2  H N N 297 
PRO HD3  H N N 298 
PRO HXT  H N N 299 
SER N    N N N 300 
SER CA   C N S 301 
SER C    C N N 302 
SER O    O N N 303 
SER CB   C N N 304 
SER OG   O N N 305 
SER OXT  O N N 306 
SER H    H N N 307 
SER H2   H N N 308 
SER HA   H N N 309 
SER HB2  H N N 310 
SER HB3  H N N 311 
SER HG   H N N 312 
SER HXT  H N N 313 
THR N    N N N 314 
THR CA   C N S 315 
THR C    C N N 316 
THR O    O N N 317 
THR CB   C N R 318 
THR OG1  O N N 319 
THR CG2  C N N 320 
THR OXT  O N N 321 
THR H    H N N 322 
THR H2   H N N 323 
THR HA   H N N 324 
THR HB   H N N 325 
THR HG1  H N N 326 
THR HG21 H N N 327 
THR HG22 H N N 328 
THR HG23 H N N 329 
THR HXT  H N N 330 
TRP N    N N N 331 
TRP CA   C N S 332 
TRP C    C N N 333 
TRP O    O N N 334 
TRP CB   C N N 335 
TRP CG   C Y N 336 
TRP CD1  C Y N 337 
TRP CD2  C Y N 338 
TRP NE1  N Y N 339 
TRP CE2  C Y N 340 
TRP CE3  C Y N 341 
TRP CZ2  C Y N 342 
TRP CZ3  C Y N 343 
TRP CH2  C Y N 344 
TRP OXT  O N N 345 
TRP H    H N N 346 
TRP H2   H N N 347 
TRP HA   H N N 348 
TRP HB2  H N N 349 
TRP HB3  H N N 350 
TRP HD1  H N N 351 
TRP HE1  H N N 352 
TRP HE3  H N N 353 
TRP HZ2  H N N 354 
TRP HZ3  H N N 355 
TRP HH2  H N N 356 
TRP HXT  H N N 357 
TYR N    N N N 358 
TYR CA   C N S 359 
TYR C    C N N 360 
TYR O    O N N 361 
TYR CB   C N N 362 
TYR CG   C Y N 363 
TYR CD1  C Y N 364 
TYR CD2  C Y N 365 
TYR CE1  C Y N 366 
TYR CE2  C Y N 367 
TYR CZ   C Y N 368 
TYR OH   O N N 369 
TYR OXT  O N N 370 
TYR H    H N N 371 
TYR H2   H N N 372 
TYR HA   H N N 373 
TYR HB2  H N N 374 
TYR HB3  H N N 375 
TYR HD1  H N N 376 
TYR HD2  H N N 377 
TYR HE1  H N N 378 
TYR HE2  H N N 379 
TYR HH   H N N 380 
TYR HXT  H N N 381 
VAL N    N N N 382 
VAL CA   C N S 383 
VAL C    C N N 384 
VAL O    O N N 385 
VAL CB   C N N 386 
VAL CG1  C N N 387 
VAL CG2  C N N 388 
VAL OXT  O N N 389 
VAL H    H N N 390 
VAL H2   H N N 391 
VAL HA   H N N 392 
VAL HB   H N N 393 
VAL HG11 H N N 394 
VAL HG12 H N N 395 
VAL HG13 H N N 396 
VAL HG21 H N N 397 
VAL HG22 H N N 398 
VAL HG23 H N N 399 
VAL HXT  H N N 400 
# 
loop_
_chem_comp_bond.comp_id 
_chem_comp_bond.atom_id_1 
_chem_comp_bond.atom_id_2 
_chem_comp_bond.value_order 
_chem_comp_bond.pdbx_aromatic_flag 
_chem_comp_bond.pdbx_stereo_config 
_chem_comp_bond.pdbx_ordinal 
ALA N   CA   sing N N 1   
ALA N   H    sing N N 2   
ALA N   H2   sing N N 3   
ALA CA  C    sing N N 4   
ALA CA  CB   sing N N 5   
ALA CA  HA   sing N N 6   
ALA C   O    doub N N 7   
ALA C   OXT  sing N N 8   
ALA CB  HB1  sing N N 9   
ALA CB  HB2  sing N N 10  
ALA CB  HB3  sing N N 11  
ALA OXT HXT  sing N N 12  
ARG N   CA   sing N N 13  
ARG N   H    sing N N 14  
ARG N   H2   sing N N 15  
ARG CA  C    sing N N 16  
ARG CA  CB   sing N N 17  
ARG CA  HA   sing N N 18  
ARG C   O    doub N N 19  
ARG C   OXT  sing N N 20  
ARG CB  CG   sing N N 21  
ARG CB  HB2  sing N N 22  
ARG CB  HB3  sing N N 23  
ARG CG  CD   sing N N 24  
ARG CG  HG2  sing N N 25  
ARG CG  HG3  sing N N 26  
ARG CD  NE   sing N N 27  
ARG CD  HD2  sing N N 28  
ARG CD  HD3  sing N N 29  
ARG NE  CZ   sing N N 30  
ARG NE  HE   sing N N 31  
ARG CZ  NH1  sing N N 32  
ARG CZ  NH2  doub N N 33  
ARG NH1 HH11 sing N N 34  
ARG NH1 HH12 sing N N 35  
ARG NH2 HH21 sing N N 36  
ARG NH2 HH22 sing N N 37  
ARG OXT HXT  sing N N 38  
ASN N   CA   sing N N 39  
ASN N   H    sing N N 40  
ASN N   H2   sing N N 41  
ASN CA  C    sing N N 42  
ASN CA  CB   sing N N 43  
ASN CA  HA   sing N N 44  
ASN C   O    doub N N 45  
ASN C   OXT  sing N N 46  
ASN CB  CG   sing N N 47  
ASN CB  HB2  sing N N 48  
ASN CB  HB3  sing N N 49  
ASN CG  OD1  doub N N 50  
ASN CG  ND2  sing N N 51  
ASN ND2 HD21 sing N N 52  
ASN ND2 HD22 sing N N 53  
ASN OXT HXT  sing N N 54  
ASP N   CA   sing N N 55  
ASP N   H    sing N N 56  
ASP N   H2   sing N N 57  
ASP CA  C    sing N N 58  
ASP CA  CB   sing N N 59  
ASP CA  HA   sing N N 60  
ASP C   O    doub N N 61  
ASP C   OXT  sing N N 62  
ASP CB  CG   sing N N 63  
ASP CB  HB2  sing N N 64  
ASP CB  HB3  sing N N 65  
ASP CG  OD1  doub N N 66  
ASP CG  OD2  sing N N 67  
ASP OD2 HD2  sing N N 68  
ASP OXT HXT  sing N N 69  
CYS N   CA   sing N N 70  
CYS N   H    sing N N 71  
CYS N   H2   sing N N 72  
CYS CA  C    sing N N 73  
CYS CA  CB   sing N N 74  
CYS CA  HA   sing N N 75  
CYS C   O    doub N N 76  
CYS C   OXT  sing N N 77  
CYS CB  SG   sing N N 78  
CYS CB  HB2  sing N N 79  
CYS CB  HB3  sing N N 80  
CYS SG  HG   sing N N 81  
CYS OXT HXT  sing N N 82  
EDO C1  O1   sing N N 83  
EDO C1  C2   sing N N 84  
EDO C1  H11  sing N N 85  
EDO C1  H12  sing N N 86  
EDO O1  HO1  sing N N 87  
EDO C2  O2   sing N N 88  
EDO C2  H21  sing N N 89  
EDO C2  H22  sing N N 90  
EDO O2  HO2  sing N N 91  
GLN N   CA   sing N N 92  
GLN N   H    sing N N 93  
GLN N   H2   sing N N 94  
GLN CA  C    sing N N 95  
GLN CA  CB   sing N N 96  
GLN CA  HA   sing N N 97  
GLN C   O    doub N N 98  
GLN C   OXT  sing N N 99  
GLN CB  CG   sing N N 100 
GLN CB  HB2  sing N N 101 
GLN CB  HB3  sing N N 102 
GLN CG  CD   sing N N 103 
GLN CG  HG2  sing N N 104 
GLN CG  HG3  sing N N 105 
GLN CD  OE1  doub N N 106 
GLN CD  NE2  sing N N 107 
GLN NE2 HE21 sing N N 108 
GLN NE2 HE22 sing N N 109 
GLN OXT HXT  sing N N 110 
GLU N   CA   sing N N 111 
GLU N   H    sing N N 112 
GLU N   H2   sing N N 113 
GLU CA  C    sing N N 114 
GLU CA  CB   sing N N 115 
GLU CA  HA   sing N N 116 
GLU C   O    doub N N 117 
GLU C   OXT  sing N N 118 
GLU CB  CG   sing N N 119 
GLU CB  HB2  sing N N 120 
GLU CB  HB3  sing N N 121 
GLU CG  CD   sing N N 122 
GLU CG  HG2  sing N N 123 
GLU CG  HG3  sing N N 124 
GLU CD  OE1  doub N N 125 
GLU CD  OE2  sing N N 126 
GLU OE2 HE2  sing N N 127 
GLU OXT HXT  sing N N 128 
GLY N   CA   sing N N 129 
GLY N   H    sing N N 130 
GLY N   H2   sing N N 131 
GLY CA  C    sing N N 132 
GLY CA  HA2  sing N N 133 
GLY CA  HA3  sing N N 134 
GLY C   O    doub N N 135 
GLY C   OXT  sing N N 136 
GLY OXT HXT  sing N N 137 
HIS N   CA   sing N N 138 
HIS N   H    sing N N 139 
HIS N   H2   sing N N 140 
HIS CA  C    sing N N 141 
HIS CA  CB   sing N N 142 
HIS CA  HA   sing N N 143 
HIS C   O    doub N N 144 
HIS C   OXT  sing N N 145 
HIS CB  CG   sing N N 146 
HIS CB  HB2  sing N N 147 
HIS CB  HB3  sing N N 148 
HIS CG  ND1  sing Y N 149 
HIS CG  CD2  doub Y N 150 
HIS ND1 CE1  doub Y N 151 
HIS ND1 HD1  sing N N 152 
HIS CD2 NE2  sing Y N 153 
HIS CD2 HD2  sing N N 154 
HIS CE1 NE2  sing Y N 155 
HIS CE1 HE1  sing N N 156 
HIS NE2 HE2  sing N N 157 
HIS OXT HXT  sing N N 158 
HOH O   H1   sing N N 159 
HOH O   H2   sing N N 160 
ILE N   CA   sing N N 161 
ILE N   H    sing N N 162 
ILE N   H2   sing N N 163 
ILE CA  C    sing N N 164 
ILE CA  CB   sing N N 165 
ILE CA  HA   sing N N 166 
ILE C   O    doub N N 167 
ILE C   OXT  sing N N 168 
ILE CB  CG1  sing N N 169 
ILE CB  CG2  sing N N 170 
ILE CB  HB   sing N N 171 
ILE CG1 CD1  sing N N 172 
ILE CG1 HG12 sing N N 173 
ILE CG1 HG13 sing N N 174 
ILE CG2 HG21 sing N N 175 
ILE CG2 HG22 sing N N 176 
ILE CG2 HG23 sing N N 177 
ILE CD1 HD11 sing N N 178 
ILE CD1 HD12 sing N N 179 
ILE CD1 HD13 sing N N 180 
ILE OXT HXT  sing N N 181 
LEU N   CA   sing N N 182 
LEU N   H    sing N N 183 
LEU N   H2   sing N N 184 
LEU CA  C    sing N N 185 
LEU CA  CB   sing N N 186 
LEU CA  HA   sing N N 187 
LEU C   O    doub N N 188 
LEU C   OXT  sing N N 189 
LEU CB  CG   sing N N 190 
LEU CB  HB2  sing N N 191 
LEU CB  HB3  sing N N 192 
LEU CG  CD1  sing N N 193 
LEU CG  CD2  sing N N 194 
LEU CG  HG   sing N N 195 
LEU CD1 HD11 sing N N 196 
LEU CD1 HD12 sing N N 197 
LEU CD1 HD13 sing N N 198 
LEU CD2 HD21 sing N N 199 
LEU CD2 HD22 sing N N 200 
LEU CD2 HD23 sing N N 201 
LEU OXT HXT  sing N N 202 
LYS N   CA   sing N N 203 
LYS N   H    sing N N 204 
LYS N   H2   sing N N 205 
LYS CA  C    sing N N 206 
LYS CA  CB   sing N N 207 
LYS CA  HA   sing N N 208 
LYS C   O    doub N N 209 
LYS C   OXT  sing N N 210 
LYS CB  CG   sing N N 211 
LYS CB  HB2  sing N N 212 
LYS CB  HB3  sing N N 213 
LYS CG  CD   sing N N 214 
LYS CG  HG2  sing N N 215 
LYS CG  HG3  sing N N 216 
LYS CD  CE   sing N N 217 
LYS CD  HD2  sing N N 218 
LYS CD  HD3  sing N N 219 
LYS CE  NZ   sing N N 220 
LYS CE  HE2  sing N N 221 
LYS CE  HE3  sing N N 222 
LYS NZ  HZ1  sing N N 223 
LYS NZ  HZ2  sing N N 224 
LYS NZ  HZ3  sing N N 225 
LYS OXT HXT  sing N N 226 
MET N   CA   sing N N 227 
MET N   H    sing N N 228 
MET N   H2   sing N N 229 
MET CA  C    sing N N 230 
MET CA  CB   sing N N 231 
MET CA  HA   sing N N 232 
MET C   O    doub N N 233 
MET C   OXT  sing N N 234 
MET CB  CG   sing N N 235 
MET CB  HB2  sing N N 236 
MET CB  HB3  sing N N 237 
MET CG  SD   sing N N 238 
MET CG  HG2  sing N N 239 
MET CG  HG3  sing N N 240 
MET SD  CE   sing N N 241 
MET CE  HE1  sing N N 242 
MET CE  HE2  sing N N 243 
MET CE  HE3  sing N N 244 
MET OXT HXT  sing N N 245 
PHE N   CA   sing N N 246 
PHE N   H    sing N N 247 
PHE N   H2   sing N N 248 
PHE CA  C    sing N N 249 
PHE CA  CB   sing N N 250 
PHE CA  HA   sing N N 251 
PHE C   O    doub N N 252 
PHE C   OXT  sing N N 253 
PHE CB  CG   sing N N 254 
PHE CB  HB2  sing N N 255 
PHE CB  HB3  sing N N 256 
PHE CG  CD1  doub Y N 257 
PHE CG  CD2  sing Y N 258 
PHE CD1 CE1  sing Y N 259 
PHE CD1 HD1  sing N N 260 
PHE CD2 CE2  doub Y N 261 
PHE CD2 HD2  sing N N 262 
PHE CE1 CZ   doub Y N 263 
PHE CE1 HE1  sing N N 264 
PHE CE2 CZ   sing Y N 265 
PHE CE2 HE2  sing N N 266 
PHE CZ  HZ   sing N N 267 
PHE OXT HXT  sing N N 268 
PRO N   CA   sing N N 269 
PRO N   CD   sing N N 270 
PRO N   H    sing N N 271 
PRO CA  C    sing N N 272 
PRO CA  CB   sing N N 273 
PRO CA  HA   sing N N 274 
PRO C   O    doub N N 275 
PRO C   OXT  sing N N 276 
PRO CB  CG   sing N N 277 
PRO CB  HB2  sing N N 278 
PRO CB  HB3  sing N N 279 
PRO CG  CD   sing N N 280 
PRO CG  HG2  sing N N 281 
PRO CG  HG3  sing N N 282 
PRO CD  HD2  sing N N 283 
PRO CD  HD3  sing N N 284 
PRO OXT HXT  sing N N 285 
SER N   CA   sing N N 286 
SER N   H    sing N N 287 
SER N   H2   sing N N 288 
SER CA  C    sing N N 289 
SER CA  CB   sing N N 290 
SER CA  HA   sing N N 291 
SER C   O    doub N N 292 
SER C   OXT  sing N N 293 
SER CB  OG   sing N N 294 
SER CB  HB2  sing N N 295 
SER CB  HB3  sing N N 296 
SER OG  HG   sing N N 297 
SER OXT HXT  sing N N 298 
THR N   CA   sing N N 299 
THR N   H    sing N N 300 
THR N   H2   sing N N 301 
THR CA  C    sing N N 302 
THR CA  CB   sing N N 303 
THR CA  HA   sing N N 304 
THR C   O    doub N N 305 
THR C   OXT  sing N N 306 
THR CB  OG1  sing N N 307 
THR CB  CG2  sing N N 308 
THR CB  HB   sing N N 309 
THR OG1 HG1  sing N N 310 
THR CG2 HG21 sing N N 311 
THR CG2 HG22 sing N N 312 
THR CG2 HG23 sing N N 313 
THR OXT HXT  sing N N 314 
TRP N   CA   sing N N 315 
TRP N   H    sing N N 316 
TRP N   H2   sing N N 317 
TRP CA  C    sing N N 318 
TRP CA  CB   sing N N 319 
TRP CA  HA   sing N N 320 
TRP C   O    doub N N 321 
TRP C   OXT  sing N N 322 
TRP CB  CG   sing N N 323 
TRP CB  HB2  sing N N 324 
TRP CB  HB3  sing N N 325 
TRP CG  CD1  doub Y N 326 
TRP CG  CD2  sing Y N 327 
TRP CD1 NE1  sing Y N 328 
TRP CD1 HD1  sing N N 329 
TRP CD2 CE2  doub Y N 330 
TRP CD2 CE3  sing Y N 331 
TRP NE1 CE2  sing Y N 332 
TRP NE1 HE1  sing N N 333 
TRP CE2 CZ2  sing Y N 334 
TRP CE3 CZ3  doub Y N 335 
TRP CE3 HE3  sing N N 336 
TRP CZ2 CH2  doub Y N 337 
TRP CZ2 HZ2  sing N N 338 
TRP CZ3 CH2  sing Y N 339 
TRP CZ3 HZ3  sing N N 340 
TRP CH2 HH2  sing N N 341 
TRP OXT HXT  sing N N 342 
TYR N   CA   sing N N 343 
TYR N   H    sing N N 344 
TYR N   H2   sing N N 345 
TYR CA  C    sing N N 346 
TYR CA  CB   sing N N 347 
TYR CA  HA   sing N N 348 
TYR C   O    doub N N 349 
TYR C   OXT  sing N N 350 
TYR CB  CG   sing N N 351 
TYR CB  HB2  sing N N 352 
TYR CB  HB3  sing N N 353 
TYR CG  CD1  doub Y N 354 
TYR CG  CD2  sing Y N 355 
TYR CD1 CE1  sing Y N 356 
TYR CD1 HD1  sing N N 357 
TYR CD2 CE2  doub Y N 358 
TYR CD2 HD2  sing N N 359 
TYR CE1 CZ   doub Y N 360 
TYR CE1 HE1  sing N N 361 
TYR CE2 CZ   sing Y N 362 
TYR CE2 HE2  sing N N 363 
TYR CZ  OH   sing N N 364 
TYR OH  HH   sing N N 365 
TYR OXT HXT  sing N N 366 
VAL N   CA   sing N N 367 
VAL N   H    sing N N 368 
VAL N   H2   sing N N 369 
VAL CA  C    sing N N 370 
VAL CA  CB   sing N N 371 
VAL CA  HA   sing N N 372 
VAL C   O    doub N N 373 
VAL C   OXT  sing N N 374 
VAL CB  CG1  sing N N 375 
VAL CB  CG2  sing N N 376 
VAL CB  HB   sing N N 377 
VAL CG1 HG11 sing N N 378 
VAL CG1 HG12 sing N N 379 
VAL CG1 HG13 sing N N 380 
VAL CG2 HG21 sing N N 381 
VAL CG2 HG22 sing N N 382 
VAL CG2 HG23 sing N N 383 
VAL OXT HXT  sing N N 384 
# 
_atom_sites.entry_id                    1E44 
_atom_sites.fract_transf_matrix[1][1]   -0.00573457 
_atom_sites.fract_transf_matrix[1][2]   -0.00601210 
_atom_sites.fract_transf_matrix[1][3]   0.00910117 
_atom_sites.fract_transf_matrix[2][1]   -0.01220135 
_atom_sites.fract_transf_matrix[2][2]   0.00106566 
_atom_sites.fract_transf_matrix[2][3]   0.00135935 
_atom_sites.fract_transf_matrix[3][1]   -0.00178399 
_atom_sites.fract_transf_matrix[3][2]   -0.01030698 
_atom_sites.fract_transf_matrix[3][3]   -0.00793271 
_atom_sites.fract_transf_vector[1]      0.545737 
_atom_sites.fract_transf_vector[2]      0.342314 
_atom_sites.fract_transf_vector[3]      0.090644 
# 
loop_
_atom_type.symbol 
C 
N 
O 
S 
# 
loop_
_atom_site.group_PDB 
_atom_site.id 
_atom_site.type_symbol 
_atom_site.label_atom_id 
_atom_site.label_alt_id 
_atom_site.label_comp_id 
_atom_site.label_asym_id 
_atom_site.label_entity_id 
_atom_site.label_seq_id 
_atom_site.pdbx_PDB_ins_code 
_atom_site.Cartn_x 
_atom_site.Cartn_y 
_atom_site.Cartn_z 
_atom_site.occupancy 
_atom_site.B_iso_or_equiv 
_atom_site.pdbx_formal_charge 
_atom_site.auth_seq_id 
_atom_site.auth_comp_id 
_atom_site.auth_asym_id 
_atom_site.auth_atom_id 
_atom_site.pdbx_PDB_model_num 
ATOM   1    N N   . GLY A 1 2  ? -2.790  4.953   -15.998 1.00 41.81 ? 1    GLY A N   1 
ATOM   2    C CA  . GLY A 1 2  ? -1.226  4.869   -15.905 1.00 39.92 ? 1    GLY A CA  1 
ATOM   3    C C   . GLY A 1 2  ? -0.677  4.742   -14.481 1.00 39.14 ? 1    GLY A C   1 
ATOM   4    O O   . GLY A 1 2  ? -1.367  4.343   -13.549 1.00 42.23 ? 1    GLY A O   1 
ATOM   5    N N   . LEU A 1 3  ? 0.586   5.080   -14.318 1.00 41.02 ? 2    LEU A N   1 
ATOM   6    C CA  . LEU A 1 3  ? 1.253   5.078   -13.030 1.00 40.64 ? 2    LEU A CA  1 
ATOM   7    C C   . LEU A 1 3  ? 0.874   6.306   -12.203 1.00 49.93 ? 2    LEU A C   1 
ATOM   8    O O   . LEU A 1 3  ? 1.009   7.450   -12.700 1.00 54.86 ? 2    LEU A O   1 
ATOM   9    C CB  . LEU A 1 3  ? 2.748   5.122   -13.287 1.00 38.24 ? 2    LEU A CB  1 
ATOM   10   C CG  . LEU A 1 3  ? 3.545   5.512   -12.091 1.00 41.94 ? 2    LEU A CG  1 
ATOM   11   C CD1 . LEU A 1 3  ? 3.495   4.307   -11.037 1.00 41.00 ? 2    LEU A CD1 1 
ATOM   12   C CD2 . LEU A 1 3  ? 4.982   5.824   -12.607 1.00 38.27 ? 2    LEU A CD2 1 
ATOM   13   N N   . LYS A 1 4  ? 0.400   6.087   -10.969 1.00 43.52 ? 3    LYS A N   1 
ATOM   14   C CA  . LYS A 1 4  ? 0.325   7.156   -9.956  1.00 38.45 ? 3    LYS A CA  1 
ATOM   15   C C   . LYS A 1 4  ? 1.215   6.810   -8.745  1.00 42.57 ? 3    LYS A C   1 
ATOM   16   O O   . LYS A 1 4  ? 1.208   5.659   -8.285  1.00 45.78 ? 3    LYS A O   1 
ATOM   17   C CB  . LYS A 1 4  ? -1.117  7.355   -9.499  1.00 38.19 ? 3    LYS A CB  1 
ATOM   18   C CG  . LYS A 1 4  ? -2.067  7.938   -10.598 1.00 45.93 ? 3    LYS A CG  1 
ATOM   19   C CD  . LYS A 1 4  ? -3.494  8.184   -10.064 1.00 49.71 ? 3    LYS A CD  1 
ATOM   20   C CE  . LYS A 1 4  ? -4.421  8.826   -11.094 1.00 50.15 ? 3    LYS A CE  1 
ATOM   21   N NZ  . LYS A 1 4  ? -4.624  7.957   -12.290 1.00 56.62 ? 3    LYS A NZ  1 
ATOM   22   N N   . LEU A 1 5  ? 1.997   7.778   -8.253  1.00 38.57 ? 4    LEU A N   1 
ATOM   23   C CA  . LEU A 1 5  ? 2.614   7.681   -6.934  1.00 39.20 ? 4    LEU A CA  1 
ATOM   24   C C   . LEU A 1 5  ? 1.546   7.782   -5.840  1.00 43.88 ? 4    LEU A C   1 
ATOM   25   O O   . LEU A 1 5  ? 0.817   8.760   -5.794  1.00 46.71 ? 4    LEU A O   1 
ATOM   26   C CB  . LEU A 1 5  ? 3.579   8.806   -6.753  1.00 39.83 ? 4    LEU A CB  1 
ATOM   27   C CG  . LEU A 1 5  ? 4.679   8.835   -7.809  1.00 50.43 ? 4    LEU A CG  1 
ATOM   28   C CD1 . LEU A 1 5  ? 5.965   9.360   -7.214  1.00 50.17 ? 4    LEU A CD1 1 
ATOM   29   C CD2 . LEU A 1 5  ? 4.971   7.476   -8.282  1.00 42.07 ? 4    LEU A CD2 1 
ATOM   30   N N   . ASP A 1 6  ? 1.418   6.767   -4.983  1.00 42.05 ? 5    ASP A N   1 
ATOM   31   C CA  . ASP A 1 6  ? 0.428   6.824   -3.913  1.00 36.29 ? 5    ASP A CA  1 
ATOM   32   C C   . ASP A 1 6  ? 1.112   7.168   -2.583  1.00 42.85 ? 5    ASP A C   1 
ATOM   33   O O   . ASP A 1 6  ? 1.859   6.366   -2.030  1.00 46.38 ? 5    ASP A O   1 
ATOM   34   C CB  . ASP A 1 6  ? -0.285  5.497   -3.851  1.00 39.89 ? 5    ASP A CB  1 
ATOM   35   C CG  . ASP A 1 6  ? -1.355  5.455   -2.785  1.00 47.17 ? 5    ASP A CG  1 
ATOM   36   O OD1 . ASP A 1 6  ? -1.636  6.501   -2.182  1.00 44.74 ? 5    ASP A OD1 1 
ATOM   37   O OD2 . ASP A 1 6  ? -1.925  4.359   -2.550  1.00 41.58 ? 5    ASP A OD2 1 
ATOM   38   N N   . LEU A 1 7  ? 0.917   8.396   -2.106  1.00 43.78 ? 6    LEU A N   1 
ATOM   39   C CA  . LEU A 1 7  ? 1.670   8.891   -0.965  1.00 35.66 ? 6    LEU A CA  1 
ATOM   40   C C   . LEU A 1 7  ? 0.864   8.816   0.285   1.00 40.61 ? 6    LEU A C   1 
ATOM   41   O O   . LEU A 1 7  ? -0.275  9.196   0.297   1.00 47.15 ? 6    LEU A O   1 
ATOM   42   C CB  . LEU A 1 7  ? 2.117   10.326  -1.152  1.00 36.60 ? 6    LEU A CB  1 
ATOM   43   C CG  . LEU A 1 7  ? 2.988   10.921  -0.010  1.00 42.72 ? 6    LEU A CG  1 
ATOM   44   C CD1 . LEU A 1 7  ? 4.422   10.432  0.037   1.00 37.36 ? 6    LEU A CD1 1 
ATOM   45   C CD2 . LEU A 1 7  ? 3.025   12.451  -0.214  1.00 34.39 ? 6    LEU A CD2 1 
ATOM   46   N N   . THR A 1 8  ? 1.476   8.369   1.372   1.00 39.85 ? 7    THR A N   1 
ATOM   47   C CA  . THR A 1 8  ? 0.697   8.063   2.547   1.00 29.71 ? 7    THR A CA  1 
ATOM   48   C C   . THR A 1 8  ? 1.546   8.495   3.763   1.00 39.36 ? 7    THR A C   1 
ATOM   49   O O   . THR A 1 8  ? 2.769   8.412   3.724   1.00 43.06 ? 7    THR A O   1 
ATOM   50   C CB  . THR A 1 8  ? 0.346   6.585   2.361   1.00 44.09 ? 7    THR A CB  1 
ATOM   51   O OG1 . THR A 1 8  ? -1.058  6.405   2.489   1.00 44.17 ? 7    THR A OG1 1 
ATOM   52   C CG2 . THR A 1 8  ? 1.178   5.674   3.146   1.00 29.39 ? 7    THR A CG2 1 
ATOM   53   N N   . TRP A 1 9  ? 0.944   9.061   4.808   1.00 38.11 ? 8    TRP A N   1 
ATOM   54   C CA  . TRP A 1 9  ? 1.718   9.509   5.955   1.00 39.53 ? 8    TRP A CA  1 
ATOM   55   C C   . TRP A 1 9  ? 1.036   9.380   7.339   1.00 39.26 ? 8    TRP A C   1 
ATOM   56   O O   . TRP A 1 9  ? -0.164  9.253   7.444   1.00 39.31 ? 8    TRP A O   1 
ATOM   57   C CB  . TRP A 1 9  ? 2.254   10.938  5.726   1.00 32.48 ? 8    TRP A CB  1 
ATOM   58   C CG  . TRP A 1 9  ? 1.227   11.990  5.611   1.00 43.18 ? 8    TRP A CG  1 
ATOM   59   C CD1 . TRP A 1 9  ? 0.779   12.798  6.603   1.00 45.40 ? 8    TRP A CD1 1 
ATOM   60   C CD2 . TRP A 1 9  ? 0.572   12.422  4.419   1.00 46.90 ? 8    TRP A CD2 1 
ATOM   61   N NE1 . TRP A 1 9  ? -0.110  13.726  6.109   1.00 47.64 ? 8    TRP A NE1 1 
ATOM   62   C CE2 . TRP A 1 9  ? -0.258  13.518  4.767   1.00 49.77 ? 8    TRP A CE2 1 
ATOM   63   C CE3 . TRP A 1 9  ? 0.602   12.000  3.084   1.00 42.84 ? 8    TRP A CE3 1 
ATOM   64   C CZ2 . TRP A 1 9  ? -1.049  14.191  3.827   1.00 43.02 ? 8    TRP A CZ2 1 
ATOM   65   C CZ3 . TRP A 1 9  ? -0.192  12.666  2.166   1.00 41.08 ? 8    TRP A CZ3 1 
ATOM   66   C CH2 . TRP A 1 9  ? -0.999  13.747  2.539   1.00 38.95 ? 8    TRP A CH2 1 
ATOM   67   N N   . PHE A 1 10 ? 1.852   9.315   8.391   1.00 40.64 ? 9    PHE A N   1 
ATOM   68   C CA  . PHE A 1 10 ? 1.412   8.764   9.672   1.00 35.47 ? 9    PHE A CA  1 
ATOM   69   C C   . PHE A 1 10 ? 2.135   9.477   10.784  1.00 37.21 ? 9    PHE A C   1 
ATOM   70   O O   . PHE A 1 10 ? 3.252   9.959   10.585  1.00 43.40 ? 9    PHE A O   1 
ATOM   71   C CB  . PHE A 1 10 ? 1.717   7.288   9.755   1.00 29.48 ? 9    PHE A CB  1 
ATOM   72   C CG  . PHE A 1 10 ? 1.130   6.497   8.634   1.00 30.30 ? 9    PHE A CG  1 
ATOM   73   C CD1 . PHE A 1 10 ? 1.768   6.433   7.407   1.00 38.80 ? 9    PHE A CD1 1 
ATOM   74   C CD2 . PHE A 1 10 ? -0.055  5.771   8.808   1.00 30.25 ? 9    PHE A CD2 1 
ATOM   75   C CE1 . PHE A 1 10 ? 1.247   5.658   6.375   1.00 31.07 ? 9    PHE A CE1 1 
ATOM   76   C CE2 . PHE A 1 10 ? -0.602  4.980   7.772   1.00 33.61 ? 9    PHE A CE2 1 
ATOM   77   C CZ  . PHE A 1 10 ? 0.052   4.924   6.556   1.00 41.20 ? 9    PHE A CZ  1 
ATOM   78   N N   . ASP A 1 11 ? 1.473   9.601   11.920  1.00 33.56 ? 10   ASP A N   1 
ATOM   79   C CA  . ASP A 1 11 ? 2.008   10.337  13.026  1.00 35.01 ? 10   ASP A CA  1 
ATOM   80   C C   . ASP A 1 11 ? 3.192   9.569   13.662  1.00 39.06 ? 10   ASP A C   1 
ATOM   81   O O   . ASP A 1 11 ? 3.020   8.427   14.100  1.00 37.70 ? 10   ASP A O   1 
ATOM   82   C CB  . ASP A 1 11 ? 0.930   10.483  14.060  1.00 41.23 ? 10   ASP A CB  1 
ATOM   83   C CG  . ASP A 1 11 ? 1.322   11.423  15.170  1.00 47.73 ? 10   ASP A CG  1 
ATOM   84   O OD1 . ASP A 1 11 ? 1.990   10.960  16.135  1.00 49.33 ? 10   ASP A OD1 1 
ATOM   85   O OD2 . ASP A 1 11 ? 0.959   12.631  15.053  1.00 65.88 ? 10   ASP A OD2 1 
ATOM   86   N N   . LYS A 1 12 ? 4.359   10.182  13.731  1.00 37.18 ? 11   LYS A N   1 
ATOM   87   C CA  . LYS A 1 12 ? 5.499   9.499   14.333  1.00 41.96 ? 11   LYS A CA  1 
ATOM   88   C C   . LYS A 1 12 ? 5.246   9.055   15.780  1.00 43.44 ? 11   LYS A C   1 
ATOM   89   O O   . LYS A 1 12 ? 5.792   8.033   16.225  1.00 40.92 ? 11   LYS A O   1 
ATOM   90   C CB  . LYS A 1 12 ? 6.738   10.396  14.283  1.00 47.59 ? 11   LYS A CB  1 
ATOM   91   C CG  . LYS A 1 12 ? 7.455   10.438  12.942  1.00 46.96 ? 11   LYS A CG  1 
ATOM   92   C CD  . LYS A 1 12 ? 8.697   11.244  13.181  1.00 50.46 ? 11   LYS A CD  1 
ATOM   93   C CE  . LYS A 1 12 ? 9.559   11.360  11.978  1.00 52.89 ? 11   LYS A CE  1 
ATOM   94   N NZ  . LYS A 1 12 ? 10.669  12.296  12.263  1.00 52.76 ? 11   LYS A NZ  1 
ATOM   95   N N   . SER A 1 13 ? 4.421   9.809   16.513  1.00 43.08 ? 12   SER A N   1 
ATOM   96   C CA  . SER A 1 13 ? 4.168   9.514   17.934  1.00 40.31 ? 12   SER A CA  1 
ATOM   97   C C   . SER A 1 13 ? 3.195   8.409   18.145  1.00 45.64 ? 12   SER A C   1 
ATOM   98   O O   . SER A 1 13 ? 3.348   7.669   19.091  1.00 48.20 ? 12   SER A O   1 
ATOM   99   C CB  . SER A 1 13 ? 3.618   10.720  18.649  1.00 42.40 ? 12   SER A CB  1 
ATOM   100  O OG  . SER A 1 13 ? 4.512   11.789  18.480  1.00 58.68 ? 12   SER A OG  1 
ATOM   101  N N   . THR A 1 14 ? 2.166   8.295   17.299  1.00 40.02 ? 13   THR A N   1 
ATOM   102  C CA  . THR A 1 14 ? 1.066   7.377   17.631  1.00 38.19 ? 13   THR A CA  1 
ATOM   103  C C   . THR A 1 14 ? 0.967   6.359   16.540  1.00 42.92 ? 13   THR A C   1 
ATOM   104  O O   . THR A 1 14 ? 0.250   5.375   16.666  1.00 45.06 ? 13   THR A O   1 
ATOM   105  C CB  . THR A 1 14 ? -0.375  8.092   17.713  1.00 41.91 ? 13   THR A CB  1 
ATOM   106  O OG1 . THR A 1 14 ? -0.647  8.791   16.464  1.00 39.78 ? 13   THR A OG1 1 
ATOM   107  C CG2 . THR A 1 14 ? -0.468  9.062   18.948  1.00 32.22 ? 13   THR A CG2 1 
ATOM   108  N N   . GLU A 1 15 ? 1.656   6.625   15.435  1.00 44.17 ? 14   GLU A N   1 
ATOM   109  C CA  . GLU A 1 15 ? 1.409   5.897   14.202  1.00 43.52 ? 14   GLU A CA  1 
ATOM   110  C C   . GLU A 1 15 ? 0.005   6.085   13.576  1.00 43.31 ? 14   GLU A C   1 
ATOM   111  O O   . GLU A 1 15 ? -0.304  5.430   12.582  1.00 42.68 ? 14   GLU A O   1 
ATOM   112  C CB  . GLU A 1 15 ? 1.698   4.389   14.406  1.00 43.51 ? 14   GLU A CB  1 
ATOM   113  C CG  . GLU A 1 15 ? 3.112   4.092   14.901  1.00 43.90 ? 14   GLU A CG  1 
ATOM   114  C CD  . GLU A 1 15 ? 3.456   2.582   14.843  1.00 52.47 ? 14   GLU A CD  1 
ATOM   115  O OE1 . GLU A 1 15 ? 2.668   1.753   15.332  1.00 52.72 ? 14   GLU A OE1 1 
ATOM   116  O OE2 . GLU A 1 15 ? 4.525   2.213   14.302  1.00 55.75 ? 14   GLU A OE2 1 
ATOM   117  N N   . ASP A 1 16 ? -0.840  6.979   14.103  1.00 38.79 ? 15   ASP A N   1 
ATOM   118  C CA  . ASP A 1 16 ? -2.142  7.212   13.424  1.00 35.97 ? 15   ASP A CA  1 
ATOM   119  C C   . ASP A 1 16 ? -1.946  7.714   11.995  1.00 37.20 ? 15   ASP A C   1 
ATOM   120  O O   . ASP A 1 16 ? -1.042  8.518   11.698  1.00 31.69 ? 15   ASP A O   1 
ATOM   121  C CB  . ASP A 1 16 ? -2.974  8.290   14.129  1.00 40.01 ? 15   ASP A CB  1 
ATOM   122  C CG  . ASP A 1 16 ? -3.473  7.862   15.498  1.00 41.86 ? 15   ASP A CG  1 
ATOM   123  O OD1 . ASP A 1 16 ? -3.470  6.633   15.825  1.00 39.00 ? 15   ASP A OD1 1 
ATOM   124  O OD2 . ASP A 1 16 ? -3.897  8.785   16.258  1.00 50.43 ? 15   ASP A OD2 1 
ATOM   125  N N   . PHE A 1 17 ? -2.826  7.252   11.128  1.00 32.90 ? 16   PHE A N   1 
ATOM   126  C CA  . PHE A 1 17 ? -2.954  7.739   9.747   1.00 39.73 ? 16   PHE A CA  1 
ATOM   127  C C   . PHE A 1 17 ? -3.308  9.229   9.730   1.00 42.93 ? 16   PHE A C   1 
ATOM   128  O O   . PHE A 1 17 ? -4.210  9.653   10.426  1.00 43.09 ? 16   PHE A O   1 
ATOM   129  C CB  . PHE A 1 17 ? -4.062  6.937   9.034   1.00 35.72 ? 16   PHE A CB  1 
ATOM   130  C CG  . PHE A 1 17 ? -4.459  7.510   7.717   1.00 36.46 ? 16   PHE A CG  1 
ATOM   131  C CD1 . PHE A 1 17 ? -3.570  7.493   6.641   1.00 37.05 ? 16   PHE A CD1 1 
ATOM   132  C CD2 . PHE A 1 17 ? -5.735  8.073   7.534   1.00 46.31 ? 16   PHE A CD2 1 
ATOM   133  C CE1 . PHE A 1 17 ? -3.949  8.036   5.370   1.00 50.78 ? 16   PHE A CE1 1 
ATOM   134  C CE2 . PHE A 1 17 ? -6.133  8.606   6.296   1.00 38.13 ? 16   PHE A CE2 1 
ATOM   135  C CZ  . PHE A 1 17 ? -5.259  8.600   5.203   1.00 38.16 ? 16   PHE A CZ  1 
ATOM   136  N N   . LYS A 1 18 ? -2.594  10.027  8.955   1.00 38.11 ? 17   LYS A N   1 
ATOM   137  C CA  . LYS A 1 18 ? -3.012  11.396  8.822   1.00 44.53 ? 17   LYS A CA  1 
ATOM   138  C C   . LYS A 1 18 ? -3.247  11.883  7.403   1.00 42.73 ? 17   LYS A C   1 
ATOM   139  O O   . LYS A 1 18 ? -3.592  13.008  7.244   1.00 50.14 ? 17   LYS A O   1 
ATOM   140  C CB  . LYS A 1 18 ? -2.029  12.391  9.458   1.00 49.52 ? 17   LYS A CB  1 
ATOM   141  C CG  . LYS A 1 18 ? -0.930  11.867  10.333  1.00 53.74 ? 17   LYS A CG  1 
ATOM   142  C CD  . LYS A 1 18 ? -0.430  12.965  11.353  1.00 60.70 ? 17   LYS A CD  1 
ATOM   143  C CE  . LYS A 1 18 ? -0.049  14.303  10.652  1.00 59.07 ? 17   LYS A CE  1 
ATOM   144  N NZ  . LYS A 1 18 ? 0.762   15.250  11.462  1.00 57.48 ? 17   LYS A NZ  1 
ATOM   145  N N   . GLY A 1 19 ? -3.047  11.084  6.375   1.00 42.12 ? 18   GLY A N   1 
ATOM   146  C CA  . GLY A 1 19 ? -3.208  11.628  5.055   1.00 42.59 ? 18   GLY A CA  1 
ATOM   147  C C   . GLY A 1 19 ? -2.715  10.713  3.995   1.00 48.12 ? 18   GLY A C   1 
ATOM   148  O O   . GLY A 1 19 ? -1.799  9.890   4.195   1.00 47.14 ? 18   GLY A O   1 
ATOM   149  N N   . GLU A 1 20 ? -3.332  10.895  2.832   1.00 55.67 ? 19   GLU A N   1 
ATOM   150  C CA  . GLU A 1 20 ? -3.036  10.149  1.594   1.00 48.96 ? 19   GLU A CA  1 
ATOM   151  C C   . GLU A 1 20 ? -3.205  11.126  0.460   1.00 45.20 ? 19   GLU A C   1 
ATOM   152  O O   . GLU A 1 20 ? -4.130  11.894  0.491   1.00 52.25 ? 19   GLU A O   1 
ATOM   153  C CB  . GLU A 1 20 ? -4.006  8.980   1.431   1.00 40.52 ? 19   GLU A CB  1 
ATOM   154  C CG  . GLU A 1 20 ? -3.857  8.331   0.081   1.00 34.48 ? 19   GLU A CG  1 
ATOM   155  C CD  . GLU A 1 20 ? -4.401  6.924   0.095   1.00 43.68 ? 19   GLU A CD  1 
ATOM   156  O OE1 . GLU A 1 20 ? -5.488  6.718   0.750   1.00 55.13 ? 19   GLU A OE1 1 
ATOM   157  O OE2 . GLU A 1 20 ? -3.761  6.028   -0.548  1.00 42.85 ? 19   GLU A OE2 1 
ATOM   158  N N   . GLU A 1 21 ? -2.273  11.142  -0.490  1.00 49.67 ? 20   GLU A N   1 
ATOM   159  C CA  . GLU A 1 21 ? -2.383  11.901  -1.736  1.00 49.20 ? 20   GLU A CA  1 
ATOM   160  C C   . GLU A 1 21 ? -1.780  11.139  -2.951  1.00 48.53 ? 20   GLU A C   1 
ATOM   161  O O   . GLU A 1 21 ? -0.704  10.518  -2.862  1.00 45.56 ? 20   GLU A O   1 
ATOM   162  C CB  . GLU A 1 21 ? -1.687  13.256  -1.593  1.00 49.77 ? 20   GLU A CB  1 
ATOM   163  C CG  . GLU A 1 21 ? -1.800  14.186  -2.831  1.00 46.00 ? 20   GLU A CG  1 
ATOM   164  C CD  . GLU A 1 21 ? -1.085  15.566  -2.660  1.00 59.25 ? 20   GLU A CD  1 
ATOM   165  O OE1 . GLU A 1 21 ? -0.870  16.033  -1.519  1.00 59.40 ? 20   GLU A OE1 1 
ATOM   166  O OE2 . GLU A 1 21 ? -0.749  16.218  -3.667  1.00 52.13 ? 20   GLU A OE2 1 
ATOM   167  N N   . TYR A 1 22 ? -2.487  11.191  -4.084  1.00 45.64 ? 21   TYR A N   1 
ATOM   168  C CA  . TYR A 1 22 ? -1.972  10.605  -5.324  1.00 43.22 ? 21   TYR A CA  1 
ATOM   169  C C   . TYR A 1 22 ? -1.388  11.667  -6.172  1.00 41.39 ? 21   TYR A C   1 
ATOM   170  O O   . TYR A 1 22 ? -1.909  12.763  -6.213  1.00 43.84 ? 21   TYR A O   1 
ATOM   171  C CB  . TYR A 1 22 ? -3.057  9.936   -6.131  1.00 33.96 ? 21   TYR A CB  1 
ATOM   172  C CG  . TYR A 1 22 ? -3.573  8.645   -5.514  1.00 43.56 ? 21   TYR A CG  1 
ATOM   173  C CD1 . TYR A 1 22 ? -4.569  8.675   -4.568  1.00 43.76 ? 21   TYR A CD1 1 
ATOM   174  C CD2 . TYR A 1 22 ? -3.051  7.385   -5.885  1.00 30.70 ? 21   TYR A CD2 1 
ATOM   175  C CE1 . TYR A 1 22 ? -5.057  7.496   -3.986  1.00 43.10 ? 21   TYR A CE1 1 
ATOM   176  C CE2 . TYR A 1 22 ? -3.523  6.226   -5.318  1.00 33.59 ? 21   TYR A CE2 1 
ATOM   177  C CZ  . TYR A 1 22 ? -4.530  6.275   -4.357  1.00 38.59 ? 21   TYR A CZ  1 
ATOM   178  O OH  . TYR A 1 22 ? -5.031  5.124   -3.758  1.00 39.79 ? 21   TYR A OH  1 
ATOM   179  N N   . SER A 1 23 ? -0.298  11.351  -6.850  1.00 41.94 ? 22   SER A N   1 
ATOM   180  C CA  . SER A 1 23 ? 0.221   12.258  -7.841  1.00 41.91 ? 22   SER A CA  1 
ATOM   181  C C   . SER A 1 23 ? -0.740  12.202  -9.022  1.00 48.13 ? 22   SER A C   1 
ATOM   182  O O   . SER A 1 23 ? -1.600  11.325  -9.111  1.00 47.08 ? 22   SER A O   1 
ATOM   183  C CB  . SER A 1 23 ? 1.585   11.806  -8.327  1.00 40.73 ? 22   SER A CB  1 
ATOM   184  O OG  . SER A 1 23 ? 1.446   10.592  -9.081  1.00 40.66 ? 22   SER A OG  1 
ATOM   185  N N   . LYS A 1 24 ? -0.559  13.124  -9.954  1.00 46.56 ? 23   LYS A N   1 
ATOM   186  C CA  . LYS A 1 24 ? -1.189  12.945  -11.246 1.00 48.71 ? 23   LYS A CA  1 
ATOM   187  C C   . LYS A 1 24 ? -0.657  11.685  -11.931 1.00 45.91 ? 23   LYS A C   1 
ATOM   188  O O   . LYS A 1 24 ? 0.433   11.197  -11.636 1.00 45.64 ? 23   LYS A O   1 
ATOM   189  C CB  . LYS A 1 24 ? -0.950  14.191  -12.147 1.00 51.06 ? 23   LYS A CB  1 
ATOM   190  C CG  . LYS A 1 24 ? -1.681  15.503  -11.685 1.00 41.61 ? 23   LYS A CG  1 
ATOM   191  C CD  . LYS A 1 24 ? -3.123  15.259  -11.204 1.00 36.04 ? 23   LYS A CD  1 
ATOM   192  C CE  . LYS A 1 24 ? -3.905  16.591  -11.013 1.00 41.16 ? 23   LYS A CE  1 
ATOM   193  N NZ  . LYS A 1 24 ? -5.309  16.347  -10.519 1.00 41.72 ? 23   LYS A NZ  1 
ATOM   194  N N   . ASP A 1 25 ? -1.442  11.187  -12.874 1.00 47.40 ? 24   ASP A N   1 
ATOM   195  C CA  . ASP A 1 25 ? -1.038  10.086  -13.738 1.00 52.29 ? 24   ASP A CA  1 
ATOM   196  C C   . ASP A 1 25 ? 0.161   10.363  -14.650 1.00 51.41 ? 24   ASP A C   1 
ATOM   197  O O   . ASP A 1 25 ? 0.172   11.346  -15.383 1.00 62.20 ? 24   ASP A O   1 
ATOM   198  C CB  . ASP A 1 25 ? -2.217  9.613   -14.560 1.00 49.52 ? 24   ASP A CB  1 
ATOM   199  C CG  . ASP A 1 25 ? -2.096  8.138   -14.936 1.00 59.43 ? 24   ASP A CG  1 
ATOM   200  O OD1 . ASP A 1 25 ? -1.177  7.803   -15.739 1.00 53.21 ? 24   ASP A OD1 1 
ATOM   201  O OD2 . ASP A 1 25 ? -2.914  7.342   -14.420 1.00 52.14 ? 24   ASP A OD2 1 
ATOM   202  N N   . PHE A 1 26 ? 1.201   9.524   -14.541 1.00 52.26 ? 25   PHE A N   1 
ATOM   203  C CA  . PHE A 1 26 ? 2.357   9.546   -15.417 1.00 44.11 ? 25   PHE A CA  1 
ATOM   204  C C   . PHE A 1 26 ? 2.201   8.712   -16.706 1.00 49.11 ? 25   PHE A C   1 
ATOM   205  O O   . PHE A 1 26 ? 3.193   8.488   -17.374 1.00 49.95 ? 25   PHE A O   1 
ATOM   206  C CB  . PHE A 1 26 ? 3.563   8.982   -14.695 1.00 49.14 ? 25   PHE A CB  1 
ATOM   207  C CG  . PHE A 1 26 ? 4.084   9.850   -13.603 1.00 56.18 ? 25   PHE A CG  1 
ATOM   208  C CD1 . PHE A 1 26 ? 3.500   9.813   -12.331 1.00 53.40 ? 25   PHE A CD1 1 
ATOM   209  C CD2 . PHE A 1 26 ? 5.190   10.702  -13.843 1.00 47.86 ? 25   PHE A CD2 1 
ATOM   210  C CE1 . PHE A 1 26 ? 4.019   10.620  -11.285 1.00 50.25 ? 25   PHE A CE1 1 
ATOM   211  C CE2 . PHE A 1 26 ? 5.707   11.498  -12.834 1.00 46.41 ? 25   PHE A CE2 1 
ATOM   212  C CZ  . PHE A 1 26 ? 5.117   11.455  -11.539 1.00 54.04 ? 25   PHE A CZ  1 
ATOM   213  N N   . GLY A 1 27 ? 1.004   8.218   -17.042 1.00 45.77 ? 26   GLY A N   1 
ATOM   214  C CA  . GLY A 1 27 ? 0.891   7.329   -18.190 1.00 54.57 ? 26   GLY A CA  1 
ATOM   215  C C   . GLY A 1 27 ? 1.799   6.119   -18.007 1.00 58.38 ? 26   GLY A C   1 
ATOM   216  O O   . GLY A 1 27 ? 1.664   5.371   -17.025 1.00 56.43 ? 26   GLY A O   1 
ATOM   217  N N   . ASP A 1 28 ? 2.742   5.968   -18.932 1.00 53.43 ? 27   ASP A N   1 
ATOM   218  C CA  . ASP A 1 28 ? 3.610   4.816   -18.999 1.00 50.66 ? 27   ASP A CA  1 
ATOM   219  C C   . ASP A 1 28 ? 5.017   5.218   -18.889 1.00 52.84 ? 27   ASP A C   1 
ATOM   220  O O   . ASP A 1 28 ? 5.890   4.495   -19.363 1.00 54.08 ? 27   ASP A O   1 
ATOM   221  C CB  . ASP A 1 28 ? 3.487   4.097   -20.324 1.00 51.05 ? 27   ASP A CB  1 
ATOM   222  C CG  . ASP A 1 28 ? 2.230   3.317   -20.411 1.00 59.42 ? 27   ASP A CG  1 
ATOM   223  O OD1 . ASP A 1 28 ? 1.521   3.248   -19.381 1.00 59.42 ? 27   ASP A OD1 1 
ATOM   224  O OD2 . ASP A 1 28 ? 1.951   2.774   -21.500 1.00 62.24 ? 27   ASP A OD2 1 
ATOM   225  N N   . ASP A 1 29 ? 5.250   6.385   -18.315 1.00 53.70 ? 28   ASP A N   1 
ATOM   226  C CA  . ASP A 1 29 ? 6.609   6.851   -18.134 1.00 55.57 ? 28   ASP A CA  1 
ATOM   227  C C   . ASP A 1 29 ? 7.014   6.527   -16.711 1.00 54.69 ? 28   ASP A C   1 
ATOM   228  O O   . ASP A 1 29 ? 6.552   7.176   -15.762 1.00 58.29 ? 28   ASP A O   1 
ATOM   229  C CB  . ASP A 1 29 ? 6.693   8.363   -18.390 1.00 49.95 ? 28   ASP A CB  1 
ATOM   230  C CG  . ASP A 1 29 ? 8.100   8.927   -18.171 1.00 62.47 ? 28   ASP A CG  1 
ATOM   231  O OD1 . ASP A 1 29 ? 9.040   8.148   -17.840 1.00 67.58 ? 28   ASP A OD1 1 
ATOM   232  O OD2 . ASP A 1 29 ? 8.277   10.163  -18.319 1.00 70.90 ? 28   ASP A OD2 1 
ATOM   233  N N   . GLY A 1 30 ? 7.892   5.540   -16.568 1.00 55.17 ? 29   GLY A N   1 
ATOM   234  C CA  . GLY A 1 30 ? 8.410   5.174   -15.255 1.00 49.64 ? 29   GLY A CA  1 
ATOM   235  C C   . GLY A 1 30 ? 9.617   5.931   -14.702 1.00 56.94 ? 29   GLY A C   1 
ATOM   236  O O   . GLY A 1 30 ? 10.010  5.735   -13.523 1.00 54.51 ? 29   GLY A O   1 
ATOM   237  N N   . SER A 1 31 ? 10.205  6.827   -15.500 1.00 60.82 ? 30   SER A N   1 
ATOM   238  C CA  . SER A 1 31 ? 11.460  7.484   -15.080 1.00 57.96 ? 30   SER A CA  1 
ATOM   239  C C   . SER A 1 31 ? 11.425  8.122   -13.678 1.00 58.06 ? 30   SER A C   1 
ATOM   240  O O   . SER A 1 31 ? 12.461  8.159   -12.995 1.00 57.35 ? 30   SER A O   1 
ATOM   241  C CB  . SER A 1 31 ? 11.906  8.513   -16.136 1.00 66.04 ? 30   SER A CB  1 
ATOM   242  O OG  . SER A 1 31 ? 10.831  9.345   -16.538 1.00 64.96 ? 30   SER A OG  1 
ATOM   243  N N   . VAL A 1 32 ? 10.262  8.590   -13.204 1.00 52.18 ? 31   VAL A N   1 
ATOM   244  C CA  . VAL A 1 32 ? 10.207  9.028   -11.805 1.00 53.66 ? 31   VAL A CA  1 
ATOM   245  C C   . VAL A 1 32 ? 10.693  7.907   -10.849 1.00 55.67 ? 31   VAL A C   1 
ATOM   246  O O   . VAL A 1 32 ? 11.486  8.162   -9.922  1.00 51.16 ? 31   VAL A O   1 
ATOM   247  C CB  . VAL A 1 32 ? 8.784   9.545   -11.408 1.00 54.95 ? 31   VAL A CB  1 
ATOM   248  C CG1 . VAL A 1 32 ? 7.761   8.482   -11.479 1.00 54.42 ? 31   VAL A CG1 1 
ATOM   249  C CG2 . VAL A 1 32 ? 8.839   10.169  -10.038 1.00 48.75 ? 31   VAL A CG2 1 
ATOM   250  N N   . MET A 1 33 ? 10.277  6.663   -11.113 1.00 51.68 ? 32   MET A N   1 
ATOM   251  C CA  . MET A 1 33 ? 10.834  5.535   -10.366 1.00 48.40 ? 32   MET A CA  1 
ATOM   252  C C   . MET A 1 33 ? 12.330  5.440   -10.581 1.00 52.95 ? 32   MET A C   1 
ATOM   253  O O   . MET A 1 33 ? 13.089  5.211   -9.631  1.00 57.51 ? 32   MET A O   1 
ATOM   254  C CB  . MET A 1 33 ? 10.184  4.202   -10.780 1.00 51.93 ? 32   MET A CB  1 
ATOM   255  C CG  . MET A 1 33 ? 8.724   4.102   -10.425 1.00 40.50 ? 32   MET A CG  1 
ATOM   256  S SD  . MET A 1 33 ? 8.095   2.383   -10.603 1.00 52.05 ? 32   MET A SD  1 
ATOM   257  C CE  . MET A 1 33 ? 9.310   1.430   -9.511  1.00 42.41 ? 32   MET A CE  1 
ATOM   258  N N   . GLU A 1 34 ? 12.771  5.593   -11.826 1.00 55.96 ? 33   GLU A N   1 
ATOM   259  C CA  . GLU A 1 34 ? 14.212  5.626   -12.097 1.00 61.07 ? 33   GLU A CA  1 
ATOM   260  C C   . GLU A 1 34 ? 14.924  6.651   -11.191 1.00 63.13 ? 33   GLU A C   1 
ATOM   261  O O   . GLU A 1 34 ? 15.989  6.346   -10.642 1.00 67.23 ? 33   GLU A O   1 
ATOM   262  C CB  . GLU A 1 34 ? 14.500  5.961   -13.575 1.00 69.08 ? 33   GLU A CB  1 
ATOM   263  C CG  . GLU A 1 34 ? 14.512  4.756   -14.543 1.00 80.76 ? 33   GLU A CG  1 
ATOM   264  C CD  . GLU A 1 34 ? 14.519  5.156   -16.049 1.00 83.25 ? 33   GLU A CD  1 
ATOM   265  O OE1 . GLU A 1 34 ? 15.428  5.945   -16.457 1.00 89.11 ? 33   GLU A OE1 1 
ATOM   266  O OE2 . GLU A 1 34 ? 13.623  4.665   -16.813 1.00 76.66 ? 33   GLU A OE2 1 
ATOM   267  N N   . SER A 1 35 ? 14.355  7.846   -11.017 1.00 57.17 ? 34   SER A N   1 
ATOM   268  C CA  . SER A 1 35 ? 15.039  8.894   -10.228 1.00 60.47 ? 34   SER A CA  1 
ATOM   269  C C   . SER A 1 35 ? 15.010  8.650   -8.734  1.00 61.90 ? 34   SER A C   1 
ATOM   270  O O   . SER A 1 35 ? 15.846  9.189   -7.981  1.00 65.99 ? 34   SER A O   1 
ATOM   271  C CB  . SER A 1 35 ? 14.439  10.283  -10.497 1.00 61.89 ? 34   SER A CB  1 
ATOM   272  O OG  . SER A 1 35 ? 13.142  10.450  -9.931  1.00 63.23 ? 34   SER A OG  1 
ATOM   273  N N   . LEU A 1 36 ? 14.048  7.839   -8.288  1.00 61.21 ? 35   LEU A N   1 
ATOM   274  C CA  . LEU A 1 36 ? 14.074  7.375   -6.903  1.00 55.89 ? 35   LEU A CA  1 
ATOM   275  C C   . LEU A 1 36 ? 15.103  6.264   -6.685  1.00 53.00 ? 35   LEU A C   1 
ATOM   276  O O   . LEU A 1 36 ? 15.534  6.018   -5.558  1.00 57.22 ? 35   LEU A O   1 
ATOM   277  C CB  . LEU A 1 36 ? 12.685  6.908   -6.514  1.00 49.73 ? 35   LEU A CB  1 
ATOM   278  C CG  . LEU A 1 36 ? 11.838  8.153   -6.622  1.00 49.46 ? 35   LEU A CG  1 
ATOM   279  C CD1 . LEU A 1 36 ? 10.403  7.778   -6.527  1.00 41.56 ? 35   LEU A CD1 1 
ATOM   280  C CD2 . LEU A 1 36 ? 12.288  9.125   -5.538  1.00 44.13 ? 35   LEU A CD2 1 
ATOM   281  N N   . GLY A 1 37 ? 15.516  5.611   -7.770  1.00 51.69 ? 36   GLY A N   1 
ATOM   282  C CA  . GLY A 1 37 ? 16.452  4.502   -7.640  1.00 52.31 ? 36   GLY A CA  1 
ATOM   283  C C   . GLY A 1 37 ? 15.694  3.217   -7.312  1.00 58.70 ? 36   GLY A C   1 
ATOM   284  O O   . GLY A 1 37 ? 16.204  2.346   -6.596  1.00 62.20 ? 36   GLY A O   1 
ATOM   285  N N   . VAL A 1 38 ? 14.466  3.115   -7.830  1.00 54.71 ? 37   VAL A N   1 
ATOM   286  C CA  . VAL A 1 38 ? 13.615  1.973   -7.584  1.00 46.54 ? 37   VAL A CA  1 
ATOM   287  C C   . VAL A 1 38 ? 13.436  1.284   -8.891  1.00 41.40 ? 37   VAL A C   1 
ATOM   288  O O   . VAL A 1 38 ? 12.795  1.794   -9.783  1.00 46.74 ? 37   VAL A O   1 
ATOM   289  C CB  . VAL A 1 38 ? 12.211  2.398   -6.998  1.00 52.83 ? 37   VAL A CB  1 
ATOM   290  C CG1 . VAL A 1 38 ? 11.349  1.185   -6.748  1.00 43.92 ? 37   VAL A CG1 1 
ATOM   291  C CG2 . VAL A 1 38 ? 12.405  3.124   -5.652  1.00 47.69 ? 37   VAL A CG2 1 
ATOM   292  N N   . PRO A 1 39 ? 14.038  0.102   -9.030  1.00 44.03 ? 38   PRO A N   1 
ATOM   293  C CA  . PRO A 1 39 ? 13.952  -0.708  -10.270 1.00 46.64 ? 38   PRO A CA  1 
ATOM   294  C C   . PRO A 1 39 ? 12.480  -0.943  -10.482 1.00 51.01 ? 38   PRO A C   1 
ATOM   295  O O   . PRO A 1 39 ? 11.723  -0.975  -9.505  1.00 52.49 ? 38   PRO A O   1 
ATOM   296  C CB  . PRO A 1 39 ? 14.648  -2.023  -9.911  1.00 41.47 ? 38   PRO A CB  1 
ATOM   297  C CG  . PRO A 1 39 ? 15.541  -1.638  -8.677  1.00 47.11 ? 38   PRO A CG  1 
ATOM   298  C CD  . PRO A 1 39 ? 14.706  -0.613  -7.927  1.00 41.68 ? 38   PRO A CD  1 
ATOM   299  N N   . PHE A 1 40 ? 12.073  -1.129  -11.727 1.00 56.40 ? 39   PHE A N   1 
ATOM   300  C CA  . PHE A 1 40 ? 10.688  -1.519  -12.020 1.00 55.43 ? 39   PHE A CA  1 
ATOM   301  C C   . PHE A 1 40 ? 10.331  -2.908  -11.535 1.00 56.10 ? 39   PHE A C   1 
ATOM   302  O O   . PHE A 1 40 ? 9.218   -3.148  -11.065 1.00 52.10 ? 39   PHE A O   1 
ATOM   303  C CB  . PHE A 1 40 ? 10.437  -1.503  -13.515 1.00 58.74 ? 39   PHE A CB  1 
ATOM   304  C CG  . PHE A 1 40 ? 10.527  -0.160  -14.119 1.00 61.96 ? 39   PHE A CG  1 
ATOM   305  C CD1 . PHE A 1 40 ? 10.491  0.962   -13.317 1.00 49.22 ? 39   PHE A CD1 1 
ATOM   306  C CD2 . PHE A 1 40 ? 10.692  -0.012  -15.508 1.00 67.16 ? 39   PHE A CD2 1 
ATOM   307  C CE1 . PHE A 1 40 ? 10.623  2.214   -13.857 1.00 57.73 ? 39   PHE A CE1 1 
ATOM   308  C CE2 . PHE A 1 40 ? 10.825  1.257   -16.084 1.00 61.70 ? 39   PHE A CE2 1 
ATOM   309  C CZ  . PHE A 1 40 ? 10.793  2.374   -15.259 1.00 65.86 ? 39   PHE A CZ  1 
ATOM   310  N N   . LYS A 1 41 ? 11.261  -3.841  -11.729 1.00 58.87 ? 40   LYS A N   1 
ATOM   311  C CA  . LYS A 1 41 ? 11.018  -5.258  -11.426 1.00 54.47 ? 40   LYS A CA  1 
ATOM   312  C C   . LYS A 1 41 ? 10.437  -5.492  -10.016 1.00 50.94 ? 40   LYS A C   1 
ATOM   313  O O   . LYS A 1 41 ? 11.082  -5.159  -9.011  1.00 45.06 ? 40   LYS A O   1 
ATOM   314  C CB  . LYS A 1 41 ? 12.328  -6.035  -11.539 1.00 52.99 ? 40   LYS A CB  1 
ATOM   315  C CG  . LYS A 1 41 ? 12.207  -7.537  -11.333 1.00 54.09 ? 40   LYS A CG  1 
ATOM   316  C CD  . LYS A 1 41 ? 13.604  -8.103  -11.055 1.00 59.60 ? 40   LYS A CD  1 
ATOM   317  C CE  . LYS A 1 41 ? 13.598  -9.634  -10.956 1.00 61.08 ? 40   LYS A CE  1 
ATOM   318  N NZ  . LYS A 1 41 ? 13.088  -10.260 -12.241 1.00 68.95 ? 40   LYS A NZ  1 
ATOM   319  N N   . ASP A 1 42 ? 9.238   -6.066  -9.958  1.00 47.12 ? 41   ASP A N   1 
ATOM   320  C CA  . ASP A 1 42 ? 8.636   -6.555  -8.704  1.00 50.60 ? 41   ASP A CA  1 
ATOM   321  C C   . ASP A 1 42 ? 8.257   -5.396  -7.766  1.00 46.66 ? 41   ASP A C   1 
ATOM   322  O O   . ASP A 1 42 ? 8.132   -5.597  -6.553  1.00 46.86 ? 41   ASP A O   1 
ATOM   323  C CB  . ASP A 1 42 ? 9.631   -7.475  -7.959  1.00 51.09 ? 41   ASP A CB  1 
ATOM   324  C CG  . ASP A 1 42 ? 9.725   -8.893  -8.574  1.00 51.04 ? 41   ASP A CG  1 
ATOM   325  O OD1 . ASP A 1 42 ? 8.773   -9.316  -9.270  1.00 39.59 ? 41   ASP A OD1 1 
ATOM   326  O OD2 . ASP A 1 42 ? 10.768  -9.565  -8.339  1.00 48.20 ? 41   ASP A OD2 1 
ATOM   327  N N   . ASN A 1 43 ? 8.141   -4.187  -8.328  1.00 41.69 ? 42   ASN A N   1 
ATOM   328  C CA  . ASN A 1 43 ? 7.941   -3.029  -7.518  1.00 36.80 ? 42   ASN A CA  1 
ATOM   329  C C   . ASN A 1 43 ? 6.738   -2.249  -7.930  1.00 35.23 ? 42   ASN A C   1 
ATOM   330  O O   . ASN A 1 43 ? 6.409   -1.276  -7.276  1.00 40.15 ? 42   ASN A O   1 
ATOM   331  C CB  . ASN A 1 43 ? 9.153   -2.138  -7.546  1.00 39.21 ? 42   ASN A CB  1 
ATOM   332  C CG  . ASN A 1 43 ? 10.314  -2.722  -6.777  1.00 48.02 ? 42   ASN A CG  1 
ATOM   333  O OD1 . ASN A 1 43 ? 10.104  -3.499  -5.817  1.00 48.05 ? 42   ASN A OD1 1 
ATOM   334  N ND2 . ASN A 1 43 ? 11.568  -2.349  -7.174  1.00 43.91 ? 42   ASN A ND2 1 
ATOM   335  N N   . VAL A 1 44 ? 6.073   -2.654  -8.998  1.00 32.81 ? 43   VAL A N   1 
ATOM   336  C CA  . VAL A 1 44 ? 4.889   -1.902  -9.438  1.00 35.47 ? 43   VAL A CA  1 
ATOM   337  C C   . VAL A 1 44 ? 3.621   -2.690  -9.073  1.00 36.05 ? 43   VAL A C   1 
ATOM   338  O O   . VAL A 1 44 ? 3.502   -3.866  -9.418  1.00 35.52 ? 43   VAL A O   1 
ATOM   339  C CB  . VAL A 1 44 ? 4.917   -1.646  -10.979 1.00 37.79 ? 43   VAL A CB  1 
ATOM   340  C CG1 . VAL A 1 44 ? 3.732   -0.808  -11.400 1.00 31.22 ? 43   VAL A CG1 1 
ATOM   341  C CG2 . VAL A 1 44 ? 6.302   -0.957  -11.369 1.00 32.46 ? 43   VAL A CG2 1 
ATOM   342  N N   . ASN A 1 45 ? 2.678   -2.014  -8.404  1.00 38.33 ? 44   ASN A N   1 
ATOM   343  C CA  . ASN A 1 45 ? 1.580   -2.650  -7.686  1.00 38.35 ? 44   ASN A CA  1 
ATOM   344  C C   . ASN A 1 45 ? 2.151   -3.707  -6.711  1.00 36.89 ? 44   ASN A C   1 
ATOM   345  O O   . ASN A 1 45 ? 1.702   -4.825  -6.690  1.00 38.46 ? 44   ASN A O   1 
ATOM   346  C CB  . ASN A 1 45 ? 0.600   -3.306  -8.676  1.00 27.69 ? 44   ASN A CB  1 
ATOM   347  C CG  . ASN A 1 45 ? -0.121  -2.279  -9.543  1.00 40.40 ? 44   ASN A CG  1 
ATOM   348  O OD1 . ASN A 1 45 ? -0.488  -1.212  -9.085  1.00 40.95 ? 44   ASN A OD1 1 
ATOM   349  N ND2 . ASN A 1 45 ? -0.349  -2.613  -10.800 1.00 40.40 ? 44   ASN A ND2 1 
ATOM   350  N N   . ASN A 1 46 ? 3.139   -3.365  -5.901  1.00 40.11 ? 45   ASN A N   1 
ATOM   351  C CA  . ASN A 1 46 ? 3.684   -4.397  -5.022  1.00 42.36 ? 45   ASN A CA  1 
ATOM   352  C C   . ASN A 1 46 ? 4.303   -3.809  -3.777  1.00 41.84 ? 45   ASN A C   1 
ATOM   353  O O   . ASN A 1 46 ? 5.448   -4.112  -3.432  1.00 44.46 ? 45   ASN A O   1 
ATOM   354  C CB  . ASN A 1 46 ? 4.721   -5.240  -5.789  1.00 45.52 ? 45   ASN A CB  1 
ATOM   355  C CG  . ASN A 1 46 ? 4.917   -6.595  -5.152  1.00 55.40 ? 45   ASN A CG  1 
ATOM   356  O OD1 . ASN A 1 46 ? 3.947   -7.151  -4.579  1.00 47.31 ? 45   ASN A OD1 1 
ATOM   357  N ND2 . ASN A 1 46 ? 6.142   -7.152  -5.239  1.00 43.60 ? 45   ASN A ND2 1 
ATOM   358  N N   . GLY A 1 47 ? 3.564   -2.919  -3.113  1.00 41.30 ? 46   GLY A N   1 
ATOM   359  C CA  . GLY A 1 47 ? 4.057   -2.446  -1.842  1.00 43.28 ? 46   GLY A CA  1 
ATOM   360  C C   . GLY A 1 47 ? 4.516   -1.013  -1.784  1.00 37.92 ? 46   GLY A C   1 
ATOM   361  O O   . GLY A 1 47 ? 4.557   -0.325  -2.786  1.00 38.35 ? 46   GLY A O   1 
ATOM   362  N N   . CYS A 1 48 ? 4.868   -0.587  -0.577  1.00 36.02 ? 47   CYS A N   1 
ATOM   363  C CA  . CYS A 1 48 ? 5.112   0.797   -0.282  1.00 36.27 ? 47   CYS A CA  1 
ATOM   364  C C   . CYS A 1 48 ? 6.556   0.859   0.194   1.00 40.67 ? 47   CYS A C   1 
ATOM   365  O O   . CYS A 1 48 ? 7.074   -0.099  0.830   1.00 38.22 ? 47   CYS A O   1 
ATOM   366  C CB  . CYS A 1 48 ? 4.186   1.254   0.836   1.00 41.48 ? 47   CYS A CB  1 
ATOM   367  S SG  . CYS A 1 48 ? 2.400   1.138   0.476   1.00 43.85 ? 47   CYS A SG  1 
ATOM   368  N N   . PHE A 1 49 ? 7.184   1.992   -0.102  1.00 36.43 ? 48   PHE A N   1 
ATOM   369  C CA  . PHE A 1 49 ? 8.563   2.249   0.237   1.00 39.98 ? 48   PHE A CA  1 
ATOM   370  C C   . PHE A 1 49 ? 8.627   3.433   1.193   1.00 43.50 ? 48   PHE A C   1 
ATOM   371  O O   . PHE A 1 49 ? 7.855   4.401   1.062   1.00 42.67 ? 48   PHE A O   1 
ATOM   372  C CB  . PHE A 1 49 ? 9.317   2.545   -1.047  1.00 34.48 ? 48   PHE A CB  1 
ATOM   373  C CG  . PHE A 1 49 ? 9.358   1.389   -1.961  1.00 43.06 ? 48   PHE A CG  1 
ATOM   374  C CD1 . PHE A 1 49 ? 8.236   1.016   -2.680  1.00 39.39 ? 48   PHE A CD1 1 
ATOM   375  C CD2 . PHE A 1 49 ? 10.532  0.615   -2.084  1.00 46.74 ? 48   PHE A CD2 1 
ATOM   376  C CE1 . PHE A 1 49 ? 8.267   -0.134  -3.527  1.00 38.74 ? 48   PHE A CE1 1 
ATOM   377  C CE2 . PHE A 1 49 ? 10.566  -0.510  -2.918  1.00 43.17 ? 48   PHE A CE2 1 
ATOM   378  C CZ  . PHE A 1 49 ? 9.425   -0.881  -3.636  1.00 35.04 ? 48   PHE A CZ  1 
ATOM   379  N N   . ASP A 1 50 ? 9.526   3.331   2.170   1.00 42.97 ? 49   ASP A N   1 
ATOM   380  C CA  . ASP A 1 50 ? 9.823   4.417   3.093   1.00 37.15 ? 49   ASP A CA  1 
ATOM   381  C C   . ASP A 1 50 ? 10.390  5.603   2.294   1.00 44.25 ? 49   ASP A C   1 
ATOM   382  O O   . ASP A 1 50 ? 11.394  5.496   1.546   1.00 45.11 ? 49   ASP A O   1 
ATOM   383  C CB  . ASP A 1 50 ? 10.869  3.961   4.099   1.00 45.41 ? 49   ASP A CB  1 
ATOM   384  C CG  . ASP A 1 50 ? 10.386  2.815   4.942   1.00 44.43 ? 49   ASP A CG  1 
ATOM   385  O OD1 . ASP A 1 50 ? 9.787   1.871   4.405   1.00 55.41 ? 49   ASP A OD1 1 
ATOM   386  O OD2 . ASP A 1 50 ? 10.608  2.838   6.154   1.00 56.43 ? 49   ASP A OD2 1 
ATOM   387  N N   . VAL A 1 51 ? 9.743   6.730   2.461   1.00 40.97 ? 50   VAL A N   1 
ATOM   388  C CA  . VAL A 1 51 ? 10.184  7.935   1.819   1.00 46.34 ? 50   VAL A CA  1 
ATOM   389  C C   . VAL A 1 51 ? 11.358  8.435   2.616   1.00 47.19 ? 50   VAL A C   1 
ATOM   390  O O   . VAL A 1 51 ? 11.180  8.884   3.757   1.00 44.23 ? 50   VAL A O   1 
ATOM   391  C CB  . VAL A 1 51 ? 9.062   8.950   1.803   1.00 32.95 ? 50   VAL A CB  1 
ATOM   392  C CG1 . VAL A 1 51 ? 9.628   10.318  1.428   1.00 40.12 ? 50   VAL A CG1 1 
ATOM   393  C CG2 . VAL A 1 51 ? 7.983   8.479   0.749   1.00 25.84 ? 50   VAL A CG2 1 
ATOM   394  N N   . ILE A 1 52 ? 12.573  8.309   2.055   1.00 51.60 ? 51   ILE A N   1 
ATOM   395  C CA  . ILE A 1 52 ? 13.752  8.819   2.789   1.00 47.60 ? 51   ILE A CA  1 
ATOM   396  C C   . ILE A 1 52 ? 14.011  10.265  2.506   1.00 47.69 ? 51   ILE A C   1 
ATOM   397  O O   . ILE A 1 52 ? 13.420  10.844  1.577   1.00 49.98 ? 51   ILE A O   1 
ATOM   398  C CB  . ILE A 1 52 ? 15.046  7.991   2.558   1.00 46.03 ? 51   ILE A CB  1 
ATOM   399  C CG1 . ILE A 1 52 ? 15.438  7.857   1.087   1.00 53.97 ? 51   ILE A CG1 1 
ATOM   400  C CG2 . ILE A 1 52 ? 14.834  6.585   3.139   1.00 44.22 ? 51   ILE A CG2 1 
ATOM   401  C CD1 . ILE A 1 52 ? 16.607  6.768   0.884   1.00 50.12 ? 51   ILE A CD1 1 
ATOM   402  N N   . ALA A 1 53 ? 14.829  10.879  3.350   1.00 44.32 ? 52   ALA A N   1 
ATOM   403  C CA  . ALA A 1 53 ? 15.178  12.268  3.136   1.00 49.11 ? 52   ALA A CA  1 
ATOM   404  C C   . ALA A 1 53 ? 15.538  12.588  1.657   1.00 54.76 ? 52   ALA A C   1 
ATOM   405  O O   . ALA A 1 53 ? 14.943  13.515  1.062   1.00 57.70 ? 52   ALA A O   1 
ATOM   406  C CB  . ALA A 1 53 ? 16.317  12.642  4.046   1.00 52.87 ? 52   ALA A CB  1 
ATOM   407  N N   . GLU A 1 54 ? 16.465  11.830  1.058   1.00 46.67 ? 53   GLU A N   1 
ATOM   408  C CA  . GLU A 1 54 ? 16.775  12.042  -0.368  1.00 55.23 ? 53   GLU A CA  1 
ATOM   409  C C   . GLU A 1 54 ? 15.508  12.106  -1.215  1.00 56.40 ? 53   GLU A C   1 
ATOM   410  O O   . GLU A 1 54 ? 15.437  12.796  -2.243  1.00 53.77 ? 53   GLU A O   1 
ATOM   411  C CB  . GLU A 1 54 ? 17.614  10.907  -0.963  1.00 59.27 ? 53   GLU A CB  1 
ATOM   412  C CG  . GLU A 1 54 ? 19.102  10.841  -0.600  1.00 76.90 ? 53   GLU A CG  1 
ATOM   413  C CD  . GLU A 1 54 ? 19.359  10.614  0.905   1.00 86.74 ? 53   GLU A CD  1 
ATOM   414  O OE1 . GLU A 1 54 ? 18.611  9.843   1.569   1.00 92.28 ? 53   GLU A OE1 1 
ATOM   415  O OE2 . GLU A 1 54 ? 20.331  11.212  1.432   1.00 94.93 ? 53   GLU A OE2 1 
ATOM   416  N N   . TRP A 1 55 ? 14.515  11.314  -0.854  1.00 50.45 ? 54   TRP A N   1 
ATOM   417  C CA  . TRP A 1 55 ? 13.463  11.214  -1.842  1.00 52.08 ? 54   TRP A CA  1 
ATOM   418  C C   . TRP A 1 55 ? 12.588  12.449  -1.836  1.00 42.16 ? 54   TRP A C   1 
ATOM   419  O O   . TRP A 1 55 ? 11.901  12.697  -2.824  1.00 49.63 ? 54   TRP A O   1 
ATOM   420  C CB  . TRP A 1 55 ? 12.608  9.983   -1.593  1.00 52.37 ? 54   TRP A CB  1 
ATOM   421  C CG  . TRP A 1 55 ? 13.183  8.764   -2.047  1.00 51.63 ? 54   TRP A CG  1 
ATOM   422  C CD1 . TRP A 1 55 ? 14.488  8.535   -2.401  1.00 60.56 ? 54   TRP A CD1 1 
ATOM   423  C CD2 . TRP A 1 55 ? 12.497  7.546   -2.204  1.00 57.03 ? 54   TRP A CD2 1 
ATOM   424  N NE1 . TRP A 1 55 ? 14.651  7.227   -2.789  1.00 60.52 ? 54   TRP A NE1 1 
ATOM   425  C CE2 . TRP A 1 55 ? 13.438  6.593   -2.673  1.00 65.63 ? 54   TRP A CE2 1 
ATOM   426  C CE3 . TRP A 1 55 ? 11.179  7.146   -1.983  1.00 52.27 ? 54   TRP A CE3 1 
ATOM   427  C CZ2 . TRP A 1 55 ? 13.090  5.268   -2.928  1.00 60.50 ? 54   TRP A CZ2 1 
ATOM   428  C CZ3 . TRP A 1 55 ? 10.841  5.832   -2.230  1.00 61.52 ? 54   TRP A CZ3 1 
ATOM   429  C CH2 . TRP A 1 55 ? 11.791  4.908   -2.698  1.00 63.31 ? 54   TRP A CH2 1 
ATOM   430  N N   . VAL A 1 56 ? 12.576  13.178  -0.720  1.00 40.91 ? 55   VAL A N   1 
ATOM   431  C CA  . VAL A 1 56 ? 11.647  14.311  -0.574  1.00 49.71 ? 55   VAL A CA  1 
ATOM   432  C C   . VAL A 1 56 ? 11.682  15.306  -1.753  1.00 49.36 ? 55   VAL A C   1 
ATOM   433  O O   . VAL A 1 56 ? 10.649  15.559  -2.366  1.00 56.79 ? 55   VAL A O   1 
ATOM   434  C CB  . VAL A 1 56 ? 11.828  15.105  0.752   1.00 46.78 ? 55   VAL A CB  1 
ATOM   435  C CG1 . VAL A 1 56 ? 10.665  16.146  0.889   1.00 44.95 ? 55   VAL A CG1 1 
ATOM   436  C CG2 . VAL A 1 56 ? 11.739  14.159  1.930   1.00 43.25 ? 55   VAL A CG2 1 
ATOM   437  N N   . PRO A 1 57 ? 12.857  15.858  -2.098  1.00 52.34 ? 56   PRO A N   1 
ATOM   438  C CA  . PRO A 1 57 ? 13.024  16.824  -3.219  1.00 51.51 ? 56   PRO A CA  1 
ATOM   439  C C   . PRO A 1 57 ? 12.572  16.186  -4.537  1.00 54.19 ? 56   PRO A C   1 
ATOM   440  O O   . PRO A 1 57 ? 11.833  16.785  -5.314  1.00 58.66 ? 56   PRO A O   1 
ATOM   441  C CB  . PRO A 1 57 ? 14.527  17.071  -3.272  1.00 52.35 ? 56   PRO A CB  1 
ATOM   442  C CG  . PRO A 1 57 ? 14.984  16.761  -1.867  1.00 57.63 ? 56   PRO A CG  1 
ATOM   443  C CD  . PRO A 1 57 ? 14.154  15.535  -1.479  1.00 50.97 ? 56   PRO A CD  1 
ATOM   444  N N   . LEU A 1 58 ? 13.010  14.956  -4.791  1.00 49.15 ? 57   LEU A N   1 
ATOM   445  C CA  . LEU A 1 58 ? 12.516  14.222  -5.951  1.00 43.24 ? 57   LEU A CA  1 
ATOM   446  C C   . LEU A 1 58 ? 10.979  14.050  -5.955  1.00 50.57 ? 57   LEU A C   1 
ATOM   447  O O   . LEU A 1 58 ? 10.392  13.817  -7.003  1.00 52.43 ? 57   LEU A O   1 
ATOM   448  C CB  . LEU A 1 58 ? 13.167  12.839  -5.987  1.00 49.43 ? 57   LEU A CB  1 
ATOM   449  C CG  . LEU A 1 58 ? 14.704  12.863  -5.904  1.00 60.46 ? 57   LEU A CG  1 
ATOM   450  C CD1 . LEU A 1 58 ? 15.305  11.448  -5.731  1.00 60.69 ? 57   LEU A CD1 1 
ATOM   451  C CD2 . LEU A 1 58 ? 15.241  13.497  -7.181  1.00 60.23 ? 57   LEU A CD2 1 
ATOM   452  N N   . LEU A 1 59 ? 10.309  14.096  -4.806  1.00 48.36 ? 58   LEU A N   1 
ATOM   453  C CA  . LEU A 1 59 ? 8.900   13.723  -4.822  1.00 45.37 ? 58   LEU A CA  1 
ATOM   454  C C   . LEU A 1 59 ? 8.070   14.939  -4.715  1.00 46.71 ? 58   LEU A C   1 
ATOM   455  O O   . LEU A 1 59 ? 6.934   14.965  -5.200  1.00 50.58 ? 58   LEU A O   1 
ATOM   456  C CB  . LEU A 1 59 ? 8.541   12.824  -3.634  1.00 49.62 ? 58   LEU A CB  1 
ATOM   457  C CG  . LEU A 1 59 ? 9.078   11.402  -3.695  1.00 56.99 ? 58   LEU A CG  1 
ATOM   458  C CD1 . LEU A 1 59 ? 8.659   10.588  -2.465  1.00 54.18 ? 58   LEU A CD1 1 
ATOM   459  C CD2 . LEU A 1 59 ? 8.564   10.761  -4.959  1.00 46.68 ? 58   LEU A CD2 1 
ATOM   460  N N   . GLN A 1 60 ? 8.596   15.952  -4.020  1.00 50.19 ? 59   GLN A N   1 
ATOM   461  C CA  . GLN A 1 60 ? 7.739   17.083  -3.597  1.00 53.90 ? 59   GLN A CA  1 
ATOM   462  C C   . GLN A 1 60 ? 7.051   17.798  -4.779  1.00 53.67 ? 59   GLN A C   1 
ATOM   463  O O   . GLN A 1 60 ? 5.876   18.230  -4.667  1.00 57.92 ? 59   GLN A O   1 
ATOM   464  C CB  . GLN A 1 60 ? 8.542   18.112  -2.771  1.00 53.47 ? 59   GLN A CB  1 
ATOM   465  C CG  . GLN A 1 60 ? 7.689   19.258  -2.216  1.00 37.82 ? 59   GLN A CG  1 
ATOM   466  C CD  . GLN A 1 60 ? 6.610   18.819  -1.232  1.00 52.86 ? 59   GLN A CD  1 
ATOM   467  O OE1 . GLN A 1 60 ? 6.877   18.631  -0.028  1.00 46.89 ? 59   GLN A OE1 1 
ATOM   468  N NE2 . GLN A 1 60 ? 5.369   18.673  -1.730  1.00 49.91 ? 59   GLN A NE2 1 
ATOM   469  N N   . PRO A 1 61 ? 7.768   17.928  -5.923  1.00 54.41 ? 60   PRO A N   1 
ATOM   470  C CA  . PRO A 1 61 ? 7.240   18.590  -7.139  1.00 53.72 ? 60   PRO A CA  1 
ATOM   471  C C   . PRO A 1 61 ? 5.941   17.975  -7.626  1.00 60.05 ? 60   PRO A C   1 
ATOM   472  O O   . PRO A 1 61 ? 5.276   18.562  -8.468  1.00 59.94 ? 60   PRO A O   1 
ATOM   473  C CB  . PRO A 1 61 ? 8.347   18.386  -8.181  1.00 52.14 ? 60   PRO A CB  1 
ATOM   474  C CG  . PRO A 1 61 ? 9.629   18.302  -7.310  1.00 57.87 ? 60   PRO A CG  1 
ATOM   475  C CD  . PRO A 1 61 ? 9.169   17.475  -6.120  1.00 53.66 ? 60   PRO A CD  1 
ATOM   476  N N   . TYR A 1 62 ? 5.575   16.785  -7.128  1.00 61.03 ? 61   TYR A N   1 
ATOM   477  C CA  . TYR A 1 62 ? 4.378   16.117  -7.648  1.00 54.97 ? 61   TYR A CA  1 
ATOM   478  C C   . TYR A 1 62 ? 3.262   16.140  -6.647  1.00 52.36 ? 61   TYR A C   1 
ATOM   479  O O   . TYR A 1 62 ? 2.189   15.580  -6.944  1.00 52.86 ? 61   TYR A O   1 
ATOM   480  C CB  . TYR A 1 62 ? 4.650   14.656  -8.010  1.00 49.58 ? 61   TYR A CB  1 
ATOM   481  C CG  . TYR A 1 62 ? 5.676   14.504  -9.071  1.00 51.50 ? 61   TYR A CG  1 
ATOM   482  C CD1 . TYR A 1 62 ? 5.402   14.864  -10.411 1.00 56.74 ? 61   TYR A CD1 1 
ATOM   483  C CD2 . TYR A 1 62 ? 6.965   14.077  -8.738  1.00 54.84 ? 61   TYR A CD2 1 
ATOM   484  C CE1 . TYR A 1 62 ? 6.401   14.813  -11.397 1.00 45.24 ? 61   TYR A CE1 1 
ATOM   485  C CE2 . TYR A 1 62 ? 7.982   14.005  -9.694  1.00 56.78 ? 61   TYR A CE2 1 
ATOM   486  C CZ  . TYR A 1 62 ? 7.698   14.377  -11.029 1.00 64.45 ? 61   TYR A CZ  1 
ATOM   487  O OH  . TYR A 1 62 ? 8.734   14.273  -11.957 1.00 62.34 ? 61   TYR A OH  1 
ATOM   488  N N   . PHE A 1 63 ? 3.483   16.773  -5.486  1.00 49.02 ? 62   PHE A N   1 
ATOM   489  C CA  . PHE A 1 63 ? 2.432   16.772  -4.431  1.00 52.91 ? 62   PHE A CA  1 
ATOM   490  C C   . PHE A 1 63 ? 2.025   18.129  -3.829  1.00 50.83 ? 62   PHE A C   1 
ATOM   491  O O   . PHE A 1 63 ? 2.873   18.975  -3.591  1.00 47.88 ? 62   PHE A O   1 
ATOM   492  C CB  . PHE A 1 63 ? 2.837   15.852  -3.256  1.00 48.90 ? 62   PHE A CB  1 
ATOM   493  C CG  . PHE A 1 63 ? 2.962   14.417  -3.644  1.00 49.01 ? 62   PHE A CG  1 
ATOM   494  C CD1 . PHE A 1 63 ? 1.828   13.617  -3.732  1.00 44.02 ? 62   PHE A CD1 1 
ATOM   495  C CD2 . PHE A 1 63 ? 4.218   13.881  -4.001  1.00 45.94 ? 62   PHE A CD2 1 
ATOM   496  C CE1 . PHE A 1 63 ? 1.931   12.292  -4.178  1.00 48.17 ? 62   PHE A CE1 1 
ATOM   497  C CE2 . PHE A 1 63 ? 4.338   12.552  -4.453  1.00 40.99 ? 62   PHE A CE2 1 
ATOM   498  C CZ  . PHE A 1 63 ? 3.194   11.758  -4.543  1.00 43.34 ? 62   PHE A CZ  1 
ATOM   499  N N   . ASN A 1 64 ? 0.733   18.293  -3.537  1.00 46.63 ? 63   ASN A N   1 
ATOM   500  C CA  . ASN A 1 64 ? 0.249   19.446  -2.790  1.00 49.74 ? 63   ASN A CA  1 
ATOM   501  C C   . ASN A 1 64 ? 0.770   19.422  -1.354  1.00 55.01 ? 63   ASN A C   1 
ATOM   502  O O   . ASN A 1 64 ? 1.139   20.479  -0.789  1.00 55.90 ? 63   ASN A O   1 
ATOM   503  C CB  . ASN A 1 64 ? -1.302  19.481  -2.718  1.00 49.38 ? 63   ASN A CB  1 
ATOM   504  C CG  . ASN A 1 64 ? -1.964  19.753  -4.084  1.00 56.47 ? 63   ASN A CG  1 
ATOM   505  O OD1 . ASN A 1 64 ? -1.320  20.264  -5.013  1.00 49.98 ? 63   ASN A OD1 1 
ATOM   506  N ND2 . ASN A 1 64 ? -3.269  19.412  -4.198  1.00 49.15 ? 63   ASN A ND2 1 
ATOM   507  N N   . HIS A 1 65 ? 0.766   18.222  -0.756  1.00 51.23 ? 64   HIS A N   1 
ATOM   508  C CA  . HIS A 1 65 ? 1.143   18.062  0.626   1.00 43.90 ? 64   HIS A CA  1 
ATOM   509  C C   . HIS A 1 65 ? 2.583   18.464  0.793   1.00 42.29 ? 64   HIS A C   1 
ATOM   510  O O   . HIS A 1 65 ? 3.474   18.173  -0.041  1.00 46.02 ? 64   HIS A O   1 
ATOM   511  C CB  . HIS A 1 65 ? 0.975   16.635  1.077   1.00 48.05 ? 64   HIS A CB  1 
ATOM   512  C CG  . HIS A 1 65 ? 1.323   16.429  2.509   1.00 54.01 ? 64   HIS A CG  1 
ATOM   513  N ND1 . HIS A 1 65 ? 0.574   16.968  3.536   1.00 49.13 ? 64   HIS A ND1 1 
ATOM   514  C CD2 . HIS A 1 65 ? 2.374   15.797  3.091   1.00 44.36 ? 64   HIS A CD2 1 
ATOM   515  C CE1 . HIS A 1 65 ? 1.146   16.674  4.690   1.00 48.39 ? 64   HIS A CE1 1 
ATOM   516  N NE2 . HIS A 1 65 ? 2.239   15.969  4.448   1.00 54.27 ? 64   HIS A NE2 1 
ATOM   517  N N   . GLN A 1 66 ? 2.828   19.177  1.864   1.00 39.89 ? 65   GLN A N   1 
ATOM   518  C CA  . GLN A 1 66 ? 4.163   19.737  2.028   1.00 48.47 ? 65   GLN A CA  1 
ATOM   519  C C   . GLN A 1 66 ? 4.811   18.676  2.919   1.00 44.28 ? 65   GLN A C   1 
ATOM   520  O O   . GLN A 1 66 ? 4.471   18.513  4.092   1.00 46.00 ? 65   GLN A O   1 
ATOM   521  C CB  . GLN A 1 66 ? 4.065   21.157  2.691   1.00 43.84 ? 65   GLN A CB  1 
ATOM   522  C CG  . GLN A 1 66 ? 4.567   22.361  1.844   1.00 53.69 ? 65   GLN A CG  1 
ATOM   523  C CD  . GLN A 1 66 ? 4.544   22.130  0.333   1.00 56.73 ? 65   GLN A CD  1 
ATOM   524  O OE1 . GLN A 1 66 ? 5.554   22.328  -0.338  1.00 61.28 ? 65   GLN A OE1 1 
ATOM   525  N NE2 . GLN A 1 66 ? 3.401   21.701  -0.206  1.00 58.84 ? 65   GLN A NE2 1 
ATOM   526  N N   . ILE A 1 67 ? 5.662   17.882  2.318   1.00 47.73 ? 66   ILE A N   1 
ATOM   527  C CA  . ILE A 1 67 ? 6.099   16.669  2.983   1.00 48.60 ? 66   ILE A CA  1 
ATOM   528  C C   . ILE A 1 67 ? 7.027   17.029  4.112   1.00 48.68 ? 66   ILE A C   1 
ATOM   529  O O   . ILE A 1 67 ? 8.027   17.711  3.874   1.00 53.70 ? 66   ILE A O   1 
ATOM   530  C CB  . ILE A 1 67 ? 6.858   15.767  2.037   1.00 45.11 ? 66   ILE A CB  1 
ATOM   531  C CG1 . ILE A 1 67 ? 5.921   15.314  0.938   1.00 44.10 ? 66   ILE A CG1 1 
ATOM   532  C CG2 . ILE A 1 67 ? 7.516   14.604  2.849   1.00 51.27 ? 66   ILE A CG2 1 
ATOM   533  C CD1 . ILE A 1 67 ? 6.628   14.611  -0.244  1.00 44.44 ? 66   ILE A CD1 1 
ATOM   534  N N   . ASP A 1 68 ? 6.713   16.609  5.334   1.00 46.02 ? 67   ASP A N   1 
ATOM   535  C CA  . ASP A 1 68 ? 7.568   17.001  6.455   1.00 45.76 ? 67   ASP A CA  1 
ATOM   536  C C   . ASP A 1 68 ? 8.023   15.768  7.256   1.00 45.64 ? 67   ASP A C   1 
ATOM   537  O O   . ASP A 1 68 ? 7.344   15.312  8.217   1.00 43.16 ? 67   ASP A O   1 
ATOM   538  C CB  . ASP A 1 68 ? 6.816   17.988  7.354   1.00 48.54 ? 67   ASP A CB  1 
ATOM   539  C CG  . ASP A 1 68 ? 7.630   18.415  8.569   1.00 63.50 ? 67   ASP A CG  1 
ATOM   540  O OD1 . ASP A 1 68 ? 8.657   17.757  8.908   1.00 70.24 ? 67   ASP A OD1 1 
ATOM   541  O OD2 . ASP A 1 68 ? 7.229   19.408  9.211   1.00 64.34 ? 67   ASP A OD2 1 
ATOM   542  N N   . ILE A 1 69 ? 9.161   15.223  6.861   1.00 42.64 ? 68   ILE A N   1 
ATOM   543  C CA  . ILE A 1 69 ? 9.607   13.983  7.484   1.00 50.94 ? 68   ILE A CA  1 
ATOM   544  C C   . ILE A 1 69 ? 10.042  14.084  8.962   1.00 50.41 ? 68   ILE A C   1 
ATOM   545  O O   . ILE A 1 69 ? 10.319  13.071  9.590   1.00 56.57 ? 68   ILE A O   1 
ATOM   546  C CB  . ILE A 1 69 ? 10.762  13.347  6.723   1.00 49.24 ? 68   ILE A CB  1 
ATOM   547  C CG1 . ILE A 1 69 ? 11.966  14.304  6.727   1.00 43.34 ? 68   ILE A CG1 1 
ATOM   548  C CG2 . ILE A 1 69 ? 10.327  12.955  5.300   1.00 44.00 ? 68   ILE A CG2 1 
ATOM   549  C CD1 . ILE A 1 69 ? 13.202  13.611  6.146   1.00 46.09 ? 68   ILE A CD1 1 
ATOM   550  N N   . SER A 1 70 ? 10.119  15.281  9.514   1.00 50.86 ? 69   SER A N   1 
ATOM   551  C CA  . SER A 1 70 ? 10.415  15.385  10.919  1.00 52.08 ? 69   SER A CA  1 
ATOM   552  C C   . SER A 1 70 ? 9.121   15.345  11.702  1.00 54.30 ? 69   SER A C   1 
ATOM   553  O O   . SER A 1 70 ? 9.120   15.127  12.917  1.00 56.20 ? 69   SER A O   1 
ATOM   554  C CB  . SER A 1 70 ? 11.141  16.695  11.211  1.00 56.47 ? 69   SER A CB  1 
ATOM   555  O OG  . SER A 1 70 ? 10.165  17.696  11.455  1.00 59.12 ? 69   SER A OG  1 
ATOM   556  N N   . ASP A 1 71 ? 8.010   15.571  11.015  1.00 51.38 ? 70   ASP A N   1 
ATOM   557  C CA  . ASP A 1 71 ? 6.731   15.411  11.659  1.00 49.93 ? 70   ASP A CA  1 
ATOM   558  C C   . ASP A 1 71 ? 6.116   13.976  11.509  1.00 48.44 ? 70   ASP A C   1 
ATOM   559  O O   . ASP A 1 71 ? 5.541   13.397  12.483  1.00 46.75 ? 70   ASP A O   1 
ATOM   560  C CB  . ASP A 1 71 ? 5.826   16.469  11.064  1.00 65.50 ? 70   ASP A CB  1 
ATOM   561  C CG  . ASP A 1 71 ? 4.920   17.085  12.080  1.00 65.87 ? 70   ASP A CG  1 
ATOM   562  O OD1 . ASP A 1 71 ? 5.406   17.389  13.206  1.00 72.07 ? 70   ASP A OD1 1 
ATOM   563  O OD2 . ASP A 1 71 ? 3.734   17.271  11.729  1.00 70.01 ? 70   ASP A OD2 1 
ATOM   564  N N   . ASN A 1 72 ? 6.252   13.411  10.307  1.00 43.07 ? 71   ASN A N   1 
ATOM   565  C CA  . ASN A 1 72 ? 5.492   12.221  9.881   1.00 44.26 ? 71   ASN A CA  1 
ATOM   566  C C   . ASN A 1 72 ? 6.362   11.204  9.177   1.00 40.04 ? 71   ASN A C   1 
ATOM   567  O O   . ASN A 1 72 ? 7.321   11.598  8.573   1.00 42.36 ? 71   ASN A O   1 
ATOM   568  C CB  . ASN A 1 72 ? 4.392   12.582  8.881   1.00 40.51 ? 71   ASN A CB  1 
ATOM   569  C CG  . ASN A 1 72 ? 3.564   13.761  9.334   1.00 56.50 ? 71   ASN A CG  1 
ATOM   570  O OD1 . ASN A 1 72 ? 3.010   13.737  10.446  1.00 50.48 ? 71   ASN A OD1 1 
ATOM   571  N ND2 . ASN A 1 72 ? 3.467   14.814  8.475   1.00 47.01 ? 71   ASN A ND2 1 
ATOM   572  N N   . GLU A 1 73 ? 5.986   9.912   9.250   1.00 40.22 ? 72   GLU A N   1 
ATOM   573  C CA  . GLU A 1 73 ? 6.535   8.843   8.417   1.00 41.23 ? 72   GLU A CA  1 
ATOM   574  C C   . GLU A 1 73 ? 5.779   8.821   7.092   1.00 46.75 ? 72   GLU A C   1 
ATOM   575  O O   . GLU A 1 73 ? 4.546   8.743   7.090   1.00 41.66 ? 72   GLU A O   1 
ATOM   576  C CB  . GLU A 1 73 ? 6.356   7.463   9.074   1.00 44.39 ? 72   GLU A CB  1 
ATOM   577  C CG  . GLU A 1 73 ? 7.022   7.300   10.430  1.00 55.52 ? 72   GLU A CG  1 
ATOM   578  C CD  . GLU A 1 73 ? 6.962   5.859   10.998  1.00 58.29 ? 72   GLU A CD  1 
ATOM   579  O OE1 . GLU A 1 73 ? 6.987   4.880   10.205  1.00 44.06 ? 72   GLU A OE1 1 
ATOM   580  O OE2 . GLU A 1 73 ? 6.926   5.724   12.267  1.00 63.77 ? 72   GLU A OE2 1 
ATOM   581  N N   . TYR A 1 74 ? 6.510   8.837   5.984   1.00 44.03 ? 73   TYR A N   1 
ATOM   582  C CA  . TYR A 1 74 ? 5.928   8.799   4.664   1.00 42.31 ? 73   TYR A CA  1 
ATOM   583  C C   . TYR A 1 74 ? 6.229   7.477   3.952   1.00 42.29 ? 73   TYR A C   1 
ATOM   584  O O   . TYR A 1 74 ? 7.276   6.901   4.161   1.00 47.11 ? 73   TYR A O   1 
ATOM   585  C CB  . TYR A 1 74 ? 6.484   9.985   3.847   1.00 42.05 ? 73   TYR A CB  1 
ATOM   586  C CG  . TYR A 1 74 ? 5.935   11.257  4.329   1.00 37.20 ? 73   TYR A CG  1 
ATOM   587  C CD1 . TYR A 1 74 ? 6.470   11.888  5.458   1.00 43.08 ? 73   TYR A CD1 1 
ATOM   588  C CD2 . TYR A 1 74 ? 4.844   11.867  3.653   1.00 47.81 ? 73   TYR A CD2 1 
ATOM   589  C CE1 . TYR A 1 74 ? 5.926   13.137  5.905   1.00 44.05 ? 73   TYR A CE1 1 
ATOM   590  C CE2 . TYR A 1 74 ? 4.301   13.078  4.077   1.00 34.22 ? 73   TYR A CE2 1 
ATOM   591  C CZ  . TYR A 1 74 ? 4.836   13.718  5.185   1.00 40.65 ? 73   TYR A CZ  1 
ATOM   592  O OH  . TYR A 1 74 ? 4.332   14.937  5.564   1.00 38.64 ? 73   TYR A OH  1 
ATOM   593  N N   . PHE A 1 75 ? 5.295   7.016   3.122   1.00 37.39 ? 74   PHE A N   1 
ATOM   594  C CA  . PHE A 1 75 ? 5.427   5.813   2.324   1.00 36.01 ? 74   PHE A CA  1 
ATOM   595  C C   . PHE A 1 75 ? 4.827   6.154   0.952   1.00 42.55 ? 74   PHE A C   1 
ATOM   596  O O   . PHE A 1 75 ? 3.868   6.949   0.881   1.00 46.04 ? 74   PHE A O   1 
ATOM   597  C CB  . PHE A 1 75 ? 4.642   4.687   2.974   1.00 35.58 ? 74   PHE A CB  1 
ATOM   598  C CG  . PHE A 1 75 ? 5.174   4.310   4.307   1.00 36.96 ? 74   PHE A CG  1 
ATOM   599  C CD1 . PHE A 1 75 ? 6.204   3.393   4.420   1.00 40.91 ? 74   PHE A CD1 1 
ATOM   600  C CD2 . PHE A 1 75 ? 4.689   4.920   5.452   1.00 34.05 ? 74   PHE A CD2 1 
ATOM   601  C CE1 . PHE A 1 75 ? 6.764   3.054   5.687   1.00 39.01 ? 74   PHE A CE1 1 
ATOM   602  C CE2 . PHE A 1 75 ? 5.224   4.630   6.734   1.00 40.51 ? 74   PHE A CE2 1 
ATOM   603  C CZ  . PHE A 1 75 ? 6.283   3.675   6.849   1.00 42.63 ? 74   PHE A CZ  1 
ATOM   604  N N   . VAL A 1 76 ? 5.429   5.622   -0.108  1.00 38.95 ? 75   VAL A N   1 
ATOM   605  C CA  . VAL A 1 76 ? 4.941   5.771   -1.473  1.00 41.18 ? 75   VAL A CA  1 
ATOM   606  C C   . VAL A 1 76 ? 4.834   4.389   -2.051  1.00 38.36 ? 75   VAL A C   1 
ATOM   607  O O   . VAL A 1 76 ? 5.701   3.579   -1.803  1.00 40.60 ? 75   VAL A O   1 
ATOM   608  C CB  . VAL A 1 76 ? 5.950   6.431   -2.405  1.00 44.83 ? 75   VAL A CB  1 
ATOM   609  C CG1 . VAL A 1 76 ? 5.299   7.505   -3.176  1.00 35.37 ? 75   VAL A CG1 1 
ATOM   610  C CG2 . VAL A 1 76 ? 7.108   6.876   -1.641  1.00 48.29 ? 75   VAL A CG2 1 
ATOM   611  N N   . SER A 1 77 ? 3.796   4.148   -2.857  1.00 39.60 ? 76   SER A N   1 
ATOM   612  C CA  . SER A 1 77 ? 3.728   2.945   -3.692  1.00 40.31 ? 76   SER A CA  1 
ATOM   613  C C   . SER A 1 77 ? 3.574   3.386   -5.154  1.00 42.01 ? 76   SER A C   1 
ATOM   614  O O   . SER A 1 77 ? 3.220   4.528   -5.438  1.00 47.26 ? 76   SER A O   1 
ATOM   615  C CB  . SER A 1 77 ? 2.519   2.064   -3.283  1.00 41.10 ? 76   SER A CB  1 
ATOM   616  O OG  . SER A 1 77 ? 1.332   2.834   -3.324  1.00 38.65 ? 76   SER A OG  1 
ATOM   617  N N   . PHE A 1 78 ? 3.820   2.463   -6.059  1.00 37.65 ? 77   PHE A N   1 
ATOM   618  C CA  . PHE A 1 78 ? 3.843   2.752   -7.462  1.00 31.65 ? 77   PHE A CA  1 
ATOM   619  C C   . PHE A 1 78 ? 2.710   2.000   -8.014  1.00 33.75 ? 77   PHE A C   1 
ATOM   620  O O   . PHE A 1 78 ? 2.872   0.886   -8.406  1.00 37.34 ? 77   PHE A O   1 
ATOM   621  C CB  . PHE A 1 78 ? 5.160   2.272   -8.022  1.00 31.10 ? 77   PHE A CB  1 
ATOM   622  C CG  . PHE A 1 78 ? 6.307   2.971   -7.381  1.00 39.02 ? 77   PHE A CG  1 
ATOM   623  C CD1 . PHE A 1 78 ? 6.533   4.334   -7.639  1.00 37.08 ? 77   PHE A CD1 1 
ATOM   624  C CD2 . PHE A 1 78 ? 7.089   2.335   -6.399  1.00 34.81 ? 77   PHE A CD2 1 
ATOM   625  C CE1 . PHE A 1 78 ? 7.514   5.049   -6.925  1.00 40.48 ? 77   PHE A CE1 1 
ATOM   626  C CE2 . PHE A 1 78 ? 8.075   3.043   -5.680  1.00 42.19 ? 77   PHE A CE2 1 
ATOM   627  C CZ  . PHE A 1 78 ? 8.284   4.409   -5.948  1.00 37.79 ? 77   PHE A CZ  1 
ATOM   628  N N   . ASP A 1 79 ? 1.525   2.606   -7.961  1.00 35.49 ? 78   ASP A N   1 
ATOM   629  C CA  . ASP A 1 79 ? 0.313   2.021   -8.466  1.00 34.01 ? 78   ASP A CA  1 
ATOM   630  C C   . ASP A 1 79 ? 0.214   2.177   -10.010 1.00 43.12 ? 78   ASP A C   1 
ATOM   631  O O   . ASP A 1 79 ? 0.420   3.283   -10.578 1.00 39.72 ? 78   ASP A O   1 
ATOM   632  C CB  . ASP A 1 79 ? -0.898  2.683   -7.801  1.00 37.57 ? 78   ASP A CB  1 
ATOM   633  C CG  . ASP A 1 79 ? -0.876  2.559   -6.261  1.00 52.52 ? 78   ASP A CG  1 
ATOM   634  O OD1 . ASP A 1 79 ? 0.042   1.878   -5.732  1.00 45.22 ? 78   ASP A OD1 1 
ATOM   635  O OD2 . ASP A 1 79 ? -1.778  3.141   -5.591  1.00 45.02 ? 78   ASP A OD2 1 
ATOM   636  N N   . TYR A 1 80 ? -0.106  1.083   -10.688 1.00 42.92 ? 79   TYR A N   1 
ATOM   637  C CA  . TYR A 1 80 ? -0.343  1.163   -12.109 1.00 44.40 ? 79   TYR A CA  1 
ATOM   638  C C   . TYR A 1 80 ? -1.671  0.583   -12.498 1.00 46.32 ? 79   TYR A C   1 
ATOM   639  O O   . TYR A 1 80 ? -1.941  -0.597  -12.219 1.00 45.07 ? 79   TYR A O   1 
ATOM   640  C CB  . TYR A 1 80 ? 0.747   0.459   -12.900 1.00 45.64 ? 79   TYR A CB  1 
ATOM   641  C CG  . TYR A 1 80 ? 0.522   0.689   -14.376 1.00 53.91 ? 79   TYR A CG  1 
ATOM   642  C CD1 . TYR A 1 80 ? -0.462  -0.036  -15.090 1.00 47.76 ? 79   TYR A CD1 1 
ATOM   643  C CD2 . TYR A 1 80 ? 1.274   1.643   -15.064 1.00 49.00 ? 79   TYR A CD2 1 
ATOM   644  C CE1 . TYR A 1 80 ? -0.675  0.188   -16.448 1.00 52.36 ? 79   TYR A CE1 1 
ATOM   645  C CE2 . TYR A 1 80 ? 1.078   1.868   -16.419 1.00 48.77 ? 79   TYR A CE2 1 
ATOM   646  C CZ  . TYR A 1 80 ? 0.105   1.138   -17.114 1.00 49.83 ? 79   TYR A CZ  1 
ATOM   647  O OH  . TYR A 1 80 ? -0.031  1.323   -18.469 1.00 50.16 ? 79   TYR A OH  1 
ATOM   648  N N   . ARG A 1 81 ? -2.507  1.403   -13.143 1.00 46.59 ? 80   ARG A N   1 
ATOM   649  C CA  . ARG A 1 81 ? -3.803  0.902   -13.671 1.00 50.51 ? 80   ARG A CA  1 
ATOM   650  C C   . ARG A 1 81 ? -3.949  1.451   -15.063 1.00 55.19 ? 80   ARG A C   1 
ATOM   651  O O   . ARG A 1 81 ? -3.457  2.569   -15.336 1.00 56.93 ? 80   ARG A O   1 
ATOM   652  C CB  . ARG A 1 81 ? -5.014  1.371   -12.858 1.00 38.57 ? 80   ARG A CB  1 
ATOM   653  C CG  . ARG A 1 81 ? -5.182  0.680   -11.517 1.00 55.36 ? 80   ARG A CG  1 
ATOM   654  C CD  . ARG A 1 81 ? -6.069  1.478   -10.513 1.00 51.29 ? 80   ARG A CD  1 
ATOM   655  N NE  . ARG A 1 81 ? -6.440  0.659   -9.345  1.00 55.77 ? 80   ARG A NE  1 
ATOM   656  C CZ  . ARG A 1 81 ? -7.221  -0.422  -9.400  1.00 63.66 ? 80   ARG A CZ  1 
ATOM   657  N NH1 . ARG A 1 81 ? -7.727  -0.793  -10.564 1.00 71.88 ? 80   ARG A NH1 1 
ATOM   658  N NH2 . ARG A 1 81 ? -7.462  -1.178  -8.321  1.00 62.75 ? 80   ARG A NH2 1 
ATOM   659  N N   . ASP A 1 82 ? -4.604  0.673   -15.933 1.00 58.25 ? 81   ASP A N   1 
ATOM   660  C CA  . ASP A 1 82 ? -4.790  1.065   -17.328 1.00 57.37 ? 81   ASP A CA  1 
ATOM   661  C C   . ASP A 1 82 ? -5.694  2.228   -17.406 1.00 58.01 ? 81   ASP A C   1 
ATOM   662  O O   . ASP A 1 82 ? -6.761  2.231   -16.793 1.00 59.37 ? 81   ASP A O   1 
ATOM   663  C CB  . ASP A 1 82 ? -5.386  -0.070  -18.160 1.00 55.28 ? 81   ASP A CB  1 
ATOM   664  C CG  . ASP A 1 82 ? -4.358  -1.176  -18.440 1.00 57.42 ? 81   ASP A CG  1 
ATOM   665  O OD1 . ASP A 1 82 ? -3.140  -0.882  -18.493 1.00 59.69 ? 81   ASP A OD1 1 
ATOM   666  O OD2 . ASP A 1 82 ? -4.769  -2.329  -18.610 1.00 57.67 ? 81   ASP A OD2 1 
ATOM   667  N N   . GLY A 1 83 ? -5.250  3.226   -18.161 1.00 59.17 ? 82   GLY A N   1 
ATOM   668  C CA  . GLY A 1 83 ? -6.118  4.341   -18.485 1.00 62.35 ? 82   GLY A CA  1 
ATOM   669  C C   . GLY A 1 83 ? -6.141  5.443   -17.440 1.00 67.46 ? 82   GLY A C   1 
ATOM   670  O O   . GLY A 1 83 ? -5.136  5.707   -16.758 1.00 65.59 ? 82   GLY A O   1 
ATOM   671  N N   . ASP A 1 84 ? -7.313  6.075   -17.339 1.00 67.80 ? 83   ASP A N   1 
ATOM   672  C CA  . ASP A 1 84 ? -7.601  7.147   -16.398 1.00 66.28 ? 83   ASP A CA  1 
ATOM   673  C C   . ASP A 1 84 ? -8.291  6.483   -15.197 1.00 61.27 ? 83   ASP A C   1 
ATOM   674  O O   . ASP A 1 84 ? -9.214  5.690   -15.354 1.00 59.20 ? 83   ASP A O   1 
ATOM   675  C CB  . ASP A 1 84 ? -8.544  8.195   -17.051 1.00 64.80 ? 83   ASP A CB  1 
ATOM   676  C CG  . ASP A 1 84 ? -8.715  9.489   -16.195 1.00 68.46 ? 83   ASP A CG  1 
ATOM   677  O OD1 . ASP A 1 84 ? -9.162  9.456   -15.009 1.00 70.09 ? 83   ASP A OD1 1 
ATOM   678  O OD2 . ASP A 1 84 ? -8.400  10.573  -16.728 1.00 75.39 ? 83   ASP A OD2 1 
ATOM   679  N N   . TRP A 1 85 ? -7.844  6.820   -13.993 1.00 58.37 ? 84   TRP A N   1 
ATOM   680  C CA  . TRP A 1 85 ? -8.369  6.149   -12.792 1.00 58.03 ? 84   TRP A CA  1 
ATOM   681  C C   . TRP A 1 85 ? -8.139  6.968   -11.508 1.00 58.04 ? 84   TRP A C   1 
ATOM   682  O O   . TRP A 1 85 ? -7.225  7.874   -11.523 1.00 50.10 ? 84   TRP A O   1 
ATOM   683  C CB  . TRP A 1 85 ? -7.697  4.783   -12.621 1.00 54.36 ? 84   TRP A CB  1 
ATOM   684  C CG  . TRP A 1 85 ? -6.199  4.845   -12.251 1.00 50.65 ? 84   TRP A CG  1 
ATOM   685  C CD1 . TRP A 1 85 ? -5.116  4.907   -13.112 1.00 53.45 ? 84   TRP A CD1 1 
ATOM   686  C CD2 . TRP A 1 85 ? -5.658  4.781   -10.932 1.00 48.14 ? 84   TRP A CD2 1 
ATOM   687  N NE1 . TRP A 1 85 ? -3.949  4.872   -12.405 1.00 48.76 ? 84   TRP A NE1 1 
ATOM   688  C CE2 . TRP A 1 85 ? -4.243  4.792   -11.065 1.00 48.41 ? 84   TRP A CE2 1 
ATOM   689  C CE3 . TRP A 1 85 ? -6.233  4.704   -9.647  1.00 40.78 ? 84   TRP A CE3 1 
ATOM   690  C CZ2 . TRP A 1 85 ? -3.384  4.726   -9.964  1.00 44.29 ? 84   TRP A CZ2 1 
ATOM   691  C CZ3 . TRP A 1 85 ? -5.377  4.639   -8.537  1.00 49.54 ? 84   TRP A CZ3 1 
ATOM   692  C CH2 . TRP A 1 85 ? -3.961  4.649   -8.710  1.00 47.53 ? 84   TRP A CH2 1 
ATOM   693  O OXT . TRP A 1 85 ? -8.880  6.647   -10.520 1.00 53.42 ? 84   TRP A OXT 1 
ATOM   694  N N   . GLY B 2 1  ? 9.103   -3.753  -21.165 1.00 44.57 ? 1    GLY B N   1 
ATOM   695  C CA  . GLY B 2 1  ? 8.854   -2.292  -20.908 1.00 59.57 ? 1    GLY B CA  1 
ATOM   696  C C   . GLY B 2 1  ? 7.747   -1.952  -19.882 1.00 64.10 ? 1    GLY B C   1 
ATOM   697  O O   . GLY B 2 1  ? 7.051   -2.830  -19.375 1.00 68.77 ? 1    GLY B O   1 
ATOM   698  N N   . PHE B 2 2  ? 7.567   -0.675  -19.561 1.00 64.20 ? 2    PHE B N   1 
ATOM   699  C CA  . PHE B 2 2  ? 6.932   -0.315  -18.285 1.00 61.15 ? 2    PHE B CA  1 
ATOM   700  C C   . PHE B 2 2  ? 5.447   -0.753  -18.095 1.00 58.23 ? 2    PHE B C   1 
ATOM   701  O O   . PHE B 2 2  ? 5.060   -1.179  -16.997 1.00 50.86 ? 2    PHE B O   1 
ATOM   702  C CB  . PHE B 2 2  ? 7.102   1.189   -18.021 1.00 59.08 ? 2    PHE B CB  1 
ATOM   703  C CG  . PHE B 2 2  ? 6.546   1.641   -16.698 1.00 55.82 ? 2    PHE B CG  1 
ATOM   704  C CD1 . PHE B 2 2  ? 7.300   1.526   -15.531 1.00 53.29 ? 2    PHE B CD1 1 
ATOM   705  C CD2 . PHE B 2 2  ? 5.223   2.110   -16.619 1.00 55.76 ? 2    PHE B CD2 1 
ATOM   706  C CE1 . PHE B 2 2  ? 6.745   1.864   -14.299 1.00 57.49 ? 2    PHE B CE1 1 
ATOM   707  C CE2 . PHE B 2 2  ? 4.655   2.448   -15.421 1.00 56.01 ? 2    PHE B CE2 1 
ATOM   708  C CZ  . PHE B 2 2  ? 5.417   2.324   -14.236 1.00 57.54 ? 2    PHE B CZ  1 
ATOM   709  N N   . LYS B 2 3  ? 4.624   -0.692  -19.130 1.00 52.82 ? 3    LYS B N   1 
ATOM   710  C CA  . LYS B 2 3  ? 3.251   -1.125  -18.953 1.00 52.79 ? 3    LYS B CA  1 
ATOM   711  C C   . LYS B 2 3  ? 3.267   -2.593  -18.551 1.00 57.56 ? 3    LYS B C   1 
ATOM   712  O O   . LYS B 2 3  ? 2.435   -3.087  -17.758 1.00 54.26 ? 3    LYS B O   1 
ATOM   713  C CB  . LYS B 2 3  ? 2.479   -0.968  -20.262 1.00 67.41 ? 3    LYS B CB  1 
ATOM   714  C CG  . LYS B 2 3  ? 1.008   -1.405  -20.174 1.00 70.94 ? 3    LYS B CG  1 
ATOM   715  C CD  . LYS B 2 3  ? 0.347   -1.386  -21.573 1.00 83.23 ? 3    LYS B CD  1 
ATOM   716  C CE  . LYS B 2 3  ? -1.230  -1.261  -21.504 1.00 82.72 ? 3    LYS B CE  1 
ATOM   717  N NZ  . LYS B 2 3  ? -1.737  0.088   -20.950 1.00 78.15 ? 3    LYS B NZ  1 
ATOM   718  N N   . ASP B 2 4  ? 4.214   -3.312  -19.130 1.00 58.48 ? 4    ASP B N   1 
ATOM   719  C CA  . ASP B 2 4  ? 4.316   -4.733  -18.812 1.00 64.35 ? 4    ASP B CA  1 
ATOM   720  C C   . ASP B 2 4  ? 4.555   -4.911  -17.320 1.00 55.91 ? 4    ASP B C   1 
ATOM   721  O O   . ASP B 2 4  ? 3.889   -5.720  -16.664 1.00 57.13 ? 4    ASP B O   1 
ATOM   722  C CB  . ASP B 2 4  ? 5.435   -5.407  -19.620 1.00 62.18 ? 4    ASP B CB  1 
ATOM   723  C CG  . ASP B 2 4  ? 5.269   -5.187  -21.133 1.00 71.62 ? 4    ASP B CG  1 
ATOM   724  O OD1 . ASP B 2 4  ? 4.171   -5.499  -21.705 1.00 60.33 ? 4    ASP B OD1 1 
ATOM   725  O OD2 . ASP B 2 4  ? 6.265   -4.686  -21.735 1.00 81.58 ? 4    ASP B OD2 1 
ATOM   726  N N   . TYR B 2 5  ? 5.484   -4.146  -16.772 1.00 52.49 ? 5    TYR B N   1 
ATOM   727  C CA  . TYR B 2 5  ? 5.713   -4.235  -15.348 1.00 54.10 ? 5    TYR B CA  1 
ATOM   728  C C   . TYR B 2 5  ? 4.433   -3.935  -14.547 1.00 50.47 ? 5    TYR B C   1 
ATOM   729  O O   . TYR B 2 5  ? 4.164   -4.578  -13.545 1.00 48.19 ? 5    TYR B O   1 
ATOM   730  C CB  . TYR B 2 5  ? 6.842   -3.313  -14.939 1.00 55.19 ? 5    TYR B CB  1 
ATOM   731  C CG  . TYR B 2 5  ? 8.181   -3.839  -15.355 1.00 63.39 ? 5    TYR B CG  1 
ATOM   732  C CD1 . TYR B 2 5  ? 8.880   -4.694  -14.539 1.00 55.64 ? 5    TYR B CD1 1 
ATOM   733  C CD2 . TYR B 2 5  ? 8.753   -3.491  -16.597 1.00 73.10 ? 5    TYR B CD2 1 
ATOM   734  C CE1 . TYR B 2 5  ? 10.129  -5.205  -14.930 1.00 65.59 ? 5    TYR B CE1 1 
ATOM   735  C CE2 . TYR B 2 5  ? 10.010  -3.993  -16.992 1.00 63.33 ? 5    TYR B CE2 1 
ATOM   736  C CZ  . TYR B 2 5  ? 10.683  -4.839  -16.148 1.00 65.31 ? 5    TYR B CZ  1 
ATOM   737  O OH  . TYR B 2 5  ? 11.942  -5.264  -16.467 1.00 67.24 ? 5    TYR B OH  1 
ATOM   738  N N   . GLY B 2 6  ? 3.638   -2.977  -15.027 1.00 46.44 ? 6    GLY B N   1 
ATOM   739  C CA  . GLY B 2 6  ? 2.422   -2.614  -14.344 1.00 44.71 ? 6    GLY B CA  1 
ATOM   740  C C   . GLY B 2 6  ? 1.350   -3.670  -14.353 1.00 49.91 ? 6    GLY B C   1 
ATOM   741  O O   . GLY B 2 6  ? 0.354   -3.537  -13.635 1.00 52.97 ? 6    GLY B O   1 
ATOM   742  N N   . HIS B 2 7  ? 1.497   -4.709  -15.169 1.00 51.53 ? 7    HIS B N   1 
ATOM   743  C CA  . HIS B 2 7  ? 0.510   -5.785  -15.149 1.00 48.13 ? 7    HIS B CA  1 
ATOM   744  C C   . HIS B 2 7  ? 1.057   -7.045  -14.499 1.00 48.34 ? 7    HIS B C   1 
ATOM   745  O O   . HIS B 2 7  ? 0.342   -8.039  -14.456 1.00 47.53 ? 7    HIS B O   1 
ATOM   746  C CB  . HIS B 2 7  ? 0.034   -6.118  -16.558 1.00 53.52 ? 7    HIS B CB  1 
ATOM   747  C CG  . HIS B 2 7  ? -0.888  -5.086  -17.136 1.00 67.40 ? 7    HIS B CG  1 
ATOM   748  N ND1 . HIS B 2 7  ? -0.439  -4.020  -17.885 1.00 71.16 ? 7    HIS B ND1 1 
ATOM   749  C CD2 . HIS B 2 7  ? -2.239  -4.946  -17.050 1.00 66.02 ? 7    HIS B CD2 1 
ATOM   750  C CE1 . HIS B 2 7  ? -1.467  -3.268  -18.243 1.00 68.79 ? 7    HIS B CE1 1 
ATOM   751  N NE2 . HIS B 2 7  ? -2.572  -3.803  -17.749 1.00 69.30 ? 7    HIS B NE2 1 
ATOM   752  N N   . ASP B 2 8  ? 2.304   -7.004  -13.996 1.00 37.88 ? 8    ASP B N   1 
ATOM   753  C CA  . ASP B 2 8  ? 2.826   -8.103  -13.170 1.00 51.60 ? 8    ASP B CA  1 
ATOM   754  C C   . ASP B 2 8  ? 1.980   -8.504  -11.958 1.00 51.70 ? 8    ASP B C   1 
ATOM   755  O O   . ASP B 2 8  ? 1.902   -9.688  -11.614 1.00 53.18 ? 8    ASP B O   1 
ATOM   756  C CB  . ASP B 2 8  ? 4.250   -7.813  -12.660 1.00 48.12 ? 8    ASP B CB  1 
ATOM   757  C CG  . ASP B 2 8  ? 5.268   -7.888  -13.764 1.00 53.99 ? 8    ASP B CG  1 
ATOM   758  O OD1 . ASP B 2 8  ? 5.005   -8.683  -14.720 1.00 51.26 ? 8    ASP B OD1 1 
ATOM   759  O OD2 . ASP B 2 8  ? 6.297   -7.173  -13.662 1.00 54.34 ? 8    ASP B OD2 1 
ATOM   760  N N   . TYR B 2 9  ? 1.393   -7.506  -11.299 1.00 53.65 ? 9    TYR B N   1 
ATOM   761  C CA  . TYR B 2 9  ? 0.586   -7.736  -10.103 1.00 49.49 ? 9    TYR B CA  1 
ATOM   762  C C   . TYR B 2 9  ? -0.731  -6.997  -10.169 1.00 48.99 ? 9    TYR B C   1 
ATOM   763  O O   . TYR B 2 9  ? -0.897  -6.167  -11.081 1.00 53.22 ? 9    TYR B O   1 
ATOM   764  C CB  . TYR B 2 9  ? 1.357   -7.289  -8.905  1.00 52.37 ? 9    TYR B CB  1 
ATOM   765  C CG  . TYR B 2 9  ? 2.662   -7.991  -8.823  1.00 50.76 ? 9    TYR B CG  1 
ATOM   766  C CD1 . TYR B 2 9  ? 2.719   -9.311  -8.413  1.00 57.35 ? 9    TYR B CD1 1 
ATOM   767  C CD2 . TYR B 2 9  ? 3.850   -7.319  -9.082  1.00 53.95 ? 9    TYR B CD2 1 
ATOM   768  C CE1 . TYR B 2 9  ? 3.911   -9.948  -8.235  1.00 55.55 ? 9    TYR B CE1 1 
ATOM   769  C CE2 . TYR B 2 9  ? 5.076   -7.944  -8.923  1.00 60.31 ? 9    TYR B CE2 1 
ATOM   770  C CZ  . TYR B 2 9  ? 5.094   -9.258  -8.490  1.00 62.28 ? 9    TYR B CZ  1 
ATOM   771  O OH  . TYR B 2 9  ? 6.288   -9.864  -8.276  1.00 56.42 ? 9    TYR B OH  1 
ATOM   772  N N   . HIS B 2 10 ? -1.667  -7.308  -9.244  1.00 46.97 ? 10   HIS B N   1 
ATOM   773  C CA  . HIS B 2 10 ? -3.010  -6.723  -9.264  1.00 40.21 ? 10   HIS B CA  1 
ATOM   774  C C   . HIS B 2 10 ? -2.905  -5.408  -8.497  1.00 47.29 ? 10   HIS B C   1 
ATOM   775  O O   . HIS B 2 10 ? -2.350  -5.373  -7.386  1.00 44.78 ? 10   HIS B O   1 
ATOM   776  C CB  . HIS B 2 10 ? -3.994  -7.610  -8.546  1.00 46.12 ? 10   HIS B CB  1 
ATOM   777  C CG  . HIS B 2 10 ? -4.336  -8.861  -9.284  1.00 54.56 ? 10   HIS B CG  1 
ATOM   778  N ND1 . HIS B 2 10 ? -5.200  -8.873  -10.361 1.00 59.55 ? 10   HIS B ND1 1 
ATOM   779  C CD2 . HIS B 2 10 ? -3.900  -10.139 -9.130  1.00 48.85 ? 10   HIS B CD2 1 
ATOM   780  C CE1 . HIS B 2 10 ? -5.281  -10.107 -10.841 1.00 59.56 ? 10   HIS B CE1 1 
ATOM   781  N NE2 . HIS B 2 10 ? -4.503  -10.893 -10.111 1.00 48.50 ? 10   HIS B NE2 1 
ATOM   782  N N   . PRO B 2 11 ? -3.409  -4.307  -9.085  1.00 48.45 ? 11   PRO B N   1 
ATOM   783  C CA  . PRO B 2 11 ? -3.344  -2.993  -8.418  1.00 47.04 ? 11   PRO B CA  1 
ATOM   784  C C   . PRO B 2 11 ? -4.130  -3.098  -7.119  1.00 45.37 ? 11   PRO B C   1 
ATOM   785  O O   . PRO B 2 11 ? -5.156  -3.777  -7.056  1.00 44.08 ? 11   PRO B O   1 
ATOM   786  C CB  . PRO B 2 11 ? -4.013  -2.035  -9.415  1.00 42.96 ? 11   PRO B CB  1 
ATOM   787  C CG  . PRO B 2 11 ? -4.061  -2.797  -10.677 1.00 51.52 ? 11   PRO B CG  1 
ATOM   788  C CD  . PRO B 2 11 ? -4.238  -4.243  -10.295 1.00 43.70 ? 11   PRO B CD  1 
ATOM   789  N N   . ALA B 2 12 ? -3.657  -2.449  -6.063  1.00 43.65 ? 12   ALA B N   1 
ATOM   790  C CA  . ALA B 2 12 ? -4.438  -2.517  -4.832  1.00 44.84 ? 12   ALA B CA  1 
ATOM   791  C C   . ALA B 2 12 ? -5.721  -1.641  -4.941  1.00 46.05 ? 12   ALA B C   1 
ATOM   792  O O   . ALA B 2 12 ? -5.799  -0.698  -5.768  1.00 36.17 ? 12   ALA B O   1 
ATOM   793  C CB  . ALA B 2 12 ? -3.592  -2.027  -3.692  1.00 28.62 ? 12   ALA B CB  1 
ATOM   794  N N   . PRO B 2 13 ? -6.730  -1.941  -4.112  1.00 43.37 ? 13   PRO B N   1 
ATOM   795  C CA  . PRO B 2 13 ? -7.953  -1.123  -4.155  1.00 40.09 ? 13   PRO B CA  1 
ATOM   796  C C   . PRO B 2 13 ? -7.643  0.209   -3.494  1.00 41.67 ? 13   PRO B C   1 
ATOM   797  O O   . PRO B 2 13 ? -6.893  0.269   -2.526  1.00 41.16 ? 13   PRO B O   1 
ATOM   798  C CB  . PRO B 2 13 ? -8.935  -1.922  -3.354  1.00 37.66 ? 13   PRO B CB  1 
ATOM   799  C CG  . PRO B 2 13 ? -8.042  -2.685  -2.379  1.00 44.08 ? 13   PRO B CG  1 
ATOM   800  C CD  . PRO B 2 13 ? -6.898  -3.133  -3.266  1.00 47.46 ? 13   PRO B CD  1 
ATOM   801  N N   . LYS B 2 14 ? -8.177  1.303   -4.012  1.00 45.65 ? 14   LYS B N   1 
ATOM   802  C CA  . LYS B 2 14 ? -8.039  2.520   -3.247  1.00 46.10 ? 14   LYS B CA  1 
ATOM   803  C C   . LYS B 2 14 ? -9.042  2.467   -2.091  1.00 45.56 ? 14   LYS B C   1 
ATOM   804  O O   . LYS B 2 14 ? -10.019 1.709   -2.147  1.00 48.07 ? 14   LYS B O   1 
ATOM   805  C CB  . LYS B 2 14 ? -8.078  3.778   -4.154  1.00 49.38 ? 14   LYS B CB  1 
ATOM   806  C CG  . LYS B 2 14 ? -9.318  4.293   -4.745  1.00 53.46 ? 14   LYS B CG  1 
ATOM   807  C CD  . LYS B 2 14 ? -8.900  5.179   -5.976  1.00 55.38 ? 14   LYS B CD  1 
ATOM   808  C CE  . LYS B 2 14 ? -8.822  6.763   -5.793  1.00 61.45 ? 14   LYS B CE  1 
ATOM   809  N NZ  . LYS B 2 14 ? -8.384  7.505   -7.128  1.00 64.59 ? 14   LYS B NZ  1 
ATOM   810  N N   . THR B 2 15 ? -8.690  3.128   -0.984  1.00 44.66 ? 15   THR B N   1 
ATOM   811  C CA  . THR B 2 15 ? -9.325  2.913   0.323   1.00 47.57 ? 15   THR B CA  1 
ATOM   812  C C   . THR B 2 15 ? -10.846 3.077   0.193   1.00 47.50 ? 15   THR B C   1 
ATOM   813  O O   . THR B 2 15 ? -11.636 2.278   0.727   1.00 49.98 ? 15   THR B O   1 
ATOM   814  C CB  . THR B 2 15 ? -8.801  3.953   1.387   1.00 46.21 ? 15   THR B CB  1 
ATOM   815  O OG1 . THR B 2 15 ? -7.398  3.771   1.610   1.00 46.38 ? 15   THR B OG1 1 
ATOM   816  C CG2 . THR B 2 15 ? -9.530  3.784   2.695   1.00 38.99 ? 15   THR B CG2 1 
ATOM   817  N N   . GLU B 2 16 ? -11.248 4.120   -0.522  1.00 47.32 ? 16   GLU B N   1 
ATOM   818  C CA  . GLU B 2 16 ? -12.666 4.510   -0.621  1.00 53.10 ? 16   GLU B CA  1 
ATOM   819  C C   . GLU B 2 16 ? -13.517 3.424   -1.295  1.00 60.02 ? 16   GLU B C   1 
ATOM   820  O O   . GLU B 2 16 ? -14.740 3.366   -1.070  1.00 67.45 ? 16   GLU B O   1 
ATOM   821  C CB  . GLU B 2 16 ? -12.792 5.824   -1.393  1.00 47.05 ? 16   GLU B CB  1 
ATOM   822  C CG  . GLU B 2 16 ? -12.585 5.691   -2.919  1.00 64.23 ? 16   GLU B CG  1 
ATOM   823  C CD  . GLU B 2 16 ? -12.287 7.040   -3.630  1.00 69.21 ? 16   GLU B CD  1 
ATOM   824  O OE1 . GLU B 2 16 ? -12.673 8.099   -3.097  1.00 67.75 ? 16   GLU B OE1 1 
ATOM   825  O OE2 . GLU B 2 16 ? -11.660 7.028   -4.732  1.00 77.15 ? 16   GLU B OE2 1 
ATOM   826  N N   . ASN B 2 17 ? -12.877 2.559   -2.101  1.00 56.50 ? 17   ASN B N   1 
ATOM   827  C CA  . ASN B 2 17 ? -13.591 1.507   -2.832  1.00 55.36 ? 17   ASN B CA  1 
ATOM   828  C C   . ASN B 2 17 ? -13.620 0.185   -2.177  1.00 52.11 ? 17   ASN B C   1 
ATOM   829  O O   . ASN B 2 17 ? -14.078 -0.775  -2.813  1.00 51.30 ? 17   ASN B O   1 
ATOM   830  C CB  . ASN B 2 17 ? -13.013 1.281   -4.218  1.00 51.88 ? 17   ASN B CB  1 
ATOM   831  C CG  . ASN B 2 17 ? -13.111 2.503   -5.038  1.00 55.71 ? 17   ASN B CG  1 
ATOM   832  O OD1 . ASN B 2 17 ? -12.167 2.869   -5.775  1.00 57.92 ? 17   ASN B OD1 1 
ATOM   833  N ND2 . ASN B 2 17 ? -14.256 3.196   -4.904  1.00 53.26 ? 17   ASN B ND2 1 
ATOM   834  N N   . ILE B 2 18 ? -13.138 0.113   -0.940  1.00 48.82 ? 18   ILE B N   1 
ATOM   835  C CA  . ILE B 2 18 ? -13.132 -1.174  -0.240  1.00 53.49 ? 18   ILE B CA  1 
ATOM   836  C C   . ILE B 2 18 ? -14.443 -1.222  0.495   1.00 54.83 ? 18   ILE B C   1 
ATOM   837  O O   . ILE B 2 18 ? -14.720 -0.420  1.440   1.00 50.50 ? 18   ILE B O   1 
ATOM   838  C CB  . ILE B 2 18 ? -11.976 -1.318  0.799   1.00 47.84 ? 18   ILE B CB  1 
ATOM   839  C CG1 . ILE B 2 18 ? -10.621 -1.168  0.083   1.00 48.77 ? 18   ILE B CG1 1 
ATOM   840  C CG2 . ILE B 2 18 ? -12.116 -2.681  1.551   1.00 42.00 ? 18   ILE B CG2 1 
ATOM   841  C CD1 . ILE B 2 18 ? -9.325  -1.311  1.012   1.00 41.61 ? 18   ILE B CD1 1 
ATOM   842  N N   . LYS B 2 19 ? -15.272 -2.156  0.054   1.00 60.51 ? 19   LYS B N   1 
ATOM   843  C CA  . LYS B 2 19 ? -16.597 -2.204  0.614   1.00 60.03 ? 19   LYS B CA  1 
ATOM   844  C C   . LYS B 2 19 ? -16.834 -3.371  1.528   1.00 60.90 ? 19   LYS B C   1 
ATOM   845  O O   . LYS B 2 19 ? -16.245 -4.444  1.369   1.00 59.89 ? 19   LYS B O   1 
ATOM   846  C CB  . LYS B 2 19 ? -17.627 -2.099  -0.521  1.00 55.28 ? 19   LYS B CB  1 
ATOM   847  C CG  . LYS B 2 19 ? -18.179 -0.621  -0.610  1.00 59.99 ? 19   LYS B CG  1 
ATOM   848  C CD  . LYS B 2 19 ? -17.548 0.314   -1.666  1.00 57.61 ? 19   LYS B CD  1 
ATOM   849  C CE  . LYS B 2 19 ? -17.658 1.760   -1.158  1.00 67.09 ? 19   LYS B CE  1 
ATOM   850  N NZ  . LYS B 2 19 ? -18.107 2.753   -2.176  1.00 66.58 ? 19   LYS B NZ  1 
ATOM   851  N N   . GLY B 2 20 ? -17.669 -3.139  2.533   1.00 63.19 ? 20   GLY B N   1 
ATOM   852  C CA  . GLY B 2 20 ? -18.142 -4.265  3.329   1.00 61.09 ? 20   GLY B CA  1 
ATOM   853  C C   . GLY B 2 20 ? -17.297 -4.714  4.502   1.00 58.63 ? 20   GLY B C   1 
ATOM   854  O O   . GLY B 2 20 ? -17.473 -5.819  4.992   1.00 58.42 ? 20   GLY B O   1 
ATOM   855  N N   . LEU B 2 21 ? -16.399 -3.864  4.980   1.00 58.78 ? 21   LEU B N   1 
ATOM   856  C CA  . LEU B 2 21 ? -15.558 -4.217  6.110   1.00 53.29 ? 21   LEU B CA  1 
ATOM   857  C C   . LEU B 2 21 ? -15.590 -3.069  7.083   1.00 56.85 ? 21   LEU B C   1 
ATOM   858  O O   . LEU B 2 21 ? -14.788 -3.009  8.037   1.00 59.79 ? 21   LEU B O   1 
ATOM   859  C CB  . LEU B 2 21 ? -14.141 -4.450  5.626   1.00 54.82 ? 21   LEU B CB  1 
ATOM   860  C CG  . LEU B 2 21 ? -14.022 -5.625  4.658   1.00 54.32 ? 21   LEU B CG  1 
ATOM   861  C CD1 . LEU B 2 21 ? -12.555 -5.751  4.214   1.00 52.71 ? 21   LEU B CD1 1 
ATOM   862  C CD2 . LEU B 2 21 ? -14.478 -6.903  5.370   1.00 44.82 ? 21   LEU B CD2 1 
ATOM   863  N N   . GLY B 2 22 ? -16.514 -2.138  6.843   1.00 53.35 ? 22   GLY B N   1 
ATOM   864  C CA  . GLY B 2 22 ? -16.669 -1.033  7.767   1.00 47.00 ? 22   GLY B CA  1 
ATOM   865  C C   . GLY B 2 22 ? -15.798 0.109   7.351   1.00 49.22 ? 22   GLY B C   1 
ATOM   866  O O   . GLY B 2 22 ? -15.289 0.141   6.224   1.00 53.69 ? 22   GLY B O   1 
ATOM   867  N N   . ASP B 2 23 ? -15.631 1.076   8.232   1.00 51.88 ? 23   ASP B N   1 
ATOM   868  C CA  . ASP B 2 23 ? -14.728 2.176   7.948   1.00 55.20 ? 23   ASP B CA  1 
ATOM   869  C C   . ASP B 2 23 ? -13.321 1.684   8.134   1.00 55.81 ? 23   ASP B C   1 
ATOM   870  O O   . ASP B 2 23 ? -13.010 0.958   9.085   1.00 49.00 ? 23   ASP B O   1 
ATOM   871  C CB  . ASP B 2 23 ? -14.983 3.351   8.890   1.00 66.44 ? 23   ASP B CB  1 
ATOM   872  C CG  . ASP B 2 23 ? -16.284 4.111   8.542   1.00 83.73 ? 23   ASP B CG  1 
ATOM   873  O OD1 . ASP B 2 23 ? -16.685 4.135   7.330   1.00 82.20 ? 23   ASP B OD1 1 
ATOM   874  O OD2 . ASP B 2 23 ? -16.902 4.691   9.492   1.00 89.89 ? 23   ASP B OD2 1 
ATOM   875  N N   . LEU B 2 24 ? -12.469 2.101   7.218   1.00 48.20 ? 24   LEU B N   1 
ATOM   876  C CA  . LEU B 2 24 ? -11.137 1.543   7.150   1.00 46.52 ? 24   LEU B CA  1 
ATOM   877  C C   . LEU B 2 24 ? -10.145 2.689   7.106   1.00 49.64 ? 24   LEU B C   1 
ATOM   878  O O   . LEU B 2 24 ? -10.428 3.747   6.520   1.00 55.86 ? 24   LEU B O   1 
ATOM   879  C CB  . LEU B 2 24 ? -10.998 0.701   5.898   1.00 34.32 ? 24   LEU B CB  1 
ATOM   880  C CG  . LEU B 2 24 ? -11.723 -0.597  5.830   1.00 39.14 ? 24   LEU B CG  1 
ATOM   881  C CD1 . LEU B 2 24 ? -11.193 -1.319  4.599   1.00 40.04 ? 24   LEU B CD1 1 
ATOM   882  C CD2 . LEU B 2 24 ? -11.448 -1.421  7.086   1.00 35.39 ? 24   LEU B CD2 1 
ATOM   883  N N   . LYS B 2 25 ? -8.975  2.491   7.701   1.00 45.69 ? 25   LYS B N   1 
ATOM   884  C CA  . LYS B 2 25 ? -7.921  3.469   7.517   1.00 45.46 ? 25   LYS B CA  1 
ATOM   885  C C   . LYS B 2 25 ? -6.623  2.854   7.200   1.00 41.97 ? 25   LYS B C   1 
ATOM   886  O O   . LYS B 2 25 ? -6.252  1.776   7.713   1.00 46.90 ? 25   LYS B O   1 
ATOM   887  C CB  . LYS B 2 25 ? -7.744  4.346   8.759   1.00 51.30 ? 25   LYS B CB  1 
ATOM   888  C CG  . LYS B 2 25 ? -8.807  5.445   8.830   1.00 63.55 ? 25   LYS B CG  1 
ATOM   889  C CD  . LYS B 2 25 ? -8.654  6.382   10.017  1.00 76.42 ? 25   LYS B CD  1 
ATOM   890  C CE  . LYS B 2 25 ? -9.513  7.672   9.838   1.00 84.32 ? 25   LYS B CE  1 
ATOM   891  N NZ  . LYS B 2 25 ? -8.668  8.941   10.115  1.00 95.27 ? 25   LYS B NZ  1 
ATOM   892  N N   . PRO B 2 26 ? -5.902  3.508   6.318   1.00 37.62 ? 26   PRO B N   1 
ATOM   893  C CA  . PRO B 2 26 ? -4.606  2.913   6.010   1.00 38.64 ? 26   PRO B CA  1 
ATOM   894  C C   . PRO B 2 26 ? -3.777  2.770   7.329   1.00 36.37 ? 26   PRO B C   1 
ATOM   895  O O   . PRO B 2 26 ? -3.875  3.620   8.250   1.00 38.68 ? 26   PRO B O   1 
ATOM   896  C CB  . PRO B 2 26 ? -4.002  3.936   5.062   1.00 39.71 ? 26   PRO B CB  1 
ATOM   897  C CG  . PRO B 2 26 ? -5.209  4.640   4.466   1.00 35.51 ? 26   PRO B CG  1 
ATOM   898  C CD  . PRO B 2 26 ? -6.085  4.800   5.655   1.00 32.79 ? 26   PRO B CD  1 
ATOM   899  N N   . GLY B 2 27 ? -2.974  1.704   7.453   1.00 38.97 ? 27   GLY B N   1 
ATOM   900  C CA  . GLY B 2 27 ? -2.037  1.614   8.603   1.00 32.74 ? 27   GLY B CA  1 
ATOM   901  C C   . GLY B 2 27 ? -0.610  1.657   8.044   1.00 39.18 ? 27   GLY B C   1 
ATOM   902  O O   . GLY B 2 27 ? -0.377  1.351   6.864   1.00 34.50 ? 27   GLY B O   1 
ATOM   903  N N   . ILE B 2 28 ? 0.349   2.064   8.857   1.00 39.84 ? 28   ILE B N   1 
ATOM   904  C CA  . ILE B 2 28 ? 1.734   1.893   8.473   1.00 37.88 ? 28   ILE B CA  1 
ATOM   905  C C   . ILE B 2 28 ? 2.008   0.469   7.951   1.00 39.98 ? 28   ILE B C   1 
ATOM   906  O O   . ILE B 2 28 ? 1.780   -0.521  8.639   1.00 40.98 ? 28   ILE B O   1 
ATOM   907  C CB  . ILE B 2 28 ? 2.703   2.178   9.657   1.00 44.52 ? 28   ILE B CB  1 
ATOM   908  C CG1 . ILE B 2 28 ? 2.493   3.615   10.176  1.00 37.87 ? 28   ILE B CG1 1 
ATOM   909  C CG2 . ILE B 2 28 ? 4.189   1.906   9.183   1.00 33.95 ? 28   ILE B CG2 1 
ATOM   910  C CD1 . ILE B 2 28 ? 3.521   4.068   11.261  1.00 36.12 ? 28   ILE B CD1 1 
ATOM   911  N N   . PRO B 2 29 ? 2.503   0.373   6.716   1.00 36.84 ? 29   PRO B N   1 
ATOM   912  C CA  . PRO B 2 29 ? 2.809   -0.911  6.076   1.00 37.32 ? 29   PRO B CA  1 
ATOM   913  C C   . PRO B 2 29 ? 4.120   -1.494  6.643   1.00 38.09 ? 29   PRO B C   1 
ATOM   914  O O   . PRO B 2 29 ? 5.028   -0.740  6.895   1.00 43.65 ? 29   PRO B O   1 
ATOM   915  C CB  . PRO B 2 29 ? 2.854   -0.552  4.588   1.00 31.99 ? 29   PRO B CB  1 
ATOM   916  C CG  . PRO B 2 29 ? 3.366   0.871   4.587   1.00 23.43 ? 29   PRO B CG  1 
ATOM   917  C CD  . PRO B 2 29 ? 2.953   1.528   5.904   1.00 28.22 ? 29   PRO B CD  1 
ATOM   918  N N   . LYS B 2 30 ? 4.146   -2.804  6.953   1.00 42.76 ? 30   LYS B N   1 
ATOM   919  C CA  . LYS B 2 30 ? 5.284   -3.435  7.661   1.00 44.72 ? 30   LYS B CA  1 
ATOM   920  C C   . LYS B 2 30 ? 5.669   -4.864  7.209   1.00 50.19 ? 30   LYS B C   1 
ATOM   921  O O   . LYS B 2 30 ? 6.698   -5.393  7.656   1.00 55.24 ? 30   LYS B O   1 
ATOM   922  C CB  . LYS B 2 30 ? 5.046   -3.490  9.168   1.00 34.79 ? 30   LYS B CB  1 
ATOM   923  C CG  . LYS B 2 30 ? 4.796   -2.146  9.818   1.00 39.60 ? 30   LYS B CG  1 
ATOM   924  C CD  . LYS B 2 30 ? 4.739   -2.272  11.357  1.00 37.91 ? 30   LYS B CD  1 
ATOM   925  C CE  . LYS B 2 30 ? 4.508   -0.882  11.939  1.00 45.50 ? 30   LYS B CE  1 
ATOM   926  N NZ  . LYS B 2 30 ? 4.444   -0.883  13.430  1.00 46.81 ? 30   LYS B NZ  1 
ATOM   927  N N   . THR B 2 31 ? 4.876   -5.488  6.343   1.00 48.01 ? 31   THR B N   1 
ATOM   928  C CA  . THR B 2 31 ? 5.109   -6.880  5.943   1.00 44.90 ? 31   THR B CA  1 
ATOM   929  C C   . THR B 2 31 ? 5.896   -6.880  4.611   1.00 50.19 ? 31   THR B C   1 
ATOM   930  O O   . THR B 2 31 ? 5.384   -6.479  3.529   1.00 45.07 ? 31   THR B O   1 
ATOM   931  C CB  . THR B 2 31 ? 3.799   -7.573  5.721   1.00 39.84 ? 31   THR B CB  1 
ATOM   932  O OG1 . THR B 2 31 ? 2.981   -7.418  6.877   1.00 42.43 ? 31   THR B OG1 1 
ATOM   933  C CG2 . THR B 2 31 ? 4.030   -8.997  5.389   1.00 32.00 ? 31   THR B CG2 1 
ATOM   934  N N   . PRO B 2 32 ? 7.148   -7.361  4.671   1.00 48.60 ? 32   PRO B N   1 
ATOM   935  C CA  . PRO B 2 32 ? 8.095   -7.441  3.550   1.00 44.91 ? 32   PRO B CA  1 
ATOM   936  C C   . PRO B 2 32 ? 7.607   -8.468  2.634   1.00 47.48 ? 32   PRO B C   1 
ATOM   937  O O   . PRO B 2 32 ? 6.969   -9.406  3.089   1.00 53.73 ? 32   PRO B O   1 
ATOM   938  C CB  . PRO B 2 32 ? 9.385   -7.885  4.212   1.00 48.63 ? 32   PRO B CB  1 
ATOM   939  C CG  . PRO B 2 32 ? 9.173   -7.585  5.691   1.00 48.18 ? 32   PRO B CG  1 
ATOM   940  C CD  . PRO B 2 32 ? 7.731   -7.905  5.903   1.00 49.94 ? 32   PRO B CD  1 
ATOM   941  N N   . LYS B 2 33 ? 7.890   -8.311  1.351   1.00 46.16 ? 33   LYS B N   1 
ATOM   942  C CA  . LYS B 2 33 ? 8.023   -9.462  0.492   1.00 54.95 ? 33   LYS B CA  1 
ATOM   943  C C   . LYS B 2 33 ? 9.473   -9.953  0.299   1.00 56.54 ? 33   LYS B C   1 
ATOM   944  O O   . LYS B 2 33 ? 10.432  -9.205  0.495   1.00 58.71 ? 33   LYS B O   1 
ATOM   945  C CB  . LYS B 2 33 ? 7.337   -9.181  -0.838  1.00 57.63 ? 33   LYS B CB  1 
ATOM   946  C CG  . LYS B 2 33 ? 5.803   -9.111  -0.617  1.00 68.17 ? 33   LYS B CG  1 
ATOM   947  C CD  . LYS B 2 33 ? 4.970   -9.759  -1.761  1.00 66.99 ? 33   LYS B CD  1 
ATOM   948  C CE  . LYS B 2 33 ? 4.666   -11.213 -1.519  1.00 58.97 ? 33   LYS B CE  1 
ATOM   949  N NZ  . LYS B 2 33 ? 4.554   -11.965 -2.825  1.00 60.49 ? 33   LYS B NZ  1 
ATOM   950  N N   . GLN B 2 34 ? 9.644   -11.225 -0.059  1.00 56.93 ? 34   GLN B N   1 
ATOM   951  C CA  . GLN B 2 34 ? 10.984  -11.702 -0.403  1.00 63.30 ? 34   GLN B CA  1 
ATOM   952  C C   . GLN B 2 34 ? 11.543  -11.141 -1.721  1.00 64.49 ? 34   GLN B C   1 
ATOM   953  O O   . GLN B 2 34 ? 12.696  -10.721 -1.759  1.00 72.21 ? 34   GLN B O   1 
ATOM   954  C CB  . GLN B 2 34 ? 11.004  -13.229 -0.415  1.00 62.63 ? 34   GLN B CB  1 
ATOM   955  C CG  . GLN B 2 34 ? 12.088  -13.822 0.501   1.00 62.60 ? 34   GLN B CG  1 
ATOM   956  C CD  . GLN B 2 34 ? 11.943  -13.393 1.959   1.00 66.78 ? 34   GLN B CD  1 
ATOM   957  O OE1 . GLN B 2 34 ? 12.896  -12.877 2.555   1.00 74.71 ? 34   GLN B OE1 1 
ATOM   958  N NE2 . GLN B 2 34 ? 10.752  -13.604 2.545   1.00 71.64 ? 34   GLN B NE2 1 
ATOM   959  N N   . ASN B 2 35 ? 10.715  -11.107 -2.776  1.00 68.39 ? 35   ASN B N   1 
ATOM   960  C CA  . ASN B 2 35 ? 11.022  -10.388 -4.033  1.00 71.56 ? 35   ASN B CA  1 
ATOM   961  C C   . ASN B 2 35 ? 10.266  -9.074  -4.225  1.00 75.34 ? 35   ASN B C   1 
ATOM   962  O O   . ASN B 2 35 ? 9.032   -9.063  -4.320  1.00 76.66 ? 35   ASN B O   1 
ATOM   963  C CB  . ASN B 2 35 ? 10.728  -11.283 -5.218  1.00 75.37 ? 35   ASN B CB  1 
ATOM   964  C CG  . ASN B 2 35 ? 11.717  -12.442 -5.313  1.00 87.12 ? 35   ASN B CG  1 
ATOM   965  O OD1 . ASN B 2 35 ? 11.594  -13.451 -4.602  1.00 90.11 ? 35   ASN B OD1 1 
ATOM   966  N ND2 . ASN B 2 35 ? 12.728  -12.288 -6.175  1.00 91.51 ? 35   ASN B ND2 1 
ATOM   967  N N   . GLY B 2 36 ? 11.005  -7.969  -4.299  1.00 73.37 ? 36   GLY B N   1 
ATOM   968  C CA  . GLY B 2 36 ? 10.383  -6.675  -4.117  1.00 66.37 ? 36   GLY B CA  1 
ATOM   969  C C   . GLY B 2 36 ? 10.973  -5.989  -2.887  1.00 68.34 ? 36   GLY B C   1 
ATOM   970  O O   . GLY B 2 36 ? 11.309  -6.669  -1.864  1.00 70.98 ? 36   GLY B O   1 
ATOM   971  N N   . GLY B 2 37 ? 11.112  -4.652  -2.975  1.00 61.79 ? 37   GLY B N   1 
ATOM   972  C CA  . GLY B 2 37 ? 11.547  -3.833  -1.842  1.00 51.33 ? 37   GLY B CA  1 
ATOM   973  C C   . GLY B 2 37 ? 10.392  -3.300  -0.994  1.00 56.04 ? 37   GLY B C   1 
ATOM   974  O O   . GLY B 2 37 ? 10.627  -2.724  0.113   1.00 49.26 ? 37   GLY B O   1 
ATOM   975  N N   . GLY B 2 38 ? 9.148   -3.540  -1.475  1.00 52.33 ? 38   GLY B N   1 
ATOM   976  C CA  . GLY B 2 38 ? 7.965   -2.955  -0.838  1.00 54.54 ? 38   GLY B CA  1 
ATOM   977  C C   . GLY B 2 38 ? 7.398   -3.652  0.392   1.00 47.32 ? 38   GLY B C   1 
ATOM   978  O O   . GLY B 2 38 ? 7.563   -4.858  0.554   1.00 51.24 ? 38   GLY B O   1 
ATOM   979  N N   . LYS B 2 39 ? 6.730   -2.889  1.260   1.00 45.03 ? 39   LYS B N   1 
ATOM   980  C CA  . LYS B 2 39 ? 5.848   -3.462  2.268   1.00 36.43 ? 39   LYS B CA  1 
ATOM   981  C C   . LYS B 2 39 ? 4.355   -3.425  1.841   1.00 37.55 ? 39   LYS B C   1 
ATOM   982  O O   . LYS B 2 39 ? 3.849   -2.499  1.135   1.00 39.72 ? 39   LYS B O   1 
ATOM   983  C CB  . LYS B 2 39 ? 6.097   -2.761  3.585   1.00 40.41 ? 39   LYS B CB  1 
ATOM   984  C CG  . LYS B 2 39 ? 7.470   -3.105  4.166   1.00 36.83 ? 39   LYS B CG  1 
ATOM   985  C CD  . LYS B 2 39 ? 7.777   -2.128  5.260   1.00 52.12 ? 39   LYS B CD  1 
ATOM   986  C CE  . LYS B 2 39 ? 9.277   -1.782  5.435   1.00 60.88 ? 39   LYS B CE  1 
ATOM   987  N NZ  . LYS B 2 39 ? 9.383   -0.385  6.088   1.00 57.39 ? 39   LYS B NZ  1 
ATOM   988  N N   . ARG B 2 40 ? 3.665   -4.490  2.218   1.00 37.19 ? 40   ARG B N   1 
ATOM   989  C CA  . ARG B 2 40 ? 2.308   -4.752  1.725   1.00 35.51 ? 40   ARG B CA  1 
ATOM   990  C C   . ARG B 2 40 ? 1.409   -3.608  2.234   1.00 34.10 ? 40   ARG B C   1 
ATOM   991  O O   . ARG B 2 40 ? 1.557   -3.143  3.379   1.00 34.01 ? 40   ARG B O   1 
ATOM   992  C CB  . ARG B 2 40 ? 1.847   -6.123  2.232   1.00 33.65 ? 40   ARG B CB  1 
ATOM   993  C CG  . ARG B 2 40 ? 1.796   -7.147  1.158   1.00 42.87 ? 40   ARG B CG  1 
ATOM   994  C CD  . ARG B 2 40 ? 1.504   -8.585  1.603   1.00 41.73 ? 40   ARG B CD  1 
ATOM   995  N NE  . ARG B 2 40 ? 1.013   -8.752  2.968   1.00 50.00 ? 40   ARG B NE  1 
ATOM   996  C CZ  . ARG B 2 40 ? 0.466   -9.897  3.412   1.00 53.43 ? 40   ARG B CZ  1 
ATOM   997  N NH1 . ARG B 2 40 ? 0.345   -10.957 2.610   1.00 37.63 ? 40   ARG B NH1 1 
ATOM   998  N NH2 . ARG B 2 40 ? 0.028   -9.980  4.657   1.00 44.00 ? 40   ARG B NH2 1 
ATOM   999  N N   . LYS B 2 41 ? 0.539   -3.102  1.371   1.00 37.31 ? 41   LYS B N   1 
ATOM   1000 C CA  . LYS B 2 41 ? -0.348  -2.030  1.780   1.00 35.66 ? 41   LYS B CA  1 
ATOM   1001 C C   . LYS B 2 41 ? -1.230  -2.553  2.898   1.00 38.63 ? 41   LYS B C   1 
ATOM   1002 O O   . LYS B 2 41 ? -1.619  -3.740  2.912   1.00 43.40 ? 41   LYS B O   1 
ATOM   1003 C CB  . LYS B 2 41 ? -1.204  -1.620  0.649   1.00 39.16 ? 41   LYS B CB  1 
ATOM   1004 C CG  . LYS B 2 41 ? -0.520  -0.691  -0.281  1.00 38.62 ? 41   LYS B CG  1 
ATOM   1005 C CD  . LYS B 2 41 ? -1.565  -0.174  -1.243  1.00 45.50 ? 41   LYS B CD  1 
ATOM   1006 C CE  . LYS B 2 41 ? -0.975  0.199   -2.610  1.00 43.61 ? 41   LYS B CE  1 
ATOM   1007 N NZ  . LYS B 2 41 ? -1.420  1.561   -3.029  1.00 40.50 ? 41   LYS B NZ  1 
ATOM   1008 N N   . ARG B 2 42 ? -1.492  -1.697  3.871   1.00 37.29 ? 42   ARG B N   1 
ATOM   1009 C CA  . ARG B 2 42 ? -2.203  -2.108  5.070   1.00 38.36 ? 42   ARG B CA  1 
ATOM   1010 C C   . ARG B 2 42 ? -3.358  -1.149  5.471   1.00 41.52 ? 42   ARG B C   1 
ATOM   1011 O O   . ARG B 2 42 ? -3.247  0.088   5.330   1.00 36.95 ? 42   ARG B O   1 
ATOM   1012 C CB  . ARG B 2 42 ? -1.201  -2.253  6.224   1.00 38.46 ? 42   ARG B CB  1 
ATOM   1013 C CG  . ARG B 2 42 ? -1.833  -2.706  7.497   1.00 44.46 ? 42   ARG B CG  1 
ATOM   1014 C CD  . ARG B 2 42 ? -0.849  -2.757  8.618   1.00 33.81 ? 42   ARG B CD  1 
ATOM   1015 N NE  . ARG B 2 42 ? -0.094  -4.000  8.535   1.00 45.66 ? 42   ARG B NE  1 
ATOM   1016 C CZ  . ARG B 2 42 ? 0.829   -4.382  9.415   1.00 36.62 ? 42   ARG B CZ  1 
ATOM   1017 N NH1 . ARG B 2 42 ? 1.112   -3.639  10.474  1.00 36.62 ? 42   ARG B NH1 1 
ATOM   1018 N NH2 . ARG B 2 42 ? 1.525   -5.465  9.184   1.00 40.02 ? 42   ARG B NH2 1 
ATOM   1019 N N   . TRP B 2 43 ? -4.446  -1.731  5.989   1.00 42.00 ? 43   TRP B N   1 
ATOM   1020 C CA  . TRP B 2 43 ? -5.585  -0.961  6.519   1.00 35.02 ? 43   TRP B CA  1 
ATOM   1021 C C   . TRP B 2 43 ? -6.012  -1.538  7.863   1.00 40.76 ? 43   TRP B C   1 
ATOM   1022 O O   . TRP B 2 43 ? -5.875  -2.764  8.103   1.00 37.61 ? 43   TRP B O   1 
ATOM   1023 C CB  . TRP B 2 43 ? -6.776  -1.067  5.567   1.00 41.15 ? 43   TRP B CB  1 
ATOM   1024 C CG  . TRP B 2 43 ? -6.640  -0.356  4.254   1.00 29.15 ? 43   TRP B CG  1 
ATOM   1025 C CD1 . TRP B 2 43 ? -7.015  0.926   3.952   1.00 39.95 ? 43   TRP B CD1 1 
ATOM   1026 C CD2 . TRP B 2 43 ? -6.147  -0.922  3.056   1.00 34.01 ? 43   TRP B CD2 1 
ATOM   1027 N NE1 . TRP B 2 43 ? -6.783  1.205   2.579   1.00 37.01 ? 43   TRP B NE1 1 
ATOM   1028 C CE2 . TRP B 2 43 ? -6.256  0.070   2.024   1.00 32.85 ? 43   TRP B CE2 1 
ATOM   1029 C CE3 . TRP B 2 43 ? -5.618  -2.192  2.734   1.00 36.42 ? 43   TRP B CE3 1 
ATOM   1030 C CZ2 . TRP B 2 43 ? -5.857  -0.180  0.709   1.00 36.62 ? 43   TRP B CZ2 1 
ATOM   1031 C CZ3 . TRP B 2 43 ? -5.221  -2.425  1.436   1.00 38.79 ? 43   TRP B CZ3 1 
ATOM   1032 C CH2 . TRP B 2 43 ? -5.344  -1.420  0.430   1.00 34.13 ? 43   TRP B CH2 1 
ATOM   1033 N N   . THR B 2 44 ? -6.536  -0.681  8.735   1.00 40.64 ? 44   THR B N   1 
ATOM   1034 C CA  . THR B 2 44 ? -7.177  -1.158  9.943   1.00 36.15 ? 44   THR B CA  1 
ATOM   1035 C C   . THR B 2 44 ? -8.647  -0.928  9.859   1.00 41.43 ? 44   THR B C   1 
ATOM   1036 O O   . THR B 2 44 ? -9.119  0.022   9.226   1.00 47.29 ? 44   THR B O   1 
ATOM   1037 C CB  . THR B 2 44 ? -6.659  -0.467  11.194  1.00 41.91 ? 44   THR B CB  1 
ATOM   1038 O OG1 . THR B 2 44 ? -6.920  0.923   11.087  1.00 46.10 ? 44   THR B OG1 1 
ATOM   1039 C CG2 . THR B 2 44 ? -5.123  -0.636  11.330  1.00 44.54 ? 44   THR B CG2 1 
ATOM   1040 N N   . GLY B 2 45 ? -9.394  -1.829  10.471  1.00 46.76 ? 45   GLY B N   1 
ATOM   1041 C CA  . GLY B 2 45 ? -10.817 -1.604  10.637  1.00 45.04 ? 45   GLY B CA  1 
ATOM   1042 C C   . GLY B 2 45 ? -11.216 -2.032  12.049  1.00 52.94 ? 45   GLY B C   1 
ATOM   1043 O O   . GLY B 2 45 ? -10.356 -2.534  12.810  1.00 37.18 ? 45   GLY B O   1 
ATOM   1044 N N   . ASP B 2 46 ? -12.505 -1.816  12.401  1.00 52.18 ? 46   ASP B N   1 
ATOM   1045 C CA  . ASP B 2 46 ? -13.074 -2.241  13.683  1.00 46.34 ? 46   ASP B CA  1 
ATOM   1046 C C   . ASP B 2 46 ? -12.205 -1.671  14.846  1.00 47.25 ? 46   ASP B C   1 
ATOM   1047 O O   . ASP B 2 46 ? -11.679 -2.379  15.741  1.00 46.31 ? 46   ASP B O   1 
ATOM   1048 C CB  . ASP B 2 46 ? -13.188 -3.789  13.679  1.00 48.28 ? 46   ASP B CB  1 
ATOM   1049 C CG  . ASP B 2 46 ? -13.986 -4.329  14.841  1.00 60.43 ? 46   ASP B CG  1 
ATOM   1050 O OD1 . ASP B 2 46 ? -14.703 -3.529  15.474  1.00 68.55 ? 46   ASP B OD1 1 
ATOM   1051 O OD2 . ASP B 2 46 ? -13.918 -5.552  15.131  1.00 63.77 ? 46   ASP B OD2 1 
ATOM   1052 N N   . LYS B 2 47 ? -12.068 -0.356  14.813  1.00 41.81 ? 47   LYS B N   1 
ATOM   1053 C CA  . LYS B 2 47 ? -11.314 0.361   15.833  1.00 51.43 ? 47   LYS B CA  1 
ATOM   1054 C C   . LYS B 2 47 ? -9.886  -0.113  15.920  1.00 53.41 ? 47   LYS B C   1 
ATOM   1055 O O   . LYS B 2 47 ? -9.259  -0.027  16.980  1.00 57.30 ? 47   LYS B O   1 
ATOM   1056 C CB  . LYS B 2 47 ? -11.980 0.214   17.200  1.00 52.87 ? 47   LYS B CB  1 
ATOM   1057 C CG  . LYS B 2 47 ? -13.439 0.711   17.231  1.00 53.19 ? 47   LYS B CG  1 
ATOM   1058 C CD  . LYS B 2 47 ? -13.561 2.186   16.806  1.00 52.48 ? 47   LYS B CD  1 
ATOM   1059 C CE  . LYS B 2 47 ? -15.027 2.667   16.792  1.00 49.11 ? 47   LYS B CE  1 
ATOM   1060 N NZ  . LYS B 2 47 ? -15.131 4.096   16.268  1.00 47.58 ? 47   LYS B NZ  1 
ATOM   1061 N N   . GLY B 2 48 ? -9.353  -0.596  14.799  1.00 54.03 ? 48   GLY B N   1 
ATOM   1062 C CA  . GLY B 2 48 ? -8.003  -1.133  14.837  1.00 49.42 ? 48   GLY B CA  1 
ATOM   1063 C C   . GLY B 2 48 ? -7.841  -2.579  15.323  1.00 47.18 ? 48   GLY B C   1 
ATOM   1064 O O   . GLY B 2 48 ? -6.716  -3.038  15.518  1.00 48.39 ? 48   GLY B O   1 
ATOM   1065 N N   . ARG B 2 49 ? -8.932  -3.304  15.511  1.00 41.86 ? 49   ARG B N   1 
ATOM   1066 C CA  . ARG B 2 49 ? -8.877  -4.676  16.040  1.00 49.57 ? 49   ARG B CA  1 
ATOM   1067 C C   . ARG B 2 49 ? -8.616  -5.620  14.885  1.00 49.37 ? 49   ARG B C   1 
ATOM   1068 O O   . ARG B 2 49 ? -8.107  -6.731  15.069  1.00 40.53 ? 49   ARG B O   1 
ATOM   1069 C CB  . ARG B 2 49 ? -10.217 -5.082  16.693  1.00 48.08 ? 49   ARG B CB  1 
ATOM   1070 C CG  . ARG B 2 49 ? -10.361 -4.645  18.139  1.00 50.60 ? 49   ARG B CG  1 
ATOM   1071 C CD  . ARG B 2 49 ? -11.667 -5.211  18.771  1.00 60.65 ? 49   ARG B CD  1 
ATOM   1072 N NE  . ARG B 2 49 ? -12.832 -4.424  18.362  1.00 58.44 ? 49   ARG B NE  1 
ATOM   1073 C CZ  . ARG B 2 49 ? -13.250 -3.361  19.038  1.00 63.31 ? 49   ARG B CZ  1 
ATOM   1074 N NH1 . ARG B 2 49 ? -12.592 -3.032  20.151  1.00 55.10 ? 49   ARG B NH1 1 
ATOM   1075 N NH2 . ARG B 2 49 ? -14.241 -2.584  18.557  1.00 57.65 ? 49   ARG B NH2 1 
ATOM   1076 N N   . LYS B 2 50 ? -9.010  -5.158  13.694  1.00 43.07 ? 50   LYS B N   1 
ATOM   1077 C CA  . LYS B 2 50 ? -8.758  -5.850  12.442  1.00 47.84 ? 50   LYS B CA  1 
ATOM   1078 C C   . LYS B 2 50 ? -7.744  -5.122  11.511  1.00 50.97 ? 50   LYS B C   1 
ATOM   1079 O O   . LYS B 2 50 ? -7.788  -3.869  11.314  1.00 43.02 ? 50   LYS B O   1 
ATOM   1080 C CB  . LYS B 2 50 ? -10.091 -6.063  11.704  1.00 46.55 ? 50   LYS B CB  1 
ATOM   1081 C CG  . LYS B 2 50 ? -10.900 -7.186  12.325  1.00 49.86 ? 50   LYS B CG  1 
ATOM   1082 C CD  . LYS B 2 50 ? -12.274 -7.369  11.677  1.00 66.02 ? 50   LYS B CD  1 
ATOM   1083 C CE  . LYS B 2 50 ? -13.169 -8.319  12.527  1.00 66.95 ? 50   LYS B CE  1 
ATOM   1084 N NZ  . LYS B 2 50 ? -14.589 -8.091  12.118  1.00 72.02 ? 50   LYS B NZ  1 
ATOM   1085 N N   . ILE B 2 51 ? -6.855  -5.933  10.927  1.00 51.90 ? 51   ILE B N   1 
ATOM   1086 C CA  . ILE B 2 51 ? -5.870  -5.484  9.932   1.00 39.67 ? 51   ILE B CA  1 
ATOM   1087 C C   . ILE B 2 51 ? -6.109  -6.186  8.623   1.00 38.32 ? 51   ILE B C   1 
ATOM   1088 O O   . ILE B 2 51 ? -6.260  -7.436  8.553   1.00 35.31 ? 51   ILE B O   1 
ATOM   1089 C CB  . ILE B 2 51 ? -4.449  -5.826  10.413  1.00 40.49 ? 51   ILE B CB  1 
ATOM   1090 C CG1 . ILE B 2 51 ? -4.111  -4.940  11.609  1.00 41.51 ? 51   ILE B CG1 1 
ATOM   1091 C CG2 . ILE B 2 51 ? -3.410  -5.555  9.341   1.00 37.16 ? 51   ILE B CG2 1 
ATOM   1092 C CD1 . ILE B 2 51 ? -2.733  -5.279  12.271  1.00 35.14 ? 51   ILE B CD1 1 
ATOM   1093 N N   . TYR B 2 52 ? -6.074  -5.402  7.556   1.00 37.02 ? 52   TYR B N   1 
ATOM   1094 C CA  . TYR B 2 52 ? -6.094  -6.024  6.232   1.00 40.19 ? 52   TYR B CA  1 
ATOM   1095 C C   . TYR B 2 52 ? -4.907  -5.634  5.385   1.00 40.31 ? 52   TYR B C   1 
ATOM   1096 O O   . TYR B 2 52 ? -4.470  -4.464  5.443   1.00 39.46 ? 52   TYR B O   1 
ATOM   1097 C CB  . TYR B 2 52 ? -7.373  -5.636  5.495   1.00 43.30 ? 52   TYR B CB  1 
ATOM   1098 C CG  . TYR B 2 52 ? -8.613  -5.925  6.292   1.00 45.16 ? 52   TYR B CG  1 
ATOM   1099 C CD1 . TYR B 2 52 ? -9.276  -7.153  6.158   1.00 43.81 ? 52   TYR B CD1 1 
ATOM   1100 C CD2 . TYR B 2 52 ? -9.184  -4.945  7.115   1.00 52.14 ? 52   TYR B CD2 1 
ATOM   1101 C CE1 . TYR B 2 52 ? -10.491 -7.405  6.813   1.00 53.61 ? 52   TYR B CE1 1 
ATOM   1102 C CE2 . TYR B 2 52 ? -10.426 -5.193  7.800   1.00 53.76 ? 52   TYR B CE2 1 
ATOM   1103 C CZ  . TYR B 2 52 ? -11.061 -6.432  7.644   1.00 56.49 ? 52   TYR B CZ  1 
ATOM   1104 O OH  . TYR B 2 52 ? -12.178 -6.755  8.385   1.00 59.40 ? 52   TYR B OH  1 
ATOM   1105 N N   . GLU B 2 53 ? -4.417  -6.577  4.569   1.00 41.47 ? 53   GLU B N   1 
ATOM   1106 C CA  . GLU B 2 53 ? -3.235  -6.339  3.758   1.00 42.59 ? 53   GLU B CA  1 
ATOM   1107 C C   . GLU B 2 53 ? -3.554  -6.771  2.358   1.00 45.42 ? 53   GLU B C   1 
ATOM   1108 O O   . GLU B 2 53 ? -4.135  -7.831  2.157   1.00 35.41 ? 53   GLU B O   1 
ATOM   1109 C CB  . GLU B 2 53 ? -2.013  -7.107  4.309   1.00 35.64 ? 53   GLU B CB  1 
ATOM   1110 C CG  . GLU B 2 53 ? -1.721  -6.671  5.726   1.00 40.33 ? 53   GLU B CG  1 
ATOM   1111 C CD  . GLU B 2 53 ? -0.237  -6.744  6.082   1.00 50.30 ? 53   GLU B CD  1 
ATOM   1112 O OE1 . GLU B 2 53 ? 0.425   -7.752  5.717   1.00 45.26 ? 53   GLU B OE1 1 
ATOM   1113 O OE2 . GLU B 2 53 ? 0.254   -5.793  6.742   1.00 48.46 ? 53   GLU B OE2 1 
ATOM   1114 N N   . TRP B 2 54 ? -3.193  -5.923  1.388   1.00 41.38 ? 54   TRP B N   1 
ATOM   1115 C CA  . TRP B 2 54 ? -3.374  -6.297  -0.002  1.00 42.38 ? 54   TRP B CA  1 
ATOM   1116 C C   . TRP B 2 54 ? -2.409  -7.389  -0.441  1.00 41.22 ? 54   TRP B C   1 
ATOM   1117 O O   . TRP B 2 54 ? -1.208  -7.218  -0.338  1.00 41.06 ? 54   TRP B O   1 
ATOM   1118 C CB  . TRP B 2 54 ? -3.129  -5.118  -0.925  1.00 37.56 ? 54   TRP B CB  1 
ATOM   1119 C CG  . TRP B 2 54 ? -3.425  -5.511  -2.338  1.00 40.01 ? 54   TRP B CG  1 
ATOM   1120 C CD1 . TRP B 2 54 ? -2.619  -5.361  -3.407  1.00 41.32 ? 54   TRP B CD1 1 
ATOM   1121 C CD2 . TRP B 2 54 ? -4.708  -5.917  -2.851  1.00 49.56 ? 54   TRP B CD2 1 
ATOM   1122 N NE1 . TRP B 2 54 ? -3.312  -5.620  -4.574  1.00 40.04 ? 54   TRP B NE1 1 
ATOM   1123 C CE2 . TRP B 2 54 ? -4.597  -5.962  -4.265  1.00 41.69 ? 54   TRP B CE2 1 
ATOM   1124 C CE3 . TRP B 2 54 ? -5.952  -6.223  -2.250  1.00 44.92 ? 54   TRP B CE3 1 
ATOM   1125 C CZ2 . TRP B 2 54 ? -5.684  -6.311  -5.111  1.00 45.15 ? 54   TRP B CZ2 1 
ATOM   1126 C CZ3 . TRP B 2 54 ? -7.050  -6.575  -3.088  1.00 48.52 ? 54   TRP B CZ3 1 
ATOM   1127 C CH2 . TRP B 2 54 ? -6.903  -6.610  -4.510  1.00 37.29 ? 54   TRP B CH2 1 
ATOM   1128 N N   . ASP B 2 55 ? -2.906  -8.492  -0.966  1.00 40.46 ? 55   ASP B N   1 
ATOM   1129 C CA  . ASP B 2 55 ? -1.990  -9.464  -1.546  1.00 44.41 ? 55   ASP B CA  1 
ATOM   1130 C C   . ASP B 2 55 ? -2.074  -9.291  -3.091  1.00 45.70 ? 55   ASP B C   1 
ATOM   1131 O O   . ASP B 2 55 ? -3.134  -9.588  -3.740  1.00 36.34 ? 55   ASP B O   1 
ATOM   1132 C CB  . ASP B 2 55 ? -2.386  -10.893 -1.067  1.00 45.87 ? 55   ASP B CB  1 
ATOM   1133 C CG  . ASP B 2 55 ? -1.857  -12.038 -1.961  1.00 50.60 ? 55   ASP B CG  1 
ATOM   1134 O OD1 . ASP B 2 55 ? -1.218  -11.854 -3.055  1.00 51.70 ? 55   ASP B OD1 1 
ATOM   1135 O OD2 . ASP B 2 55 ? -2.119  -13.176 -1.551  1.00 54.68 ? 55   ASP B OD2 1 
ATOM   1136 N N   . SER B 2 56 ? -0.974  -8.807  -3.685  1.00 44.60 ? 56   SER B N   1 
ATOM   1137 C CA  . SER B 2 56 ? -1.074  -8.329  -5.071  1.00 42.91 ? 56   SER B CA  1 
ATOM   1138 C C   . SER B 2 56 ? -0.848  -9.437  -6.107  1.00 47.07 ? 56   SER B C   1 
ATOM   1139 O O   . SER B 2 56 ? -1.197  -9.256  -7.282  1.00 48.64 ? 56   SER B O   1 
ATOM   1140 C CB  . SER B 2 56 ? -0.114  -7.164  -5.313  1.00 45.45 ? 56   SER B CB  1 
ATOM   1141 O OG  . SER B 2 56 ? 1.231   -7.604  -5.143  1.00 55.08 ? 56   SER B OG  1 
ATOM   1142 N N   . GLN B 2 57 ? -0.309  -10.579 -5.681  1.00 49.92 ? 57   GLN B N   1 
ATOM   1143 C CA  . GLN B 2 57 ? -0.344  -11.783 -6.536  1.00 52.10 ? 57   GLN B CA  1 
ATOM   1144 C C   . GLN B 2 57 ? -1.736  -12.423 -6.618  1.00 49.81 ? 57   GLN B C   1 
ATOM   1145 O O   . GLN B 2 57 ? -2.231  -12.660 -7.714  1.00 43.90 ? 57   GLN B O   1 
ATOM   1146 C CB  . GLN B 2 57 ? 0.653   -12.855 -6.081  1.00 57.18 ? 57   GLN B CB  1 
ATOM   1147 C CG  . GLN B 2 57 ? 2.097   -12.374 -5.789  1.00 66.31 ? 57   GLN B CG  1 
ATOM   1148 C CD  . GLN B 2 57 ? 3.031   -13.591 -5.480  1.00 83.83 ? 57   GLN B CD  1 
ATOM   1149 O OE1 . GLN B 2 57 ? 4.207   -13.435 -5.023  1.00 81.00 ? 57   GLN B OE1 1 
ATOM   1150 N NE2 . GLN B 2 57 ? 2.501   -14.819 -5.731  1.00 81.58 ? 57   GLN B NE2 1 
ATOM   1151 N N   . HIS B 2 58 ? -2.410  -12.685 -5.493  1.00 49.75 ? 58   HIS B N   1 
ATOM   1152 C CA  . HIS B 2 58 ? -3.731  -13.272 -5.641  1.00 46.11 ? 58   HIS B CA  1 
ATOM   1153 C C   . HIS B 2 58 ? -4.795  -12.238 -5.953  1.00 48.52 ? 58   HIS B C   1 
ATOM   1154 O O   . HIS B 2 58 ? -5.844  -12.577 -6.537  1.00 50.09 ? 58   HIS B O   1 
ATOM   1155 C CB  . HIS B 2 58 ? -4.101  -14.064 -4.411  1.00 54.61 ? 58   HIS B CB  1 
ATOM   1156 C CG  . HIS B 2 58 ? -3.171  -15.207 -4.143  1.00 66.71 ? 58   HIS B CG  1 
ATOM   1157 N ND1 . HIS B 2 58 ? -1.848  -15.023 -3.786  1.00 76.29 ? 58   HIS B ND1 1 
ATOM   1158 C CD2 . HIS B 2 58 ? -3.369  -16.549 -4.160  1.00 71.39 ? 58   HIS B CD2 1 
ATOM   1159 C CE1 . HIS B 2 58 ? -1.272  -16.201 -3.593  1.00 75.11 ? 58   HIS B CE1 1 
ATOM   1160 N NE2 . HIS B 2 58 ? -2.173  -17.142 -3.810  1.00 70.15 ? 58   HIS B NE2 1 
ATOM   1161 N N   . GLY B 2 59 ? -4.522  -10.967 -5.586  1.00 49.80 ? 59   GLY B N   1 
ATOM   1162 C CA  . GLY B 2 59 ? -5.502  -9.893  -5.754  1.00 40.21 ? 59   GLY B CA  1 
ATOM   1163 C C   . GLY B 2 59 ? -6.677  -9.956  -4.785  1.00 43.81 ? 59   GLY B C   1 
ATOM   1164 O O   . GLY B 2 59 ? -7.789  -9.873  -5.228  1.00 46.46 ? 59   GLY B O   1 
ATOM   1165 N N   . GLU B 2 60 ? -6.423  -10.091 -3.481  1.00 45.63 ? 60   GLU B N   1 
ATOM   1166 C CA  . GLU B 2 60 ? -7.445  -10.104 -2.438  1.00 50.46 ? 60   GLU B CA  1 
ATOM   1167 C C   . GLU B 2 60 ? -6.891  -9.494  -1.112  1.00 48.09 ? 60   GLU B C   1 
ATOM   1168 O O   . GLU B 2 60 ? -5.678  -9.367  -0.943  1.00 47.89 ? 60   GLU B O   1 
ATOM   1169 C CB  . GLU B 2 60 ? -7.863  -11.547 -2.190  1.00 55.85 ? 60   GLU B CB  1 
ATOM   1170 C CG  . GLU B 2 60 ? -6.720  -12.369 -1.700  1.00 63.23 ? 60   GLU B CG  1 
ATOM   1171 C CD  . GLU B 2 60 ? -6.888  -13.901 -1.889  1.00 78.58 ? 60   GLU B CD  1 
ATOM   1172 O OE1 . GLU B 2 60 ? -7.915  -14.377 -2.514  1.00 76.12 ? 60   GLU B OE1 1 
ATOM   1173 O OE2 . GLU B 2 60 ? -5.944  -14.607 -1.391  1.00 72.83 ? 60   GLU B OE2 1 
ATOM   1174 N N   . LEU B 2 61 ? -7.771  -9.071  -0.200  1.00 48.02 ? 61   LEU B N   1 
ATOM   1175 C CA  . LEU B 2 61 ? -7.357  -8.630  1.113   1.00 42.13 ? 61   LEU B CA  1 
ATOM   1176 C C   . LEU B 2 61 ? -7.217  -9.807  2.038   1.00 46.94 ? 61   LEU B C   1 
ATOM   1177 O O   . LEU B 2 61 ? -8.165  -10.592 2.207   1.00 51.01 ? 61   LEU B O   1 
ATOM   1178 C CB  . LEU B 2 61 ? -8.381  -7.721  1.714   1.00 48.58 ? 61   LEU B CB  1 
ATOM   1179 C CG  . LEU B 2 61 ? -8.401  -6.369  1.082   1.00 52.33 ? 61   LEU B CG  1 
ATOM   1180 C CD1 . LEU B 2 61 ? -9.556  -5.562  1.695   1.00 49.94 ? 61   LEU B CD1 1 
ATOM   1181 C CD2 . LEU B 2 61 ? -7.013  -5.712  1.291   1.00 46.59 ? 61   LEU B CD2 1 
ATOM   1182 N N   . GLU B 2 62 ? -6.061  -9.907  2.677   1.00 43.09 ? 62   GLU B N   1 
ATOM   1183 C CA  . GLU B 2 62 ? -5.879  -10.861 3.742   1.00 47.91 ? 62   GLU B CA  1 
ATOM   1184 C C   . GLU B 2 62 ? -6.167  -10.141 5.016   1.00 47.15 ? 62   GLU B C   1 
ATOM   1185 O O   . GLU B 2 62 ? -5.707  -9.003  5.204   1.00 42.81 ? 62   GLU B O   1 
ATOM   1186 C CB  . GLU B 2 62 ? -4.453  -11.411 3.715   1.00 55.66 ? 62   GLU B CB  1 
ATOM   1187 C CG  . GLU B 2 62 ? -4.125  -11.815 2.302   1.00 56.75 ? 62   GLU B CG  1 
ATOM   1188 C CD  . GLU B 2 62 ? -3.492  -13.143 2.231   1.00 76.68 ? 62   GLU B CD  1 
ATOM   1189 O OE1 . GLU B 2 62 ? -2.258  -13.191 2.477   1.00 79.28 ? 62   GLU B OE1 1 
ATOM   1190 O OE2 . GLU B 2 62 ? -4.224  -14.129 1.932   1.00 86.75 ? 62   GLU B OE2 1 
ATOM   1191 N N   . GLY B 2 63 ? -6.969  -10.784 5.875   1.00 41.78 ? 63   GLY B N   1 
ATOM   1192 C CA  . GLY B 2 63 ? -7.395  -10.138 7.108   1.00 39.95 ? 63   GLY B CA  1 
ATOM   1193 C C   . GLY B 2 63 ? -6.748  -10.791 8.300   1.00 42.30 ? 63   GLY B C   1 
ATOM   1194 O O   . GLY B 2 63 ? -6.509  -11.999 8.322   1.00 41.00 ? 63   GLY B O   1 
ATOM   1195 N N   . TYR B 2 64 ? -6.437  -9.988  9.299   1.00 42.91 ? 64   TYR B N   1 
ATOM   1196 C CA  . TYR B 2 64 ? -5.751  -10.514 10.478  1.00 45.35 ? 64   TYR B CA  1 
ATOM   1197 C C   . TYR B 2 64 ? -6.325  -9.897  11.744  1.00 46.08 ? 64   TYR B C   1 
ATOM   1198 O O   . TYR B 2 64 ? -6.863  -8.777  11.728  1.00 42.48 ? 64   TYR B O   1 
ATOM   1199 C CB  . TYR B 2 64 ? -4.237  -10.195 10.418  1.00 42.92 ? 64   TYR B CB  1 
ATOM   1200 C CG  . TYR B 2 64 ? -3.575  -10.793 9.210   1.00 50.05 ? 64   TYR B CG  1 
ATOM   1201 C CD1 . TYR B 2 64 ? -3.554  -10.091 7.992   1.00 38.71 ? 64   TYR B CD1 1 
ATOM   1202 C CD2 . TYR B 2 64 ? -2.991  -12.057 9.256   1.00 45.28 ? 64   TYR B CD2 1 
ATOM   1203 C CE1 . TYR B 2 64 ? -2.972  -10.602 6.876   1.00 44.79 ? 64   TYR B CE1 1 
ATOM   1204 C CE2 . TYR B 2 64 ? -2.394  -12.590 8.118   1.00 44.76 ? 64   TYR B CE2 1 
ATOM   1205 C CZ  . TYR B 2 64 ? -2.380  -11.845 6.917   1.00 50.53 ? 64   TYR B CZ  1 
ATOM   1206 O OH  . TYR B 2 64 ? -1.788  -12.312 5.751   1.00 48.62 ? 64   TYR B OH  1 
ATOM   1207 N N   . ARG B 2 65 ? -6.178  -10.627 12.835  1.00 50.04 ? 65   ARG B N   1 
ATOM   1208 C CA  . ARG B 2 65 ? -6.583  -10.136 14.128  1.00 48.60 ? 65   ARG B CA  1 
ATOM   1209 C C   . ARG B 2 65 ? -5.425  -9.315  14.623  1.00 46.14 ? 65   ARG B C   1 
ATOM   1210 O O   . ARG B 2 65 ? -4.341  -9.867  14.871  1.00 51.29 ? 65   ARG B O   1 
ATOM   1211 C CB  . ARG B 2 65 ? -6.825  -11.301 15.100  1.00 53.29 ? 65   ARG B CB  1 
ATOM   1212 C CG  . ARG B 2 65 ? -7.478  -10.867 16.420  1.00 58.45 ? 65   ARG B CG  1 
ATOM   1213 C CD  . ARG B 2 65 ? -7.292  -11.932 17.482  1.00 62.74 ? 65   ARG B CD  1 
ATOM   1214 N NE  . ARG B 2 65 ? -7.814  -13.234 17.059  1.00 69.65 ? 65   ARG B NE  1 
ATOM   1215 C CZ  . ARG B 2 65 ? -7.251  -14.403 17.369  1.00 73.49 ? 65   ARG B CZ  1 
ATOM   1216 N NH1 . ARG B 2 65 ? -6.155  -14.444 18.109  1.00 75.98 ? 65   ARG B NH1 1 
ATOM   1217 N NH2 . ARG B 2 65 ? -7.747  -15.538 16.901  1.00 79.73 ? 65   ARG B NH2 1 
ATOM   1218 N N   . ALA B 2 66 ? -5.635  -8.012  14.778  1.00 41.82 ? 66   ALA B N   1 
ATOM   1219 C CA  . ALA B 2 66 ? -4.614  -7.137  15.336  1.00 42.99 ? 66   ALA B CA  1 
ATOM   1220 C C   . ALA B 2 66 ? -3.969  -7.558  16.678  1.00 47.93 ? 66   ALA B C   1 
ATOM   1221 O O   . ALA B 2 66 ? -2.779  -7.357  16.876  1.00 57.06 ? 66   ALA B O   1 
ATOM   1222 C CB  . ALA B 2 66 ? -5.148  -5.754  15.459  1.00 43.07 ? 66   ALA B CB  1 
ATOM   1223 N N   . SER B 2 67 ? -4.705  -8.139  17.605  1.00 51.44 ? 67   SER B N   1 
ATOM   1224 C CA  . SER B 2 67 ? -4.115  -8.421  18.929  1.00 52.25 ? 67   SER B CA  1 
ATOM   1225 C C   . SER B 2 67 ? -2.881  -9.378  18.860  1.00 53.52 ? 67   SER B C   1 
ATOM   1226 O O   . SER B 2 67 ? -1.888  -9.176  19.574  1.00 46.27 ? 67   SER B O   1 
ATOM   1227 C CB  . SER B 2 67 ? -5.182  -9.062  19.810  1.00 53.87 ? 67   SER B CB  1 
ATOM   1228 O OG  . SER B 2 67 ? -5.674  -10.237 19.168  1.00 46.20 ? 67   SER B OG  1 
ATOM   1229 N N   . ASP B 2 68 ? -2.962  -10.407 18.004  1.00 49.95 ? 68   ASP B N   1 
ATOM   1230 C CA  . ASP B 2 68 ? -1.905  -11.428 17.893  1.00 54.07 ? 68   ASP B CA  1 
ATOM   1231 C C   . ASP B 2 68 ? -1.495  -11.751 16.426  1.00 49.38 ? 68   ASP B C   1 
ATOM   1232 O O   . ASP B 2 68 ? -0.745  -12.695 16.129  1.00 50.95 ? 68   ASP B O   1 
ATOM   1233 C CB  . ASP B 2 68 ? -2.406  -12.704 18.567  1.00 48.07 ? 68   ASP B CB  1 
ATOM   1234 C CG  . ASP B 2 68 ? -3.541  -13.339 17.810  1.00 50.81 ? 68   ASP B CG  1 
ATOM   1235 O OD1 . ASP B 2 68 ? -4.242  -12.643 16.996  1.00 55.06 ? 68   ASP B OD1 1 
ATOM   1236 O OD2 . ASP B 2 68 ? -3.724  -14.551 18.027  1.00 59.45 ? 68   ASP B OD2 1 
ATOM   1237 N N   . GLY B 2 69 ? -2.049  -11.013 15.490  1.00 48.66 ? 69   GLY B N   1 
ATOM   1238 C CA  . GLY B 2 69 ? -1.693  -11.279 14.115  1.00 44.36 ? 69   GLY B CA  1 
ATOM   1239 C C   . GLY B 2 69 ? -2.347  -12.441 13.437  1.00 52.97 ? 69   GLY B C   1 
ATOM   1240 O O   . GLY B 2 69 ? -2.158  -12.595 12.202  1.00 53.02 ? 69   GLY B O   1 
ATOM   1241 N N   . GLN B 2 70 ? -3.133  -13.248 14.166  1.00 51.55 ? 70   GLN B N   1 
ATOM   1242 C CA  . GLN B 2 70 ? -3.739  -14.402 13.517  1.00 44.13 ? 70   GLN B CA  1 
ATOM   1243 C C   . GLN B 2 70 ? -4.517  -14.111 12.308  1.00 49.99 ? 70   GLN B C   1 
ATOM   1244 O O   . GLN B 2 70 ? -5.299  -13.142 12.247  1.00 46.85 ? 70   GLN B O   1 
ATOM   1245 C CB  . GLN B 2 70 ? -4.637  -15.186 14.421  1.00 51.40 ? 70   GLN B CB  1 
ATOM   1246 C CG  . GLN B 2 70 ? -3.878  -16.172 15.276  1.00 69.03 ? 70   GLN B CG  1 
ATOM   1247 C CD  . GLN B 2 70 ? -3.057  -17.178 14.491  1.00 62.32 ? 70   GLN B CD  1 
ATOM   1248 O OE1 . GLN B 2 70 ? -1.943  -17.506 14.894  1.00 75.84 ? 70   GLN B OE1 1 
ATOM   1249 N NE2 . GLN B 2 70 ? -3.602  -17.685 13.380  1.00 65.25 ? 70   GLN B NE2 1 
ATOM   1250 N N   . HIS B 2 71 ? -4.313  -14.997 11.339  1.00 49.93 ? 71   HIS B N   1 
ATOM   1251 C CA  . HIS B 2 71 ? -4.911  -14.891 10.041  1.00 46.31 ? 71   HIS B CA  1 
ATOM   1252 C C   . HIS B 2 71 ? -6.387  -15.200 10.146  1.00 48.09 ? 71   HIS B C   1 
ATOM   1253 O O   . HIS B 2 71 ? -6.776  -16.112 10.856  1.00 50.23 ? 71   HIS B O   1 
ATOM   1254 C CB  . HIS B 2 71 ? -4.207  -15.886 9.098   1.00 41.01 ? 71   HIS B CB  1 
ATOM   1255 C CG  . HIS B 2 71 ? -4.930  -16.104 7.808   1.00 39.86 ? 71   HIS B CG  1 
ATOM   1256 N ND1 . HIS B 2 71 ? -5.217  -15.072 6.922   1.00 51.47 ? 71   HIS B ND1 1 
ATOM   1257 C CD2 . HIS B 2 71 ? -5.418  -17.226 7.241   1.00 41.14 ? 71   HIS B CD2 1 
ATOM   1258 C CE1 . HIS B 2 71 ? -5.859  -15.568 5.866   1.00 50.00 ? 71   HIS B CE1 1 
ATOM   1259 N NE2 . HIS B 2 71 ? -5.988  -16.872 6.040   1.00 44.51 ? 71   HIS B NE2 1 
ATOM   1260 N N   . LEU B 2 72 ? -7.193  -14.489 9.380   1.00 47.79 ? 72   LEU B N   1 
ATOM   1261 C CA  . LEU B 2 72 ? -8.635  -14.606 9.450   1.00 49.34 ? 72   LEU B CA  1 
ATOM   1262 C C   . LEU B 2 72 ? -9.229  -15.060 8.115   1.00 57.54 ? 72   LEU B C   1 
ATOM   1263 O O   . LEU B 2 72 ? -10.454 -15.125 7.982   1.00 62.70 ? 72   LEU B O   1 
ATOM   1264 C CB  . LEU B 2 72 ? -9.250  -13.237 9.785   1.00 42.23 ? 72   LEU B CB  1 
ATOM   1265 C CG  . LEU B 2 72 ? -8.945  -12.577 11.111  1.00 45.58 ? 72   LEU B CG  1 
ATOM   1266 C CD1 . LEU B 2 72 ? -9.555  -11.183 11.210  1.00 43.15 ? 72   LEU B CD1 1 
ATOM   1267 C CD2 . LEU B 2 72 ? -9.518  -13.484 12.179  1.00 50.10 ? 72   LEU B CD2 1 
ATOM   1268 N N   . GLY B 2 73 ? -8.402  -15.276 7.098   1.00 53.89 ? 73   GLY B N   1 
ATOM   1269 C CA  . GLY B 2 73 ? -8.957  -15.477 5.764   1.00 51.91 ? 73   GLY B CA  1 
ATOM   1270 C C   . GLY B 2 73 ? -8.817  -14.289 4.811   1.00 49.18 ? 73   GLY B C   1 
ATOM   1271 O O   . GLY B 2 73 ? -8.169  -13.329 5.133   1.00 54.51 ? 73   GLY B O   1 
ATOM   1272 N N   . SER B 2 74 ? -9.406  -14.342 3.626   1.00 49.21 ? 74   SER B N   1 
ATOM   1273 C CA  . SER B 2 74 ? -9.314  -13.244 2.695   1.00 57.39 ? 74   SER B CA  1 
ATOM   1274 C C   . SER B 2 74 ? -10.681 -12.747 2.293   1.00 54.10 ? 74   SER B C   1 
ATOM   1275 O O   . SER B 2 74 ? -11.672 -13.379 2.575   1.00 55.48 ? 74   SER B O   1 
ATOM   1276 C CB  . SER B 2 74 ? -8.542  -13.652 1.452   1.00 54.34 ? 74   SER B CB  1 
ATOM   1277 O OG  . SER B 2 74 ? -9.197  -14.740 0.859   1.00 72.07 ? 74   SER B OG  1 
ATOM   1278 N N   . PHE B 2 75 ? -10.713 -11.576 1.681   1.00 46.23 ? 75   PHE B N   1 
ATOM   1279 C CA  . PHE B 2 75 ? -11.930 -10.894 1.431   1.00 44.95 ? 75   PHE B CA  1 
ATOM   1280 C C   . PHE B 2 75 ? -11.853 -10.201 0.101   1.00 53.37 ? 75   PHE B C   1 
ATOM   1281 O O   . PHE B 2 75 ? -10.783 -9.750  -0.368  1.00 55.71 ? 75   PHE B O   1 
ATOM   1282 C CB  . PHE B 2 75 ? -12.204 -9.910  2.562   1.00 41.64 ? 75   PHE B CB  1 
ATOM   1283 C CG  . PHE B 2 75 ? -12.126 -10.569 3.927   1.00 53.31 ? 75   PHE B CG  1 
ATOM   1284 C CD1 . PHE B 2 75 ? -10.883 -10.840 4.520   1.00 49.38 ? 75   PHE B CD1 1 
ATOM   1285 C CD2 . PHE B 2 75 ? -13.268 -11.066 4.549   1.00 52.22 ? 75   PHE B CD2 1 
ATOM   1286 C CE1 . PHE B 2 75 ? -10.764 -11.599 5.695   1.00 46.03 ? 75   PHE B CE1 1 
ATOM   1287 C CE2 . PHE B 2 75 ? -13.150 -11.831 5.735   1.00 52.49 ? 75   PHE B CE2 1 
ATOM   1288 C CZ  . PHE B 2 75 ? -11.888 -12.092 6.296   1.00 57.72 ? 75   PHE B CZ  1 
ATOM   1289 N N   . ASP B 2 76 ? -13.010 -10.145 -0.530  1.00 54.23 ? 76   ASP B N   1 
ATOM   1290 C CA  . ASP B 2 76 ? -13.125 -9.503  -1.806  1.00 58.94 ? 76   ASP B CA  1 
ATOM   1291 C C   . ASP B 2 76 ? -13.351 -8.054  -1.416  1.00 60.21 ? 76   ASP B C   1 
ATOM   1292 O O   . ASP B 2 76 ? -14.256 -7.744  -0.626  1.00 52.66 ? 76   ASP B O   1 
ATOM   1293 C CB  . ASP B 2 76 ? -14.339 -10.075 -2.534  1.00 63.45 ? 76   ASP B CB  1 
ATOM   1294 C CG  . ASP B 2 76 ? -14.670 -9.337  -3.808  1.00 67.03 ? 76   ASP B CG  1 
ATOM   1295 O OD1 . ASP B 2 76 ? -13.888 -8.455  -4.229  1.00 70.33 ? 76   ASP B OD1 1 
ATOM   1296 O OD2 . ASP B 2 76 ? -15.740 -9.650  -4.404  1.00 80.38 ? 76   ASP B OD2 1 
ATOM   1297 N N   . PRO B 2 77 ? -12.512 -7.154  -1.941  1.00 57.18 ? 77   PRO B N   1 
ATOM   1298 C CA  . PRO B 2 77 ? -12.591 -5.716  -1.669  1.00 59.86 ? 77   PRO B CA  1 
ATOM   1299 C C   . PRO B 2 77 ? -13.866 -5.052  -2.225  1.00 67.68 ? 77   PRO B C   1 
ATOM   1300 O O   . PRO B 2 77 ? -14.318 -3.979  -1.733  1.00 66.10 ? 77   PRO B O   1 
ATOM   1301 C CB  . PRO B 2 77 ? -11.294 -5.185  -2.304  1.00 53.71 ? 77   PRO B CB  1 
ATOM   1302 C CG  . PRO B 2 77 ? -11.118 -6.116  -3.465  1.00 49.46 ? 77   PRO B CG  1 
ATOM   1303 C CD  . PRO B 2 77 ? -11.337 -7.448  -2.771  1.00 50.21 ? 77   PRO B CD  1 
ATOM   1304 N N   . LYS B 2 78 ? -14.456 -5.680  -3.238  1.00 69.05 ? 78   LYS B N   1 
ATOM   1305 C CA  . LYS B 2 78 ? -15.655 -5.098  -3.830  1.00 73.99 ? 78   LYS B CA  1 
ATOM   1306 C C   . LYS B 2 78 ? -16.890 -5.316  -2.938  1.00 72.94 ? 78   LYS B C   1 
ATOM   1307 O O   . LYS B 2 78 ? -17.761 -4.437  -2.814  1.00 73.04 ? 78   LYS B O   1 
ATOM   1308 C CB  . LYS B 2 78 ? -15.867 -5.666  -5.237  1.00 74.35 ? 78   LYS B CB  1 
ATOM   1309 C CG  . LYS B 2 78 ? -15.078 -4.906  -6.295  1.00 77.77 ? 78   LYS B CG  1 
ATOM   1310 C CD  . LYS B 2 78 ? -15.098 -5.641  -7.609  1.00 78.61 ? 78   LYS B CD  1 
ATOM   1311 C CE  . LYS B 2 78 ? -13.701 -6.211  -7.876  1.00 91.50 ? 78   LYS B CE  1 
ATOM   1312 N NZ  . LYS B 2 78 ? -13.103 -7.011  -6.712  1.00 92.08 ? 78   LYS B NZ  1 
ATOM   1313 N N   . THR B 2 79 ? -16.922 -6.461  -2.270  1.00 70.05 ? 79   THR B N   1 
ATOM   1314 C CA  . THR B 2 79 ? -18.100 -6.888  -1.534  1.00 65.42 ? 79   THR B CA  1 
ATOM   1315 C C   . THR B 2 79 ? -17.792 -6.943  -0.066  1.00 64.86 ? 79   THR B C   1 
ATOM   1316 O O   . THR B 2 79 ? -18.621 -6.620  0.767   1.00 72.12 ? 79   THR B O   1 
ATOM   1317 C CB  . THR B 2 79 ? -18.518 -8.291  -1.962  1.00 68.18 ? 79   THR B CB  1 
ATOM   1318 O OG1 . THR B 2 79 ? -17.628 -9.268  -1.379  1.00 70.95 ? 79   THR B OG1 1 
ATOM   1319 C CG2 . THR B 2 79 ? -18.441 -8.400  -3.470  1.00 70.01 ? 79   THR B CG2 1 
ATOM   1320 N N   . GLY B 2 80 ? -16.592 -7.385  0.269   1.00 66.54 ? 80   GLY B N   1 
ATOM   1321 C CA  . GLY B 2 80 ? -16.273 -7.594  1.671   1.00 66.06 ? 80   GLY B CA  1 
ATOM   1322 C C   . GLY B 2 80 ? -16.534 -9.031  2.104   1.00 72.31 ? 80   GLY B C   1 
ATOM   1323 O O   . GLY B 2 80 ? -16.459 -9.343  3.314   1.00 68.53 ? 80   GLY B O   1 
ATOM   1324 N N   . ASN B 2 81 ? -16.835 -9.900  1.127   1.00 72.97 ? 81   ASN B N   1 
ATOM   1325 C CA  . ASN B 2 81 ? -17.189 -11.290 1.404   1.00 72.82 ? 81   ASN B CA  1 
ATOM   1326 C C   . ASN B 2 81 ? -15.962 -12.093 1.686   1.00 71.04 ? 81   ASN B C   1 
ATOM   1327 O O   . ASN B 2 81 ? -14.951 -11.937 0.992   1.00 70.57 ? 81   ASN B O   1 
ATOM   1328 C CB  . ASN B 2 81 ? -17.852 -11.939 0.204   1.00 79.85 ? 81   ASN B CB  1 
ATOM   1329 C CG  . ASN B 2 81 ? -19.123 -11.232 -0.221  1.00 88.42 ? 81   ASN B CG  1 
ATOM   1330 O OD1 . ASN B 2 81 ? -19.719 -10.429 0.539   1.00 87.93 ? 81   ASN B OD1 1 
ATOM   1331 N ND2 . ASN B 2 81 ? -19.564 -11.531 -1.449  1.00 84.56 ? 81   ASN B ND2 1 
ATOM   1332 N N   . GLN B 2 82 ? -16.058 -12.986 2.666   1.00 63.22 ? 82   GLN B N   1 
ATOM   1333 C CA  . GLN B 2 82 ? -14.966 -13.907 2.902   1.00 62.53 ? 82   GLN B CA  1 
ATOM   1334 C C   . GLN B 2 82 ? -14.774 -14.799 1.677   1.00 63.30 ? 82   GLN B C   1 
ATOM   1335 O O   . GLN B 2 82 ? -15.741 -15.239 1.094   1.00 75.79 ? 82   GLN B O   1 
ATOM   1336 C CB  . GLN B 2 82 ? -15.220 -14.721 4.155   1.00 46.93 ? 82   GLN B CB  1 
ATOM   1337 C CG  . GLN B 2 82 ? -14.097 -15.509 4.553   1.00 57.30 ? 82   GLN B CG  1 
ATOM   1338 C CD  . GLN B 2 82 ? -14.013 -15.679 6.043   1.00 67.66 ? 82   GLN B CD  1 
ATOM   1339 O OE1 . GLN B 2 82 ? -14.550 -14.878 6.798   1.00 79.87 ? 82   GLN B OE1 1 
ATOM   1340 N NE2 . GLN B 2 82 ? -13.302 -16.719 6.488   1.00 74.48 ? 82   GLN B NE2 1 
ATOM   1341 N N   . LEU B 2 83 ? -13.533 -14.997 1.250   1.00 65.11 ? 83   LEU B N   1 
ATOM   1342 C CA  . LEU B 2 83 ? -13.228 -15.855 0.113   1.00 62.31 ? 83   LEU B CA  1 
ATOM   1343 C C   . LEU B 2 83 ? -12.501 -17.098 0.601   1.00 63.10 ? 83   LEU B C   1 
ATOM   1344 O O   . LEU B 2 83 ? -12.980 -18.205 0.391   1.00 74.14 ? 83   LEU B O   1 
ATOM   1345 C CB  . LEU B 2 83 ? -12.359 -15.112 -0.907  1.00 59.77 ? 83   LEU B CB  1 
ATOM   1346 C CG  . LEU B 2 83 ? -12.981 -13.802 -1.425  1.00 60.27 ? 83   LEU B CG  1 
ATOM   1347 C CD1 . LEU B 2 83 ? -12.040 -13.057 -2.360  1.00 60.95 ? 83   LEU B CD1 1 
ATOM   1348 C CD2 . LEU B 2 83 ? -14.242 -14.119 -2.159  1.00 67.86 ? 83   LEU B CD2 1 
ATOM   1349 N N   . LYS B 2 84 ? -11.352 -16.959 1.253   1.00 61.70 ? 84   LYS B N   1 
ATOM   1350 C CA  . LYS B 2 84 ? -10.691 -18.119 1.882   1.00 56.66 ? 84   LYS B CA  1 
ATOM   1351 C C   . LYS B 2 84 ? -11.104 -18.019 3.352   1.00 56.46 ? 84   LYS B C   1 
ATOM   1352 O O   . LYS B 2 84 ? -11.631 -16.973 3.748   1.00 60.16 ? 84   LYS B O   1 
ATOM   1353 C CB  . LYS B 2 84 ? -9.146  -18.037 1.715   1.00 66.29 ? 84   LYS B CB  1 
ATOM   1354 C CG  . LYS B 2 84 ? -8.647  -18.094 0.212   1.00 73.11 ? 84   LYS B CG  1 
ATOM   1355 C CD  . LYS B 2 84 ? -7.122  -17.865 0.018   1.00 75.80 ? 84   LYS B CD  1 
ATOM   1356 C CE  . LYS B 2 84 ? -6.751  -17.645 -1.474  1.00 74.89 ? 84   LYS B CE  1 
ATOM   1357 N NZ  . LYS B 2 84 ? -5.242  -17.516 -1.670  1.00 75.43 ? 84   LYS B NZ  1 
ATOM   1358 N N   . GLY B 2 85 ? -10.906 -19.061 4.160   1.00 53.81 ? 85   GLY B N   1 
ATOM   1359 C CA  . GLY B 2 85 ? -11.153 -18.939 5.598   1.00 51.61 ? 85   GLY B CA  1 
ATOM   1360 C C   . GLY B 2 85 ? -9.851  -18.883 6.364   1.00 55.65 ? 85   GLY B C   1 
ATOM   1361 O O   . GLY B 2 85 ? -8.816  -18.908 5.729   1.00 63.93 ? 85   GLY B O   1 
ATOM   1362 N N   . PRO B 2 86 ? -9.834  -18.866 7.705   1.00 59.84 ? 86   PRO B N   1 
ATOM   1363 C CA  . PRO B 2 86 ? -8.557  -18.797 8.440   1.00 54.17 ? 86   PRO B CA  1 
ATOM   1364 C C   . PRO B 2 86 ? -7.634  -19.933 8.145   1.00 52.86 ? 86   PRO B C   1 
ATOM   1365 O O   . PRO B 2 86 ? -8.071  -21.046 7.940   1.00 61.63 ? 86   PRO B O   1 
ATOM   1366 C CB  . PRO B 2 86 ? -8.961  -18.826 9.926   1.00 56.74 ? 86   PRO B CB  1 
ATOM   1367 C CG  . PRO B 2 86 ? -10.424 -18.643 9.921   1.00 63.00 ? 86   PRO B CG  1 
ATOM   1368 C CD  . PRO B 2 86 ? -10.914 -19.266 8.618   1.00 56.36 ? 86   PRO B CD  1 
ATOM   1369 N N   . ASP B 2 87 ? -6.344  -19.636 8.150   1.00 57.71 ? 87   ASP B N   1 
ATOM   1370 C CA  . ASP B 2 87 ? -5.297  -20.628 8.059   1.00 57.62 ? 87   ASP B CA  1 
ATOM   1371 C C   . ASP B 2 87 ? -4.472  -20.485 9.334   1.00 55.55 ? 87   ASP B C   1 
ATOM   1372 O O   . ASP B 2 87 ? -3.743  -19.514 9.546   1.00 57.87 ? 87   ASP B O   1 
ATOM   1373 C CB  . ASP B 2 87 ? -4.495  -20.388 6.784   1.00 56.55 ? 87   ASP B CB  1 
ATOM   1374 C CG  . ASP B 2 87 ? -3.305  -21.325 6.635   1.00 60.51 ? 87   ASP B CG  1 
ATOM   1375 O OD1 . ASP B 2 87 ? -2.709  -21.789 7.671   1.00 61.01 ? 87   ASP B OD1 1 
ATOM   1376 O OD2 . ASP B 2 87 ? -2.958  -21.573 5.446   1.00 58.87 ? 87   ASP B OD2 1 
ATOM   1377 N N   . PRO B 2 88 ? -4.605  -21.459 10.223  1.00 56.11 ? 88   PRO B N   1 
ATOM   1378 C CA  . PRO B 2 88 ? -3.911  -21.505 11.524  1.00 56.66 ? 88   PRO B CA  1 
ATOM   1379 C C   . PRO B 2 88 ? -2.422  -21.373 11.399  1.00 53.14 ? 88   PRO B C   1 
ATOM   1380 O O   . PRO B 2 88 ? -1.742  -21.040 12.365  1.00 49.45 ? 88   PRO B O   1 
ATOM   1381 C CB  . PRO B 2 88 ? -4.304  -22.877 12.105  1.00 56.34 ? 88   PRO B CB  1 
ATOM   1382 C CG  . PRO B 2 88 ? -5.587  -23.196 11.403  1.00 59.08 ? 88   PRO B CG  1 
ATOM   1383 C CD  . PRO B 2 88 ? -5.376  -22.690 9.982   1.00 57.48 ? 88   PRO B CD  1 
ATOM   1384 N N   . LYS B 2 89 ? -1.887  -21.648 10.212  1.00 59.22 ? 89   LYS B N   1 
ATOM   1385 C CA  . LYS B 2 89 ? -0.432  -21.571 10.060  1.00 59.03 ? 89   LYS B CA  1 
ATOM   1386 C C   . LYS B 2 89 ? 0.091   -20.128 9.822   1.00 61.24 ? 89   LYS B C   1 
ATOM   1387 O O   . LYS B 2 89 ? 1.281   -19.813 10.074  1.00 60.15 ? 89   LYS B O   1 
ATOM   1388 C CB  . LYS B 2 89 ? -0.017  -22.522 8.960   1.00 58.28 ? 89   LYS B CB  1 
ATOM   1389 C CG  . LYS B 2 89 ? -0.371  -23.951 9.300   1.00 59.65 ? 89   LYS B CG  1 
ATOM   1390 C CD  . LYS B 2 89 ? 0.084   -24.987 8.273   1.00 66.97 ? 89   LYS B CD  1 
ATOM   1391 C CE  . LYS B 2 89 ? 1.592   -25.292 8.383   1.00 67.77 ? 89   LYS B CE  1 
ATOM   1392 N NZ  . LYS B 2 89 ? 1.938   -26.325 7.361   1.00 63.43 ? 89   LYS B NZ  1 
ATOM   1393 N N   . ARG B 2 90 ? -0.835  -19.258 9.418   1.00 56.01 ? 90   ARG B N   1 
ATOM   1394 C CA  . ARG B 2 90 ? -0.529  -17.924 8.940   1.00 56.42 ? 90   ARG B CA  1 
ATOM   1395 C C   . ARG B 2 90 ? -0.839  -16.839 9.946   1.00 61.10 ? 90   ARG B C   1 
ATOM   1396 O O   . ARG B 2 90 ? -1.976  -16.761 10.450  1.00 62.03 ? 90   ARG B O   1 
ATOM   1397 C CB  . ARG B 2 90 ? -1.344  -17.690 7.700   1.00 52.60 ? 90   ARG B CB  1 
ATOM   1398 C CG  . ARG B 2 90 ? -0.940  -18.738 6.713   1.00 61.19 ? 90   ARG B CG  1 
ATOM   1399 C CD  . ARG B 2 90 ? -1.195  -18.284 5.339   1.00 65.40 ? 90   ARG B CD  1 
ATOM   1400 N NE  . ARG B 2 90 ? -0.643  -16.954 5.139   1.00 66.33 ? 90   ARG B NE  1 
ATOM   1401 C CZ  . ARG B 2 90 ? -1.107  -16.083 4.240   1.00 71.38 ? 90   ARG B CZ  1 
ATOM   1402 N NH1 . ARG B 2 90 ? -2.147  -16.426 3.454   1.00 60.41 ? 90   ARG B NH1 1 
ATOM   1403 N NH2 . ARG B 2 90 ? -0.523  -14.871 4.119   1.00 62.16 ? 90   ARG B NH2 1 
ATOM   1404 N N   . ASN B 2 91 ? 0.147   -15.985 10.220  1.00 54.37 ? 91   ASN B N   1 
ATOM   1405 C CA  . ASN B 2 91 ? -0.113  -14.773 10.989  1.00 51.55 ? 91   ASN B CA  1 
ATOM   1406 C C   . ASN B 2 91 ? 0.834   -13.614 10.612  1.00 50.47 ? 91   ASN B C   1 
ATOM   1407 O O   . ASN B 2 91 ? 1.809   -13.862 9.914   1.00 49.90 ? 91   ASN B O   1 
ATOM   1408 C CB  . ASN B 2 91 ? 0.064   -15.095 12.460  1.00 43.12 ? 91   ASN B CB  1 
ATOM   1409 C CG  . ASN B 2 91 ? 1.528   -15.405 12.792  1.00 42.93 ? 91   ASN B CG  1 
ATOM   1410 O OD1 . ASN B 2 91 ? 2.354   -14.501 12.900  1.00 45.17 ? 91   ASN B OD1 1 
ATOM   1411 N ND2 . ASN B 2 91 ? 1.852   -16.675 12.922  1.00 49.84 ? 91   ASN B ND2 1 
ATOM   1412 N N   . ILE B 2 92 ? 0.592   -12.391 11.117  1.00 43.68 ? 92   ILE B N   1 
ATOM   1413 C CA  . ILE B 2 92 ? 1.519   -11.279 10.899  1.00 46.18 ? 92   ILE B CA  1 
ATOM   1414 C C   . ILE B 2 92 ? 2.101   -10.729 12.192  1.00 47.77 ? 92   ILE B C   1 
ATOM   1415 O O   . ILE B 2 92 ? 2.452   -9.545  12.291  1.00 44.22 ? 92   ILE B O   1 
ATOM   1416 C CB  . ILE B 2 92 ? 0.877   -10.110 10.073  1.00 42.25 ? 92   ILE B CB  1 
ATOM   1417 C CG1 . ILE B 2 92 ? -0.426  -9.582  10.721  1.00 47.24 ? 92   ILE B CG1 1 
ATOM   1418 C CG2 . ILE B 2 92 ? 0.484   -10.610 8.709   1.00 40.47 ? 92   ILE B CG2 1 
ATOM   1419 C CD1 . ILE B 2 92 ? -1.012  -8.225  9.954   1.00 35.60 ? 92   ILE B CD1 1 
ATOM   1420 N N   . LYS B 2 93 ? 2.225   -11.612 13.185  1.00 48.66 ? 93   LYS B N   1 
ATOM   1421 C CA  . LYS B 2 93 ? 2.592   -11.178 14.524  1.00 50.13 ? 93   LYS B CA  1 
ATOM   1422 C C   . LYS B 2 93 ? 3.936   -10.434 14.617  1.00 46.36 ? 93   LYS B C   1 
ATOM   1423 O O   . LYS B 2 93 ? 4.131   -9.534  15.476  1.00 52.97 ? 93   LYS B O   1 
ATOM   1424 C CB  . LYS B 2 93 ? 2.569   -12.392 15.471  1.00 52.31 ? 93   LYS B CB  1 
ATOM   1425 C CG  . LYS B 2 93 ? 2.646   -12.023 16.989  1.00 57.47 ? 93   LYS B CG  1 
ATOM   1426 C CD  . LYS B 2 93 ? 2.927   -13.292 17.800  1.00 71.26 ? 93   LYS B CD  1 
ATOM   1427 C CE  . LYS B 2 93 ? 3.325   -13.031 19.273  1.00 79.65 ? 93   LYS B CE  1 
ATOM   1428 N NZ  . LYS B 2 93 ? 3.720   -14.353 19.963  1.00 84.61 ? 93   LYS B NZ  1 
ATOM   1429 N N   . LYS B 2 94 ? 4.875   -10.791 13.760  1.00 51.96 ? 94   LYS B N   1 
ATOM   1430 C CA  . LYS B 2 94 ? 6.173   -10.078 13.736  1.00 55.43 ? 94   LYS B CA  1 
ATOM   1431 C C   . LYS B 2 94 ? 6.076   -8.719  12.994  1.00 54.88 ? 94   LYS B C   1 
ATOM   1432 O O   . LYS B 2 94 ? 6.906   -7.851  13.217  1.00 58.60 ? 94   LYS B O   1 
ATOM   1433 C CB  . LYS B 2 94 ? 7.267   -10.958 13.080  1.00 62.76 ? 94   LYS B CB  1 
ATOM   1434 C CG  . LYS B 2 94 ? 6.932   -11.391 11.628  1.00 71.84 ? 94   LYS B CG  1 
ATOM   1435 C CD  . LYS B 2 94 ? 7.943   -12.404 10.973  1.00 76.13 ? 94   LYS B CD  1 
ATOM   1436 C CE  . LYS B 2 94 ? 9.319   -11.788 10.524  1.00 74.36 ? 94   LYS B CE  1 
ATOM   1437 N NZ  . LYS B 2 94 ? 10.172  -12.827 9.739   1.00 67.17 ? 94   LYS B NZ  1 
ATOM   1438 N N   . TYR B 2 95 ? 5.051   -8.536  12.148  1.00 46.03 ? 95   TYR B N   1 
ATOM   1439 C CA  . TYR B 2 95 ? 4.786   -7.273  11.456  1.00 42.42 ? 95   TYR B CA  1 
ATOM   1440 C C   . TYR B 2 95 ? 3.746   -6.319  12.036  1.00 49.51 ? 95   TYR B C   1 
ATOM   1441 O O   . TYR B 2 95 ? 3.314   -5.405  11.339  1.00 47.40 ? 95   TYR B O   1 
ATOM   1442 C CB  . TYR B 2 95 ? 4.431   -7.596  10.027  1.00 37.77 ? 95   TYR B CB  1 
ATOM   1443 C CG  . TYR B 2 95 ? 5.489   -8.501  9.457   1.00 54.54 ? 95   TYR B CG  1 
ATOM   1444 C CD1 . TYR B 2 95 ? 6.876   -8.193  9.596   1.00 58.46 ? 95   TYR B CD1 1 
ATOM   1445 C CD2 . TYR B 2 95 ? 5.142   -9.659  8.804   1.00 55.65 ? 95   TYR B CD2 1 
ATOM   1446 C CE1 . TYR B 2 95 ? 7.874   -9.051  9.082   1.00 58.42 ? 95   TYR B CE1 1 
ATOM   1447 C CE2 . TYR B 2 95 ? 6.129   -10.521 8.288   1.00 67.44 ? 95   TYR B CE2 1 
ATOM   1448 C CZ  . TYR B 2 95 ? 7.491   -10.208 8.434   1.00 62.07 ? 95   TYR B CZ  1 
ATOM   1449 O OH  . TYR B 2 95 ? 8.410   -11.090 7.898   1.00 68.65 ? 95   TYR B OH  1 
ATOM   1450 N N   . LEU B 2 96 ? 3.322   -6.524  13.284  1.00 46.38 ? 96   LEU B N   1 
ATOM   1451 C CA  . LEU B 2 96 ? 2.282   -5.664  13.837  1.00 48.65 ? 96   LEU B CA  1 
ATOM   1452 C C   . LEU B 2 96 ? 2.890   -4.305  14.148  1.00 54.98 ? 96   LEU B C   1 
ATOM   1453 O O   . LEU B 2 96 ? 4.140   -4.304  14.186  1.00 62.35 ? 96   LEU B O   1 
ATOM   1454 C CB  . LEU B 2 96 ? 1.682   -6.295  15.110  1.00 40.09 ? 96   LEU B CB  1 
ATOM   1455 C CG  . LEU B 2 96 ? 0.843   -7.558  14.873  1.00 45.46 ? 96   LEU B CG  1 
ATOM   1456 C CD1 . LEU B 2 96 ? 0.370   -8.177  16.187  1.00 33.11 ? 96   LEU B CD1 1 
ATOM   1457 C CD2 . LEU B 2 96 ? -0.332  -7.190  14.020  1.00 40.52 ? 96   LEU B CD2 1 
ATOM   1458 O OXT . LEU B 2 96 ? 2.158   -3.276  14.347  1.00 56.89 ? 96   LEU B OXT 1 
HETATM 1459 C C1  . EDO C 3 .  ? -3.553  2.096   1.586   1.00 48.55 ? 401  EDO B C1  1 
HETATM 1460 O O1  . EDO C 3 .  ? -2.082  2.275   2.221   1.00 45.30 ? 401  EDO B O1  1 
HETATM 1461 C C2  . EDO C 3 .  ? -4.356  3.169   0.778   1.00 52.88 ? 401  EDO B C2  1 
HETATM 1462 O O2  . EDO C 3 .  ? -3.640  3.449   -0.226  1.00 44.71 ? 401  EDO B O2  1 
HETATM 1463 O O   . HOH D 4 .  ? -5.942  9.147   -14.453 1.00 54.96 ? 2001 HOH A O   1 
HETATM 1464 O O   . HOH D 4 .  ? -3.476  17.059  4.674   1.00 69.36 ? 2002 HOH A O   1 
HETATM 1465 O O   . HOH D 4 .  ? 1.734   4.590   0.259   1.00 42.70 ? 2003 HOH A O   1 
HETATM 1466 O O   . HOH D 4 .  ? 16.782  1.955   -10.827 1.00 68.17 ? 2004 HOH A O   1 
HETATM 1467 O O   . HOH D 4 .  ? -1.184  16.341  7.298   1.00 68.18 ? 2005 HOH A O   1 
HETATM 1468 O O   . HOH D 4 .  ? -7.197  11.129  3.602   1.00 69.88 ? 2006 HOH A O   1 
HETATM 1469 O O   . HOH D 4 .  ? -8.418  9.942   -4.060  1.00 63.37 ? 2007 HOH A O   1 
HETATM 1470 O O   . HOH D 4 .  ? -9.021  7.979   3.269   1.00 65.19 ? 2008 HOH A O   1 
HETATM 1471 O O   . HOH D 4 .  ? 0.143   12.756  17.670  1.00 89.33 ? 2009 HOH A O   1 
HETATM 1472 O O   . HOH D 4 .  ? 2.959   13.877  13.857  1.00 85.51 ? 2010 HOH A O   1 
HETATM 1473 O O   . HOH D 4 .  ? 10.909  13.528  14.715  1.00 56.05 ? 2011 HOH A O   1 
HETATM 1474 O O   . HOH D 4 .  ? 4.879   13.229  16.135  1.00 73.31 ? 2012 HOH A O   1 
HETATM 1475 O O   . HOH D 4 .  ? -1.719  11.105  16.365  1.00 41.16 ? 2013 HOH A O   1 
HETATM 1476 O O   . HOH D 4 .  ? -0.440  2.760   11.557  1.00 43.96 ? 2014 HOH A O   1 
HETATM 1477 O O   . HOH D 4 .  ? 3.019   -0.765  16.317  1.00 59.70 ? 2015 HOH A O   1 
HETATM 1478 O O   . HOH D 4 .  ? 1.142   0.856   13.004  1.00 49.86 ? 2016 HOH A O   1 
HETATM 1479 O O   . HOH D 4 .  ? 16.131  -0.694  -12.793 1.00 64.81 ? 2017 HOH A O   1 
HETATM 1480 O O   . HOH D 4 .  ? 15.933  -4.934  -11.372 1.00 61.22 ? 2018 HOH A O   1 
HETATM 1481 O O   . HOH D 4 .  ? 10.618  -11.436 -15.922 1.00 77.13 ? 2019 HOH A O   1 
HETATM 1482 O O   . HOH D 4 .  ? -4.921  5.341   12.193  1.00 45.04 ? 2020 HOH A O   1 
HETATM 1483 O O   . HOH D 4 .  ? 14.766  3.077   3.747   1.00 54.40 ? 2021 HOH A O   1 
HETATM 1484 O O   . HOH D 4 .  ? -5.485  13.078  2.863   1.00 55.43 ? 2022 HOH A O   1 
HETATM 1485 O O   . HOH D 4 .  ? -5.304  14.886  0.848   1.00 75.14 ? 2023 HOH A O   1 
HETATM 1486 O O   . HOH D 4 .  ? -6.327  11.643  -1.719  1.00 79.85 ? 2024 HOH A O   1 
HETATM 1487 O O   . HOH D 4 .  ? -7.049  9.310   -0.614  1.00 57.27 ? 2025 HOH A O   1 
HETATM 1488 O O   . HOH D 4 .  ? -7.166  6.223   2.664   1.00 74.46 ? 2026 HOH A O   1 
HETATM 1489 O O   . HOH D 4 .  ? -3.001  15.940  0.147   1.00 50.28 ? 2027 HOH A O   1 
HETATM 1490 O O   . HOH D 4 .  ? -6.551  4.844   -1.474  1.00 46.02 ? 2028 HOH A O   1 
HETATM 1491 O O   . HOH D 4 .  ? -5.451  12.280  -4.248  1.00 53.87 ? 2029 HOH A O   1 
HETATM 1492 O O   . HOH D 4 .  ? 2.532   20.575  -10.562 1.00 65.58 ? 2030 HOH A O   1 
HETATM 1493 O O   . HOH D 4 .  ? -4.381  11.792  -9.221  1.00 55.64 ? 2031 HOH A O   1 
HETATM 1494 O O   . HOH D 4 .  ? 1.314   14.954  -9.561  1.00 61.12 ? 2032 HOH A O   1 
HETATM 1495 O O   . HOH D 4 .  ? 13.179  17.369  3.661   1.00 69.84 ? 2033 HOH A O   1 
HETATM 1496 O O   . HOH D 4 .  ? 0.779   11.432  -18.629 1.00 62.29 ? 2034 HOH A O   1 
HETATM 1497 O O   . HOH D 4 .  ? 12.453  6.991   7.020   1.00 65.80 ? 2035 HOH A O   1 
HETATM 1498 O O   . HOH D 4 .  ? -1.462  4.187   -19.601 1.00 70.93 ? 2036 HOH A O   1 
HETATM 1499 O O   . HOH D 4 .  ? -12.196 -2.532  -5.542  1.00 63.51 ? 2037 HOH A O   1 
HETATM 1500 O O   . HOH D 4 .  ? 9.031   4.051   -18.707 1.00 70.33 ? 2038 HOH A O   1 
HETATM 1501 O O   . HOH D 4 .  ? 8.263   8.981   -14.575 1.00 63.50 ? 2039 HOH A O   1 
HETATM 1502 O O   . HOH D 4 .  ? 11.453  5.062   -18.218 1.00 65.52 ? 2040 HOH A O   1 
HETATM 1503 O O   . HOH D 4 .  ? 17.829  8.421   -5.291  1.00 58.27 ? 2041 HOH A O   1 
HETATM 1504 O O   . HOH D 4 .  ? 17.244  4.361   -3.547  1.00 73.05 ? 2042 HOH A O   1 
HETATM 1505 O O   . HOH D 4 .  ? 13.823  -3.311  -13.710 1.00 63.19 ? 2043 HOH A O   1 
HETATM 1506 O O   . HOH D 4 .  ? 13.262  -5.284  -7.410  1.00 57.96 ? 2044 HOH A O   1 
HETATM 1507 O O   . HOH D 4 .  ? 13.260  -10.665 -15.085 1.00 62.92 ? 2045 HOH A O   1 
HETATM 1508 O O   . HOH D 4 .  ? 13.034  -8.465  -7.282  1.00 53.96 ? 2046 HOH A O   1 
HETATM 1509 O O   . HOH D 4 .  ? 4.471   -0.362  -5.665  1.00 42.33 ? 2047 HOH A O   1 
HETATM 1510 O O   . HOH D 4 .  ? 13.512  -3.475  -5.440  1.00 68.45 ? 2048 HOH A O   1 
HETATM 1511 O O   . HOH D 4 .  ? 6.271   -4.476  -11.103 1.00 57.54 ? 2049 HOH A O   1 
HETATM 1512 O O   . HOH D 4 .  ? 8.017   -4.934  -3.646  1.00 49.05 ? 2050 HOH A O   1 
HETATM 1513 O O   . HOH D 4 .  ? 2.954   -6.864  -1.867  1.00 53.30 ? 2051 HOH A O   1 
HETATM 1514 O O   . HOH D 4 .  ? 0.569   -2.185  -3.908  1.00 45.78 ? 2052 HOH A O   1 
HETATM 1515 O O   . HOH D 4 .  ? 13.410  3.327   0.765   1.00 48.03 ? 2053 HOH A O   1 
HETATM 1516 O O   . HOH D 4 .  ? 11.327  0.922   8.463   1.00 66.20 ? 2054 HOH A O   1 
HETATM 1517 O O   . HOH D 4 .  ? 11.527  0.959   1.873   1.00 48.00 ? 2055 HOH A O   1 
HETATM 1518 O O   . HOH D 4 .  ? 9.455   9.195   5.997   1.00 39.63 ? 2056 HOH A O   1 
HETATM 1519 O O   . HOH D 4 .  ? 18.072  6.855   -3.175  1.00 83.54 ? 2057 HOH A O   1 
HETATM 1520 O O   . HOH D 4 .  ? 9.562   20.678  -4.903  1.00 56.53 ? 2058 HOH A O   1 
HETATM 1521 O O   . HOH D 4 .  ? 2.728   18.968  -8.387  1.00 80.85 ? 2059 HOH A O   1 
HETATM 1522 O O   . HOH D 4 .  ? 6.709   14.178  -14.963 1.00 67.87 ? 2060 HOH A O   1 
HETATM 1523 O O   . HOH D 4 .  ? 1.773   20.247  -6.132  1.00 98.75 ? 2061 HOH A O   1 
HETATM 1524 O O   . HOH D 4 .  ? 4.468   21.233  -5.146  1.00 55.67 ? 2062 HOH A O   1 
HETATM 1525 O O   . HOH D 4 .  ? 0.470   23.523  -1.985  1.00 54.21 ? 2063 HOH A O   1 
HETATM 1526 O O   . HOH D 4 .  ? -2.012  18.214  2.758   1.00 50.98 ? 2064 HOH A O   1 
HETATM 1527 O O   . HOH D 4 .  ? 1.020   20.851  3.297   1.00 43.89 ? 2065 HOH A O   1 
HETATM 1528 O O   . HOH D 4 .  ? 8.775   21.000  5.243   1.00 48.22 ? 2066 HOH A O   1 
HETATM 1529 O O   . HOH D 4 .  ? 10.758  16.739  4.684   1.00 50.33 ? 2067 HOH A O   1 
HETATM 1530 O O   . HOH D 4 .  ? 2.210   19.654  12.671  1.00 76.05 ? 2068 HOH A O   1 
HETATM 1531 O O   . HOH D 4 .  ? 1.779   17.341  9.110   1.00 60.16 ? 2069 HOH A O   1 
HETATM 1532 O O   . HOH D 4 .  ? 9.959   10.218  8.433   1.00 48.02 ? 2070 HOH A O   1 
HETATM 1533 O O   . HOH D 4 .  ? 6.672   3.513   13.315  1.00 54.72 ? 2071 HOH A O   1 
HETATM 1534 O O   . HOH D 4 .  ? 7.793   2.005   10.066  1.00 49.35 ? 2072 HOH A O   1 
HETATM 1535 O O   . HOH D 4 .  ? 9.014   6.116   6.230   1.00 47.80 ? 2073 HOH A O   1 
HETATM 1536 O O   . HOH D 4 .  ? 1.852   -0.358  -5.820  1.00 43.19 ? 2074 HOH A O   1 
HETATM 1537 O O   . HOH D 4 .  ? -4.129  3.151   -5.024  1.00 37.86 ? 2075 HOH A O   1 
HETATM 1538 O O   . HOH D 4 .  ? -2.452  -2.785  -13.621 1.00 84.74 ? 2076 HOH A O   1 
HETATM 1539 O O   . HOH D 4 .  ? -8.754  -3.844  -7.184  1.00 60.32 ? 2077 HOH A O   1 
HETATM 1540 O O   . HOH D 4 .  ? -10.394 -1.651  -7.248  1.00 92.45 ? 2078 HOH A O   1 
HETATM 1541 O O   . HOH D 4 .  ? -4.584  -2.455  -15.028 1.00 63.15 ? 2079 HOH A O   1 
HETATM 1542 O O   . HOH D 4 .  ? -9.280  2.539   -15.304 1.00 66.58 ? 2080 HOH A O   1 
HETATM 1543 O O   . HOH D 4 .  ? -7.662  1.186   -21.170 1.00 66.19 ? 2081 HOH A O   1 
HETATM 1544 O O   . HOH D 4 .  ? -10.892 9.734   -12.552 1.00 80.26 ? 2082 HOH A O   1 
HETATM 1545 O O   . HOH D 4 .  ? -10.450 4.909   -9.367  1.00 71.34 ? 2083 HOH A O   1 
HETATM 1546 O O   . HOH E 4 .  ? 10.030  -5.775  -20.566 1.00 63.38 ? 2001 HOH B O   1 
HETATM 1547 O O   . HOH E 4 .  ? 8.462   -6.261  -18.578 1.00 94.59 ? 2002 HOH B O   1 
HETATM 1548 O O   . HOH E 4 .  ? 11.609  -3.637  -20.320 1.00 86.21 ? 2003 HOH B O   1 
HETATM 1549 O O   . HOH E 4 .  ? 11.468  -5.452  -23.445 1.00 71.21 ? 2004 HOH B O   1 
HETATM 1550 O O   . HOH E 4 .  ? 8.407   -7.951  -16.637 1.00 62.52 ? 2005 HOH B O   1 
HETATM 1551 O O   . HOH E 4 .  ? -0.364  1.778   -22.222 1.00 65.55 ? 2006 HOH B O   1 
HETATM 1552 O O   . HOH E 4 .  ? 5.727   -9.036  -20.057 1.00 63.23 ? 2007 HOH B O   1 
HETATM 1553 O O   . HOH E 4 .  ? 12.789  -8.376  -15.682 1.00 59.83 ? 2008 HOH B O   1 
HETATM 1554 O O   . HOH E 4 .  ? -1.776  -9.508  -12.596 1.00 59.87 ? 2009 HOH B O   1 
HETATM 1555 O O   . HOH E 4 .  ? 3.186   -8.661  -17.167 1.00 52.99 ? 2010 HOH B O   1 
HETATM 1556 O O   . HOH E 4 .  ? 8.221   -7.275  -12.130 1.00 55.24 ? 2011 HOH B O   1 
HETATM 1557 O O   . HOH E 4 .  ? -2.283  -5.363  -13.379 1.00 55.74 ? 2012 HOH B O   1 
HETATM 1558 O O   . HOH E 4 .  ? 2.173   -4.942  -11.573 1.00 56.96 ? 2013 HOH B O   1 
HETATM 1559 O O   . HOH E 4 .  ? -6.623  -6.465  -11.622 1.00 65.04 ? 2014 HOH B O   1 
HETATM 1560 O O   . HOH E 4 .  ? -0.874  -3.816  -5.403  1.00 51.16 ? 2015 HOH B O   1 
HETATM 1561 O O   . HOH E 4 .  ? -4.098  -7.554  -13.182 1.00 72.11 ? 2016 HOH B O   1 
HETATM 1562 O O   . HOH E 4 .  ? -12.335 5.930   2.733   1.00 58.30 ? 2017 HOH B O   1 
HETATM 1563 O O   . HOH E 4 .  ? -6.922  13.669  10.565  1.00 78.93 ? 2018 HOH B O   1 
HETATM 1564 O O   . HOH E 4 .  ? -2.048  -0.985  11.360  1.00 73.22 ? 2019 HOH B O   1 
HETATM 1565 O O   . HOH E 4 .  ? -1.628  -0.659  -6.534  1.00 47.04 ? 2020 HOH B O   1 
HETATM 1566 O O   . HOH E 4 .  ? -4.317  1.147   -7.052  1.00 57.00 ? 2021 HOH B O   1 
HETATM 1567 O O   . HOH E 4 .  ? -6.704  8.913   -8.217  1.00 54.78 ? 2022 HOH B O   1 
HETATM 1568 O O   . HOH E 4 .  ? -3.024  1.676   12.339  1.00 48.09 ? 2023 HOH B O   1 
HETATM 1569 O O   . HOH E 4 .  ? -17.115 2.605   1.592   1.00 83.28 ? 2024 HOH B O   1 
HETATM 1570 O O   . HOH E 4 .  ? -9.314  6.171   -1.328  1.00 53.31 ? 2025 HOH B O   1 
HETATM 1571 O O   . HOH E 4 .  ? -10.313 0.846   -6.280  1.00 54.79 ? 2026 HOH B O   1 
HETATM 1572 O O   . HOH E 4 .  ? -1.937  -1.781  14.016  1.00 58.45 ? 2027 HOH B O   1 
HETATM 1573 O O   . HOH E 4 .  ? -17.969 4.834   -3.619  1.00 83.80 ? 2028 HOH B O   1 
HETATM 1574 O O   . HOH E 4 .  ? -18.892 -1.622  4.929   1.00 62.77 ? 2029 HOH B O   1 
HETATM 1575 O O   . HOH E 4 .  ? -15.451 -1.905  4.268   1.00 62.98 ? 2030 HOH B O   1 
HETATM 1576 O O   . HOH E 4 .  ? -13.481 -4.529  9.818   1.00 62.43 ? 2031 HOH B O   1 
HETATM 1577 O O   . HOH E 4 .  ? -11.537 2.543   10.767  1.00 69.83 ? 2032 HOH B O   1 
HETATM 1578 O O   . HOH E 4 .  ? -14.234 -1.083  10.411  1.00 57.37 ? 2033 HOH B O   1 
HETATM 1579 O O   . HOH E 4 .  ? -13.580 3.164   4.585   1.00 49.51 ? 2034 HOH B O   1 
HETATM 1580 O O   . HOH E 4 .  ? -9.741  8.572   6.901   1.00 65.73 ? 2035 HOH B O   1 
HETATM 1581 O O   . HOH E 4 .  ? -7.744  11.325  9.065   1.00 65.62 ? 2036 HOH B O   1 
HETATM 1582 O O   . HOH E 4 .  ? -6.478  8.266   11.858  1.00 73.48 ? 2037 HOH B O   1 
HETATM 1583 O O   . HOH E 4 .  ? -0.506  0.934   4.180   1.00 42.26 ? 2038 HOH B O   1 
HETATM 1584 O O   . HOH E 4 .  ? 0.539   -0.727  11.054  1.00 39.99 ? 2039 HOH B O   1 
HETATM 1585 O O   . HOH E 4 .  ? 8.814   -2.825  8.999   1.00 53.47 ? 2040 HOH B O   1 
HETATM 1586 O O   . HOH E 4 .  ? 2.427   -4.474  5.647   1.00 44.24 ? 2041 HOH B O   1 
HETATM 1587 O O   . HOH E 4 .  ? 2.839   -9.973  -4.121  1.00 77.34 ? 2042 HOH B O   1 
HETATM 1588 O O   . HOH E 4 .  ? 12.512  -8.978  2.934   1.00 57.64 ? 2043 HOH B O   1 
HETATM 1589 O O   . HOH E 4 .  ? 13.918  -8.575  -0.878  1.00 93.03 ? 2044 HOH B O   1 
HETATM 1590 O O   . HOH E 4 .  ? 6.985   -10.365 -5.093  1.00 56.53 ? 2045 HOH B O   1 
HETATM 1591 O O   . HOH E 4 .  ? 8.128   -12.112 -3.179  1.00 49.28 ? 2046 HOH B O   1 
HETATM 1592 O O   . HOH E 4 .  ? 13.775  -6.206  -0.022  1.00 65.94 ? 2047 HOH B O   1 
HETATM 1593 O O   . HOH E 4 .  ? 13.733  -8.447  -3.695  1.00 84.03 ? 2048 HOH B O   1 
HETATM 1594 O O   . HOH E 4 .  ? 9.955   -1.169  2.119   1.00 71.83 ? 2049 HOH B O   1 
HETATM 1595 O O   . HOH E 4 .  ? 9.717   -6.171  0.416   1.00 58.06 ? 2050 HOH B O   1 
HETATM 1596 O O   . HOH E 4 .  ? 5.335   -6.135  -0.745  1.00 59.10 ? 2051 HOH B O   1 
HETATM 1597 O O   . HOH E 4 .  ? 7.610   0.054   8.028   1.00 48.78 ? 2052 HOH B O   1 
HETATM 1598 O O   . HOH E 4 .  ? 1.426   -11.149 0.059   1.00 58.11 ? 2053 HOH B O   1 
HETATM 1599 O O   . HOH E 4 .  ? -4.295  1.631   -2.485  1.00 41.37 ? 2054 HOH B O   1 
HETATM 1600 O O   . HOH E 4 .  ? 0.452   -3.414  -1.236  1.00 46.63 ? 2055 HOH B O   1 
HETATM 1601 O O   . HOH E 4 .  ? -4.952  2.758   10.668  1.00 45.50 ? 2056 HOH B O   1 
HETATM 1602 O O   . HOH E 4 .  ? -9.637  1.262   12.188  1.00 63.57 ? 2057 HOH B O   1 
HETATM 1603 O O   . HOH E 4 .  ? -18.169 4.301   16.479  1.00 50.07 ? 2058 HOH B O   1 
HETATM 1604 O O   . HOH E 4 .  ? -13.433 1.249   12.817  1.00 63.34 ? 2059 HOH B O   1 
HETATM 1605 O O   . HOH E 4 .  ? -4.277  -1.679  15.605  1.00 55.22 ? 2060 HOH B O   1 
HETATM 1606 O O   . HOH E 4 .  ? -7.480  -7.279  17.574  1.00 54.63 ? 2061 HOH B O   1 
HETATM 1607 O O   . HOH E 4 .  ? -15.698 -5.927  10.997  1.00 64.44 ? 2062 HOH B O   1 
HETATM 1608 O O   . HOH E 4 .  ? -14.136 -9.186  8.811   1.00 60.73 ? 2063 HOH B O   1 
HETATM 1609 O O   . HOH E 4 .  ? 0.470   -6.006  -2.186  1.00 89.92 ? 2064 HOH B O   1 
HETATM 1610 O O   . HOH E 4 .  ? 1.225   -9.058  -2.009  1.00 64.78 ? 2065 HOH B O   1 
HETATM 1611 O O   . HOH E 4 .  ? 5.968   -15.395 -7.140  1.00 65.69 ? 2066 HOH B O   1 
HETATM 1612 O O   . HOH E 4 .  ? -2.798  -15.062 -10.148 1.00 65.91 ? 2067 HOH B O   1 
HETATM 1613 O O   . HOH E 4 .  ? -1.217  -12.870 -10.431 1.00 68.46 ? 2068 HOH B O   1 
HETATM 1614 O O   . HOH E 4 .  ? -8.753  -11.190 -8.255  1.00 70.34 ? 2069 HOH B O   1 
HETATM 1615 O O   . HOH E 4 .  ? -9.391  -14.035 -5.378  1.00 67.41 ? 2070 HOH B O   1 
HETATM 1616 O O   . HOH E 4 .  ? -6.299  -15.577 2.728   1.00 78.31 ? 2071 HOH B O   1 
HETATM 1617 O O   . HOH E 4 .  ? -10.876 -12.871 15.990  1.00 63.25 ? 2072 HOH B O   1 
HETATM 1618 O O   . HOH E 4 .  ? -5.240  -17.921 11.639  1.00 59.63 ? 2073 HOH B O   1 
HETATM 1619 O O   . HOH E 4 .  ? -12.529 -15.626 10.293  1.00 53.13 ? 2074 HOH B O   1 
HETATM 1620 O O   . HOH E 4 .  ? -17.574 -2.648  -4.796  1.00 69.68 ? 2075 HOH B O   1 
HETATM 1621 O O   . HOH E 4 .  ? -17.451 -9.200  5.785   1.00 76.74 ? 2076 HOH B O   1 
HETATM 1622 O O   . HOH E 4 .  ? -17.978 -14.265 -1.039  1.00 71.64 ? 2077 HOH B O   1 
HETATM 1623 O O   . HOH E 4 .  ? -17.634 -11.308 -3.297  1.00 83.72 ? 2078 HOH B O   1 
HETATM 1624 O O   . HOH E 4 .  ? -6.542  -16.879 -4.988  1.00 58.12 ? 2079 HOH B O   1 
HETATM 1625 O O   . HOH E 4 .  ? -6.647  -19.962 4.456   1.00 82.19 ? 2080 HOH B O   1 
HETATM 1626 O O   . HOH E 4 .  ? -2.184  -23.902 4.229   1.00 58.85 ? 2081 HOH B O   1 
HETATM 1627 O O   . HOH E 4 .  ? -2.415  -20.962 15.167  1.00 60.96 ? 2082 HOH B O   1 
HETATM 1628 O O   . HOH E 4 .  ? -0.234  -18.849 12.855  1.00 56.99 ? 2083 HOH B O   1 
HETATM 1629 O O   . HOH E 4 .  ? 4.822   -14.023 12.428  1.00 61.65 ? 2084 HOH B O   1 
HETATM 1630 O O   . HOH E 4 .  ? 4.056   -8.055  18.289  1.00 66.37 ? 2085 HOH B O   1 
HETATM 1631 O O   . HOH E 4 .  ? 7.303   -4.531  12.669  1.00 78.02 ? 2086 HOH B O   1 
HETATM 1632 O O   . HOH E 4 .  ? -0.576  3.086   -0.017  1.00 38.17 ? 2087 HOH B O   1 
HETATM 1633 O O   . HOH E 4 .  ? 0.854   3.016   2.900   1.00 38.31 ? 2088 HOH B O   1 
# 
